data_7Q9Q
# 
_entry.id   7Q9Q 
# 
_audit_conform.dict_name       mmcif_pdbx.dic 
_audit_conform.dict_version    5.384 
_audit_conform.dict_location   http://mmcif.pdb.org/dictionaries/ascii/mmcif_pdbx.dic 
# 
loop_
_database_2.database_id 
_database_2.database_code 
_database_2.pdbx_database_accession 
_database_2.pdbx_DOI 
PDB   7Q9Q         pdb_00007q9q 10.2210/pdb7q9q/pdb 
WWPDB D_1292105580 ?            ?                   
# 
loop_
_pdbx_audit_revision_history.ordinal 
_pdbx_audit_revision_history.data_content_type 
_pdbx_audit_revision_history.major_revision 
_pdbx_audit_revision_history.minor_revision 
_pdbx_audit_revision_history.revision_date 
1 'Structure model' 1 0 2022-01-19 
2 'Structure model' 1 1 2022-06-01 
3 'Structure model' 1 2 2024-01-31 
# 
_pdbx_audit_revision_details.ordinal             1 
_pdbx_audit_revision_details.revision_ordinal    1 
_pdbx_audit_revision_details.data_content_type   'Structure model' 
_pdbx_audit_revision_details.provider            repository 
_pdbx_audit_revision_details.type                'Initial release' 
_pdbx_audit_revision_details.description         ? 
_pdbx_audit_revision_details.details             ? 
# 
loop_
_pdbx_audit_revision_group.ordinal 
_pdbx_audit_revision_group.revision_ordinal 
_pdbx_audit_revision_group.data_content_type 
_pdbx_audit_revision_group.group 
1 2 'Structure model' 'Database references'    
2 3 'Structure model' 'Data collection'        
3 3 'Structure model' 'Derived calculations'   
4 3 'Structure model' 'Refinement description' 
# 
loop_
_pdbx_audit_revision_category.ordinal 
_pdbx_audit_revision_category.revision_ordinal 
_pdbx_audit_revision_category.data_content_type 
_pdbx_audit_revision_category.category 
1 2 'Structure model' citation                      
2 2 'Structure model' citation_author               
3 3 'Structure model' atom_type                     
4 3 'Structure model' chem_comp_atom                
5 3 'Structure model' chem_comp_bond                
6 3 'Structure model' pdbx_initial_refinement_model 
7 3 'Structure model' struct_conn                   
# 
loop_
_pdbx_audit_revision_item.ordinal 
_pdbx_audit_revision_item.revision_ordinal 
_pdbx_audit_revision_item.data_content_type 
_pdbx_audit_revision_item.item 
1  2 'Structure model' '_citation.country'                   
2  2 'Structure model' '_citation.journal_abbrev'            
3  2 'Structure model' '_citation.journal_id_ASTM'           
4  2 'Structure model' '_citation.journal_id_CSD'            
5  2 'Structure model' '_citation.journal_id_ISSN'           
6  2 'Structure model' '_citation.journal_volume'            
7  2 'Structure model' '_citation.page_first'                
8  2 'Structure model' '_citation.page_last'                 
9  2 'Structure model' '_citation.pdbx_database_id_DOI'      
10 2 'Structure model' '_citation.pdbx_database_id_PubMed'   
11 2 'Structure model' '_citation.title'                     
12 2 'Structure model' '_citation.year'                      
13 3 'Structure model' '_atom_type.pdbx_N_electrons'         
14 3 'Structure model' '_atom_type.pdbx_scat_Z'              
15 3 'Structure model' '_struct_conn.pdbx_leaving_atom_flag' 
# 
_pdbx_database_status.status_code                     REL 
_pdbx_database_status.status_code_sf                  REL 
_pdbx_database_status.status_code_mr                  ? 
_pdbx_database_status.entry_id                        7Q9Q 
_pdbx_database_status.recvd_initial_deposition_date   2021-11-14 
_pdbx_database_status.SG_entry                        N 
_pdbx_database_status.deposit_site                    PDBE 
_pdbx_database_status.process_site                    PDBE 
_pdbx_database_status.status_code_cs                  ? 
_pdbx_database_status.status_code_nmr_data            ? 
_pdbx_database_status.methods_development_category    ? 
_pdbx_database_status.pdb_format_compatible           N 
# 
_pdbx_contact_author.id                 2 
_pdbx_contact_author.email              SShehab.Ismail@glasgow.ac.uk 
_pdbx_contact_author.name_first         Shehab 
_pdbx_contact_author.name_last          Ismail 
_pdbx_contact_author.name_mi            ? 
_pdbx_contact_author.role               'principal investigator/group leader' 
_pdbx_contact_author.identifier_ORCID   0000-0002-4150-1077 
# 
loop_
_audit_author.name 
_audit_author.pdbx_ordinal 
_audit_author.identifier_ORCID 
'Yelland, T.' 1 ? 
'Ismail, S.'  2 ? 
# 
_citation.abstract                  ? 
_citation.abstract_id_CAS           ? 
_citation.book_id_ISBN              ? 
_citation.book_publisher            ? 
_citation.book_publisher_city       ? 
_citation.book_title                ? 
_citation.coordinate_linkage        ? 
_citation.country                   US 
_citation.database_id_Medline       ? 
_citation.details                   ? 
_citation.id                        primary 
_citation.journal_abbrev            J.Med.Chem. 
_citation.journal_id_ASTM           JMCMAR 
_citation.journal_id_CSD            0151 
_citation.journal_id_ISSN           0022-2623 
_citation.journal_full              ? 
_citation.journal_issue             ? 
_citation.journal_volume            65 
_citation.language                  ? 
_citation.page_first                1898 
_citation.page_last                 1914 
_citation.title                     'Stabilization of the RAS:PDE6D Complex Is a Novel Strategy to Inhibit RAS Signaling.' 
_citation.year                      2022 
_citation.database_id_CSD           ? 
_citation.pdbx_database_id_DOI      10.1021/acs.jmedchem.1c01265 
_citation.pdbx_database_id_PubMed   35104933 
_citation.pdbx_database_id_patent   ? 
_citation.unpublished_flag          ? 
# 
loop_
_citation_author.citation_id 
_citation_author.name 
_citation_author.ordinal 
_citation_author.identifier_ORCID 
primary 'Yelland, T.'    1  ?                   
primary 'Garcia, E.'     2  ?                   
primary 'Parry, C.'      3  ?                   
primary 'Kowalczyk, D.'  4  ?                   
primary 'Wojnowska, M.'  5  ?                   
primary 'Gohlke, A.'     6  0000-0002-5447-5453 
primary 'Zalar, M.'      7  ?                   
primary 'Cameron, K.'    8  ?                   
primary 'Goodwin, G.'    9  ?                   
primary 'Yu, Q.'         10 ?                   
primary 'Zhu, P.C.'      11 ?                   
primary 'ElMaghloob, Y.' 12 ?                   
primary 'Pugliese, A.'   13 ?                   
primary 'Archibald, L.'  14 ?                   
primary 'Jamieson, A.'   15 0000-0003-1726-7353 
primary 'Chen, Y.X.'     16 0000-0003-3518-0139 
primary 'McArthur, D.'   17 ?                   
primary 'Bower, J.'      18 ?                   
primary 'Ismail, S.'     19 0000-0002-4150-1077 
# 
loop_
_entity.id 
_entity.type 
_entity.src_method 
_entity.pdbx_description 
_entity.formula_weight 
_entity.pdbx_number_of_molecules 
_entity.pdbx_ec 
_entity.pdbx_mutation 
_entity.pdbx_fragment 
_entity.details 
1 polymer     man 
;Retinal rod rhodopsin-sensitive cGMP 3',5'-cyclic phosphodiesterase subunit delta
;
17730.215 1   ? ? ? ? 
2 non-polymer syn O-METHYLCYSTEINE                                                                    135.185   1   ? ? ? ? 
3 non-polymer syn 1,2-ETHANEDIOL                                                                      62.068    3   ? ? ? ? 
4 non-polymer syn 'GERAN-8-YL GERAN'                                                                  274.484   1   ? ? ? ? 
5 water       nat water                                                                               18.015    115 ? ? ? ? 
# 
_entity_name_com.entity_id   1 
_entity_name_com.name        'GMP-PDE delta,Protein p17' 
# 
_entity_poly.entity_id                      1 
_entity_poly.type                           'polypeptide(L)' 
_entity_poly.nstd_linkage                   no 
_entity_poly.nstd_monomer                   no 
_entity_poly.pdbx_seq_one_letter_code       
;GSEFSAKDERAREILRGFKLNWMNLRDAETGKILWQGTEDLSVPGVEHEARVPKKILKCKAVSRELNFSSTEQMEKFRLE
QKVYFKGQCLEEWFFEFGFVIPNSTNTWQSLIEAAPESQMMPASVLTGNVIIETKFFDDDLLVSTSRVRLFYV
;
_entity_poly.pdbx_seq_one_letter_code_can   
;GSEFSAKDERAREILRGFKLNWMNLRDAETGKILWQGTEDLSVPGVEHEARVPKKILKCKAVSRELNFSSTEQMEKFRLE
QKVYFKGQCLEEWFFEFGFVIPNSTNTWQSLIEAAPESQMMPASVLTGNVIIETKFFDDDLLVSTSRVRLFYV
;
_entity_poly.pdbx_strand_id                 BBB 
_entity_poly.pdbx_target_identifier         ? 
# 
loop_
_pdbx_entity_nonpoly.entity_id 
_pdbx_entity_nonpoly.name 
_pdbx_entity_nonpoly.comp_id 
2 O-METHYLCYSTEINE   CMT 
3 1,2-ETHANEDIOL     EDO 
4 'GERAN-8-YL GERAN' GER 
5 water              HOH 
# 
loop_
_entity_poly_seq.entity_id 
_entity_poly_seq.num 
_entity_poly_seq.mon_id 
_entity_poly_seq.hetero 
1 1   GLY n 
1 2   SER n 
1 3   GLU n 
1 4   PHE n 
1 5   SER n 
1 6   ALA n 
1 7   LYS n 
1 8   ASP n 
1 9   GLU n 
1 10  ARG n 
1 11  ALA n 
1 12  ARG n 
1 13  GLU n 
1 14  ILE n 
1 15  LEU n 
1 16  ARG n 
1 17  GLY n 
1 18  PHE n 
1 19  LYS n 
1 20  LEU n 
1 21  ASN n 
1 22  TRP n 
1 23  MET n 
1 24  ASN n 
1 25  LEU n 
1 26  ARG n 
1 27  ASP n 
1 28  ALA n 
1 29  GLU n 
1 30  THR n 
1 31  GLY n 
1 32  LYS n 
1 33  ILE n 
1 34  LEU n 
1 35  TRP n 
1 36  GLN n 
1 37  GLY n 
1 38  THR n 
1 39  GLU n 
1 40  ASP n 
1 41  LEU n 
1 42  SER n 
1 43  VAL n 
1 44  PRO n 
1 45  GLY n 
1 46  VAL n 
1 47  GLU n 
1 48  HIS n 
1 49  GLU n 
1 50  ALA n 
1 51  ARG n 
1 52  VAL n 
1 53  PRO n 
1 54  LYS n 
1 55  LYS n 
1 56  ILE n 
1 57  LEU n 
1 58  LYS n 
1 59  CYS n 
1 60  LYS n 
1 61  ALA n 
1 62  VAL n 
1 63  SER n 
1 64  ARG n 
1 65  GLU n 
1 66  LEU n 
1 67  ASN n 
1 68  PHE n 
1 69  SER n 
1 70  SER n 
1 71  THR n 
1 72  GLU n 
1 73  GLN n 
1 74  MET n 
1 75  GLU n 
1 76  LYS n 
1 77  PHE n 
1 78  ARG n 
1 79  LEU n 
1 80  GLU n 
1 81  GLN n 
1 82  LYS n 
1 83  VAL n 
1 84  TYR n 
1 85  PHE n 
1 86  LYS n 
1 87  GLY n 
1 88  GLN n 
1 89  CYS n 
1 90  LEU n 
1 91  GLU n 
1 92  GLU n 
1 93  TRP n 
1 94  PHE n 
1 95  PHE n 
1 96  GLU n 
1 97  PHE n 
1 98  GLY n 
1 99  PHE n 
1 100 VAL n 
1 101 ILE n 
1 102 PRO n 
1 103 ASN n 
1 104 SER n 
1 105 THR n 
1 106 ASN n 
1 107 THR n 
1 108 TRP n 
1 109 GLN n 
1 110 SER n 
1 111 LEU n 
1 112 ILE n 
1 113 GLU n 
1 114 ALA n 
1 115 ALA n 
1 116 PRO n 
1 117 GLU n 
1 118 SER n 
1 119 GLN n 
1 120 MET n 
1 121 MET n 
1 122 PRO n 
1 123 ALA n 
1 124 SER n 
1 125 VAL n 
1 126 LEU n 
1 127 THR n 
1 128 GLY n 
1 129 ASN n 
1 130 VAL n 
1 131 ILE n 
1 132 ILE n 
1 133 GLU n 
1 134 THR n 
1 135 LYS n 
1 136 PHE n 
1 137 PHE n 
1 138 ASP n 
1 139 ASP n 
1 140 ASP n 
1 141 LEU n 
1 142 LEU n 
1 143 VAL n 
1 144 SER n 
1 145 THR n 
1 146 SER n 
1 147 ARG n 
1 148 VAL n 
1 149 ARG n 
1 150 LEU n 
1 151 PHE n 
1 152 TYR n 
1 153 VAL n 
# 
_entity_src_gen.entity_id                          1 
_entity_src_gen.pdbx_src_id                        1 
_entity_src_gen.pdbx_alt_source_flag               sample 
_entity_src_gen.pdbx_seq_type                      'Biological sequence' 
_entity_src_gen.pdbx_beg_seq_num                   1 
_entity_src_gen.pdbx_end_seq_num                   153 
_entity_src_gen.gene_src_common_name               Human 
_entity_src_gen.gene_src_genus                     ? 
_entity_src_gen.pdbx_gene_src_gene                 'PDE6D, PDED' 
_entity_src_gen.gene_src_species                   ? 
_entity_src_gen.gene_src_strain                    ? 
_entity_src_gen.gene_src_tissue                    ? 
_entity_src_gen.gene_src_tissue_fraction           ? 
_entity_src_gen.gene_src_details                   ? 
_entity_src_gen.pdbx_gene_src_fragment             ? 
_entity_src_gen.pdbx_gene_src_scientific_name      'Homo sapiens' 
_entity_src_gen.pdbx_gene_src_ncbi_taxonomy_id     9606 
_entity_src_gen.pdbx_gene_src_variant              ? 
_entity_src_gen.pdbx_gene_src_cell_line            ? 
_entity_src_gen.pdbx_gene_src_atcc                 ? 
_entity_src_gen.pdbx_gene_src_organ                ? 
_entity_src_gen.pdbx_gene_src_organelle            ? 
_entity_src_gen.pdbx_gene_src_cell                 ? 
_entity_src_gen.pdbx_gene_src_cellular_location    ? 
_entity_src_gen.host_org_common_name               ? 
_entity_src_gen.pdbx_host_org_scientific_name      'Escherichia coli BL21(DE3)' 
_entity_src_gen.pdbx_host_org_ncbi_taxonomy_id     469008 
_entity_src_gen.host_org_genus                     ? 
_entity_src_gen.pdbx_host_org_gene                 ? 
_entity_src_gen.pdbx_host_org_organ                ? 
_entity_src_gen.host_org_species                   ? 
_entity_src_gen.pdbx_host_org_tissue               ? 
_entity_src_gen.pdbx_host_org_tissue_fraction      ? 
_entity_src_gen.pdbx_host_org_strain               ? 
_entity_src_gen.pdbx_host_org_variant              ? 
_entity_src_gen.pdbx_host_org_cell_line            ? 
_entity_src_gen.pdbx_host_org_atcc                 ? 
_entity_src_gen.pdbx_host_org_culture_collection   ? 
_entity_src_gen.pdbx_host_org_cell                 ? 
_entity_src_gen.pdbx_host_org_organelle            ? 
_entity_src_gen.pdbx_host_org_cellular_location    ? 
_entity_src_gen.pdbx_host_org_vector_type          ? 
_entity_src_gen.pdbx_host_org_vector               ? 
_entity_src_gen.host_org_details                   ? 
_entity_src_gen.expression_system_id               ? 
_entity_src_gen.plasmid_name                       ? 
_entity_src_gen.plasmid_details                    ? 
_entity_src_gen.pdbx_description                   ? 
# 
loop_
_chem_comp.id 
_chem_comp.type 
_chem_comp.mon_nstd_flag 
_chem_comp.name 
_chem_comp.pdbx_synonyms 
_chem_comp.formula 
_chem_comp.formula_weight 
ALA 'L-peptide linking' y ALANINE            ?                 'C3 H7 N O2'     89.093  
ARG 'L-peptide linking' y ARGININE           ?                 'C6 H15 N4 O2 1' 175.209 
ASN 'L-peptide linking' y ASPARAGINE         ?                 'C4 H8 N2 O3'    132.118 
ASP 'L-peptide linking' y 'ASPARTIC ACID'    ?                 'C4 H7 N O4'     133.103 
CMT 'L-peptide linking' n O-METHYLCYSTEINE   ?                 'C4 H9 N O2 S'   135.185 
CYS 'L-peptide linking' y CYSTEINE           ?                 'C3 H7 N O2 S'   121.158 
EDO non-polymer         . 1,2-ETHANEDIOL     'ETHYLENE GLYCOL' 'C2 H6 O2'       62.068  
GER non-polymer         . 'GERAN-8-YL GERAN' ?                 'C20 H34'        274.484 
GLN 'L-peptide linking' y GLUTAMINE          ?                 'C5 H10 N2 O3'   146.144 
GLU 'L-peptide linking' y 'GLUTAMIC ACID'    ?                 'C5 H9 N O4'     147.129 
GLY 'peptide linking'   y GLYCINE            ?                 'C2 H5 N O2'     75.067  
HIS 'L-peptide linking' y HISTIDINE          ?                 'C6 H10 N3 O2 1' 156.162 
HOH non-polymer         . WATER              ?                 'H2 O'           18.015  
ILE 'L-peptide linking' y ISOLEUCINE         ?                 'C6 H13 N O2'    131.173 
LEU 'L-peptide linking' y LEUCINE            ?                 'C6 H13 N O2'    131.173 
LYS 'L-peptide linking' y LYSINE             ?                 'C6 H15 N2 O2 1' 147.195 
MET 'L-peptide linking' y METHIONINE         ?                 'C5 H11 N O2 S'  149.211 
PHE 'L-peptide linking' y PHENYLALANINE      ?                 'C9 H11 N O2'    165.189 
PRO 'L-peptide linking' y PROLINE            ?                 'C5 H9 N O2'     115.130 
SER 'L-peptide linking' y SERINE             ?                 'C3 H7 N O3'     105.093 
THR 'L-peptide linking' y THREONINE          ?                 'C4 H9 N O3'     119.119 
TRP 'L-peptide linking' y TRYPTOPHAN         ?                 'C11 H12 N2 O2'  204.225 
TYR 'L-peptide linking' y TYROSINE           ?                 'C9 H11 N O3'    181.189 
VAL 'L-peptide linking' y VALINE             ?                 'C5 H11 N O2'    117.146 
# 
loop_
_pdbx_poly_seq_scheme.asym_id 
_pdbx_poly_seq_scheme.entity_id 
_pdbx_poly_seq_scheme.seq_id 
_pdbx_poly_seq_scheme.mon_id 
_pdbx_poly_seq_scheme.ndb_seq_num 
_pdbx_poly_seq_scheme.pdb_seq_num 
_pdbx_poly_seq_scheme.auth_seq_num 
_pdbx_poly_seq_scheme.pdb_mon_id 
_pdbx_poly_seq_scheme.auth_mon_id 
_pdbx_poly_seq_scheme.pdb_strand_id 
_pdbx_poly_seq_scheme.pdb_ins_code 
_pdbx_poly_seq_scheme.hetero 
A 1 1   GLY 1   -2  -2  GLY GLY BBB . n 
A 1 2   SER 2   -1  -1  SER SER BBB . n 
A 1 3   GLU 3   0   0   GLU GLU BBB . n 
A 1 4   PHE 4   1   1   PHE PHE BBB . n 
A 1 5   SER 5   2   2   SER SER BBB . n 
A 1 6   ALA 6   3   3   ALA ALA BBB . n 
A 1 7   LYS 7   4   4   LYS LYS BBB . n 
A 1 8   ASP 8   5   5   ASP ASP BBB . n 
A 1 9   GLU 9   6   6   GLU GLU BBB . n 
A 1 10  ARG 10  7   7   ARG ARG BBB . n 
A 1 11  ALA 11  8   8   ALA ALA BBB . n 
A 1 12  ARG 12  9   9   ARG ARG BBB . n 
A 1 13  GLU 13  10  10  GLU GLU BBB . n 
A 1 14  ILE 14  11  11  ILE ILE BBB . n 
A 1 15  LEU 15  12  12  LEU LEU BBB . n 
A 1 16  ARG 16  13  13  ARG ARG BBB . n 
A 1 17  GLY 17  14  14  GLY GLY BBB . n 
A 1 18  PHE 18  15  15  PHE PHE BBB . n 
A 1 19  LYS 19  16  16  LYS LYS BBB . n 
A 1 20  LEU 20  17  17  LEU LEU BBB . n 
A 1 21  ASN 21  18  18  ASN ASN BBB . n 
A 1 22  TRP 22  19  19  TRP TRP BBB . n 
A 1 23  MET 23  20  20  MET MET BBB . n 
A 1 24  ASN 24  21  21  ASN ASN BBB . n 
A 1 25  LEU 25  22  22  LEU LEU BBB . n 
A 1 26  ARG 26  23  23  ARG ARG BBB . n 
A 1 27  ASP 27  24  24  ASP ASP BBB . n 
A 1 28  ALA 28  25  25  ALA ALA BBB . n 
A 1 29  GLU 29  26  26  GLU GLU BBB . n 
A 1 30  THR 30  27  27  THR THR BBB . n 
A 1 31  GLY 31  28  28  GLY GLY BBB . n 
A 1 32  LYS 32  29  29  LYS LYS BBB . n 
A 1 33  ILE 33  30  30  ILE ILE BBB . n 
A 1 34  LEU 34  31  31  LEU LEU BBB . n 
A 1 35  TRP 35  32  32  TRP TRP BBB . n 
A 1 36  GLN 36  33  33  GLN GLN BBB . n 
A 1 37  GLY 37  34  34  GLY GLY BBB . n 
A 1 38  THR 38  35  35  THR THR BBB . n 
A 1 39  GLU 39  36  36  GLU GLU BBB . n 
A 1 40  ASP 40  37  37  ASP ASP BBB . n 
A 1 41  LEU 41  38  38  LEU LEU BBB . n 
A 1 42  SER 42  39  39  SER SER BBB . n 
A 1 43  VAL 43  40  40  VAL VAL BBB . n 
A 1 44  PRO 44  41  41  PRO PRO BBB . n 
A 1 45  GLY 45  42  42  GLY GLY BBB . n 
A 1 46  VAL 46  43  43  VAL VAL BBB . n 
A 1 47  GLU 47  44  44  GLU GLU BBB . n 
A 1 48  HIS 48  45  45  HIS HIS BBB . n 
A 1 49  GLU 49  46  46  GLU GLU BBB . n 
A 1 50  ALA 50  47  47  ALA ALA BBB . n 
A 1 51  ARG 51  48  48  ARG ARG BBB . n 
A 1 52  VAL 52  49  49  VAL VAL BBB . n 
A 1 53  PRO 53  50  50  PRO PRO BBB . n 
A 1 54  LYS 54  51  51  LYS LYS BBB . n 
A 1 55  LYS 55  52  52  LYS LYS BBB . n 
A 1 56  ILE 56  53  53  ILE ILE BBB . n 
A 1 57  LEU 57  54  54  LEU LEU BBB . n 
A 1 58  LYS 58  55  55  LYS LYS BBB . n 
A 1 59  CYS 59  56  56  CYS CYS BBB . n 
A 1 60  LYS 60  57  57  LYS LYS BBB . n 
A 1 61  ALA 61  58  58  ALA ALA BBB . n 
A 1 62  VAL 62  59  59  VAL VAL BBB . n 
A 1 63  SER 63  60  60  SER SER BBB . n 
A 1 64  ARG 64  61  61  ARG ARG BBB . n 
A 1 65  GLU 65  62  62  GLU GLU BBB . n 
A 1 66  LEU 66  63  63  LEU LEU BBB . n 
A 1 67  ASN 67  64  64  ASN ASN BBB . n 
A 1 68  PHE 68  65  65  PHE PHE BBB . n 
A 1 69  SER 69  66  66  SER SER BBB . n 
A 1 70  SER 70  67  67  SER SER BBB . n 
A 1 71  THR 71  68  68  THR THR BBB . n 
A 1 72  GLU 72  69  69  GLU GLU BBB . n 
A 1 73  GLN 73  70  70  GLN GLN BBB . n 
A 1 74  MET 74  71  71  MET MET BBB . n 
A 1 75  GLU 75  72  72  GLU GLU BBB . n 
A 1 76  LYS 76  73  73  LYS LYS BBB . n 
A 1 77  PHE 77  74  74  PHE PHE BBB . n 
A 1 78  ARG 78  75  75  ARG ARG BBB . n 
A 1 79  LEU 79  76  76  LEU LEU BBB . n 
A 1 80  GLU 80  77  77  GLU GLU BBB . n 
A 1 81  GLN 81  78  78  GLN GLN BBB . n 
A 1 82  LYS 82  79  79  LYS LYS BBB . n 
A 1 83  VAL 83  80  80  VAL VAL BBB . n 
A 1 84  TYR 84  81  81  TYR TYR BBB . n 
A 1 85  PHE 85  82  82  PHE PHE BBB . n 
A 1 86  LYS 86  83  83  LYS LYS BBB . n 
A 1 87  GLY 87  84  84  GLY GLY BBB . n 
A 1 88  GLN 88  85  85  GLN GLN BBB . n 
A 1 89  CYS 89  86  86  CYS CYS BBB . n 
A 1 90  LEU 90  87  87  LEU LEU BBB . n 
A 1 91  GLU 91  88  88  GLU GLU BBB . n 
A 1 92  GLU 92  89  89  GLU GLU BBB . n 
A 1 93  TRP 93  90  90  TRP TRP BBB . n 
A 1 94  PHE 94  91  91  PHE PHE BBB . n 
A 1 95  PHE 95  92  92  PHE PHE BBB . n 
A 1 96  GLU 96  93  93  GLU GLU BBB . n 
A 1 97  PHE 97  94  94  PHE PHE BBB . n 
A 1 98  GLY 98  95  95  GLY GLY BBB . n 
A 1 99  PHE 99  96  96  PHE PHE BBB . n 
A 1 100 VAL 100 97  97  VAL VAL BBB . n 
A 1 101 ILE 101 98  98  ILE ILE BBB . n 
A 1 102 PRO 102 99  99  PRO PRO BBB . n 
A 1 103 ASN 103 100 100 ASN ASN BBB . n 
A 1 104 SER 104 101 101 SER SER BBB . n 
A 1 105 THR 105 102 102 THR THR BBB . n 
A 1 106 ASN 106 103 103 ASN ASN BBB . n 
A 1 107 THR 107 104 104 THR THR BBB . n 
A 1 108 TRP 108 105 105 TRP TRP BBB . n 
A 1 109 GLN 109 106 106 GLN GLN BBB . n 
A 1 110 SER 110 107 107 SER SER BBB . n 
A 1 111 LEU 111 108 108 LEU LEU BBB . n 
A 1 112 ILE 112 109 109 ILE ILE BBB . n 
A 1 113 GLU 113 110 110 GLU GLU BBB . n 
A 1 114 ALA 114 111 111 ALA ALA BBB . n 
A 1 115 ALA 115 112 112 ALA ALA BBB . n 
A 1 116 PRO 116 113 ?   ?   ?   BBB . n 
A 1 117 GLU 117 114 ?   ?   ?   BBB . n 
A 1 118 SER 118 115 ?   ?   ?   BBB . n 
A 1 119 GLN 119 116 ?   ?   ?   BBB . n 
A 1 120 MET 120 117 ?   ?   ?   BBB . n 
A 1 121 MET 121 118 118 MET MET BBB . n 
A 1 122 PRO 122 119 119 PRO PRO BBB . n 
A 1 123 ALA 123 120 120 ALA ALA BBB . n 
A 1 124 SER 124 121 121 SER SER BBB . n 
A 1 125 VAL 125 122 122 VAL VAL BBB . n 
A 1 126 LEU 126 123 123 LEU LEU BBB . n 
A 1 127 THR 127 124 124 THR THR BBB . n 
A 1 128 GLY 128 125 125 GLY GLY BBB . n 
A 1 129 ASN 129 126 126 ASN ASN BBB . n 
A 1 130 VAL 130 127 127 VAL VAL BBB . n 
A 1 131 ILE 131 128 128 ILE ILE BBB . n 
A 1 132 ILE 132 129 129 ILE ILE BBB . n 
A 1 133 GLU 133 130 130 GLU GLU BBB . n 
A 1 134 THR 134 131 131 THR THR BBB . n 
A 1 135 LYS 135 132 132 LYS LYS BBB . n 
A 1 136 PHE 136 133 133 PHE PHE BBB . n 
A 1 137 PHE 137 134 134 PHE PHE BBB . n 
A 1 138 ASP 138 135 135 ASP ASP BBB . n 
A 1 139 ASP 139 136 136 ASP ASP BBB . n 
A 1 140 ASP 140 137 137 ASP ASP BBB . n 
A 1 141 LEU 141 138 138 LEU LEU BBB . n 
A 1 142 LEU 142 139 139 LEU LEU BBB . n 
A 1 143 VAL 143 140 140 VAL VAL BBB . n 
A 1 144 SER 144 141 141 SER SER BBB . n 
A 1 145 THR 145 142 142 THR THR BBB . n 
A 1 146 SER 146 143 143 SER SER BBB . n 
A 1 147 ARG 147 144 144 ARG ARG BBB . n 
A 1 148 VAL 148 145 145 VAL VAL BBB . n 
A 1 149 ARG 149 146 146 ARG ARG BBB . n 
A 1 150 LEU 150 147 147 LEU LEU BBB . n 
A 1 151 PHE 151 148 148 PHE PHE BBB . n 
A 1 152 TYR 152 149 149 TYR TYR BBB . n 
A 1 153 VAL 153 150 150 VAL VAL BBB . n 
# 
loop_
_pdbx_nonpoly_scheme.asym_id 
_pdbx_nonpoly_scheme.entity_id 
_pdbx_nonpoly_scheme.mon_id 
_pdbx_nonpoly_scheme.ndb_seq_num 
_pdbx_nonpoly_scheme.pdb_seq_num 
_pdbx_nonpoly_scheme.auth_seq_num 
_pdbx_nonpoly_scheme.pdb_mon_id 
_pdbx_nonpoly_scheme.auth_mon_id 
_pdbx_nonpoly_scheme.pdb_strand_id 
_pdbx_nonpoly_scheme.pdb_ins_code 
B 2 CMT 1   201 701 CMT CMT BBB . 
C 3 EDO 1   202 201 EDO EDO BBB . 
D 4 GER 1   203 301 GER GER BBB . 
E 3 EDO 1   204 501 EDO EDO BBB . 
F 3 EDO 1   205 601 EDO EDO BBB . 
G 5 HOH 1   301 124 HOH HOH BBB . 
G 5 HOH 2   302 95  HOH HOH BBB . 
G 5 HOH 3   303 26  HOH HOH BBB . 
G 5 HOH 4   304 90  HOH HOH BBB . 
G 5 HOH 5   305 51  HOH HOH BBB . 
G 5 HOH 6   306 45  HOH HOH BBB . 
G 5 HOH 7   307 31  HOH HOH BBB . 
G 5 HOH 8   308 3   HOH HOH BBB . 
G 5 HOH 9   309 113 HOH HOH BBB . 
G 5 HOH 10  310 44  HOH HOH BBB . 
G 5 HOH 11  311 74  HOH HOH BBB . 
G 5 HOH 12  312 109 HOH HOH BBB . 
G 5 HOH 13  313 81  HOH HOH BBB . 
G 5 HOH 14  314 55  HOH HOH BBB . 
G 5 HOH 15  315 99  HOH HOH BBB . 
G 5 HOH 16  316 72  HOH HOH BBB . 
G 5 HOH 17  317 1   HOH HOH BBB . 
G 5 HOH 18  318 47  HOH HOH BBB . 
G 5 HOH 19  319 89  HOH HOH BBB . 
G 5 HOH 20  320 60  HOH HOH BBB . 
G 5 HOH 21  321 63  HOH HOH BBB . 
G 5 HOH 22  322 87  HOH HOH BBB . 
G 5 HOH 23  323 111 HOH HOH BBB . 
G 5 HOH 24  324 14  HOH HOH BBB . 
G 5 HOH 25  325 108 HOH HOH BBB . 
G 5 HOH 26  326 69  HOH HOH BBB . 
G 5 HOH 27  327 50  HOH HOH BBB . 
G 5 HOH 28  328 43  HOH HOH BBB . 
G 5 HOH 29  329 105 HOH HOH BBB . 
G 5 HOH 30  330 58  HOH HOH BBB . 
G 5 HOH 31  331 2   HOH HOH BBB . 
G 5 HOH 32  332 7   HOH HOH BBB . 
G 5 HOH 33  333 101 HOH HOH BBB . 
G 5 HOH 34  334 29  HOH HOH BBB . 
G 5 HOH 35  335 115 HOH HOH BBB . 
G 5 HOH 36  336 18  HOH HOH BBB . 
G 5 HOH 37  337 13  HOH HOH BBB . 
G 5 HOH 38  338 8   HOH HOH BBB . 
G 5 HOH 39  339 5   HOH HOH BBB . 
G 5 HOH 40  340 123 HOH HOH BBB . 
G 5 HOH 41  341 4   HOH HOH BBB . 
G 5 HOH 42  342 56  HOH HOH BBB . 
G 5 HOH 43  343 82  HOH HOH BBB . 
G 5 HOH 44  344 96  HOH HOH BBB . 
G 5 HOH 45  345 37  HOH HOH BBB . 
G 5 HOH 46  346 57  HOH HOH BBB . 
G 5 HOH 47  347 75  HOH HOH BBB . 
G 5 HOH 48  348 118 HOH HOH BBB . 
G 5 HOH 49  349 24  HOH HOH BBB . 
G 5 HOH 50  350 116 HOH HOH BBB . 
G 5 HOH 51  351 25  HOH HOH BBB . 
G 5 HOH 52  352 104 HOH HOH BBB . 
G 5 HOH 53  353 11  HOH HOH BBB . 
G 5 HOH 54  354 53  HOH HOH BBB . 
G 5 HOH 55  355 79  HOH HOH BBB . 
G 5 HOH 56  356 85  HOH HOH BBB . 
G 5 HOH 57  357 106 HOH HOH BBB . 
G 5 HOH 58  358 70  HOH HOH BBB . 
G 5 HOH 59  359 67  HOH HOH BBB . 
G 5 HOH 60  360 17  HOH HOH BBB . 
G 5 HOH 61  361 49  HOH HOH BBB . 
G 5 HOH 62  362 94  HOH HOH BBB . 
G 5 HOH 63  363 93  HOH HOH BBB . 
G 5 HOH 64  364 91  HOH HOH BBB . 
G 5 HOH 65  365 36  HOH HOH BBB . 
G 5 HOH 66  366 88  HOH HOH BBB . 
G 5 HOH 67  367 30  HOH HOH BBB . 
G 5 HOH 68  368 21  HOH HOH BBB . 
G 5 HOH 69  369 59  HOH HOH BBB . 
G 5 HOH 70  370 97  HOH HOH BBB . 
G 5 HOH 71  371 38  HOH HOH BBB . 
G 5 HOH 72  372 9   HOH HOH BBB . 
G 5 HOH 73  373 76  HOH HOH BBB . 
G 5 HOH 74  374 62  HOH HOH BBB . 
G 5 HOH 75  375 98  HOH HOH BBB . 
G 5 HOH 76  376 125 HOH HOH BBB . 
G 5 HOH 77  377 34  HOH HOH BBB . 
G 5 HOH 78  378 66  HOH HOH BBB . 
G 5 HOH 79  379 78  HOH HOH BBB . 
G 5 HOH 80  380 20  HOH HOH BBB . 
G 5 HOH 81  381 100 HOH HOH BBB . 
G 5 HOH 82  382 64  HOH HOH BBB . 
G 5 HOH 83  383 80  HOH HOH BBB . 
G 5 HOH 84  384 10  HOH HOH BBB . 
G 5 HOH 85  385 86  HOH HOH BBB . 
G 5 HOH 86  386 112 HOH HOH BBB . 
G 5 HOH 87  387 41  HOH HOH BBB . 
G 5 HOH 88  388 71  HOH HOH BBB . 
G 5 HOH 89  389 110 HOH HOH BBB . 
G 5 HOH 90  390 27  HOH HOH BBB . 
G 5 HOH 91  391 92  HOH HOH BBB . 
G 5 HOH 92  392 119 HOH HOH BBB . 
G 5 HOH 93  393 19  HOH HOH BBB . 
G 5 HOH 94  394 12  HOH HOH BBB . 
G 5 HOH 95  395 68  HOH HOH BBB . 
G 5 HOH 96  396 103 HOH HOH BBB . 
G 5 HOH 97  397 22  HOH HOH BBB . 
G 5 HOH 98  398 46  HOH HOH BBB . 
G 5 HOH 99  399 102 HOH HOH BBB . 
G 5 HOH 100 400 77  HOH HOH BBB . 
G 5 HOH 101 401 107 HOH HOH BBB . 
G 5 HOH 102 402 39  HOH HOH BBB . 
G 5 HOH 103 403 73  HOH HOH BBB . 
G 5 HOH 104 404 84  HOH HOH BBB . 
G 5 HOH 105 405 122 HOH HOH BBB . 
G 5 HOH 106 406 61  HOH HOH BBB . 
G 5 HOH 107 407 54  HOH HOH BBB . 
G 5 HOH 108 408 16  HOH HOH BBB . 
G 5 HOH 109 409 83  HOH HOH BBB . 
G 5 HOH 110 410 33  HOH HOH BBB . 
G 5 HOH 111 411 35  HOH HOH BBB . 
G 5 HOH 112 412 42  HOH HOH BBB . 
G 5 HOH 113 413 114 HOH HOH BBB . 
G 5 HOH 114 414 6   HOH HOH BBB . 
G 5 HOH 115 415 23  HOH HOH BBB . 
# 
loop_
_software.citation_id 
_software.classification 
_software.compiler_name 
_software.compiler_version 
_software.contact_author 
_software.contact_author_email 
_software.date 
_software.description 
_software.dependencies 
_software.hardware 
_software.language 
_software.location 
_software.mods 
_software.name 
_software.os 
_software.os_version 
_software.type 
_software.version 
_software.pdbx_ordinal 
? refinement       ? ? ? ? ? ? ? ? ? ? ? REFMAC  ? ? ? 5.8.0258 1 
? 'data reduction' ? ? ? ? ? ? ? ? ? ? ? XDS     ? ? ? .        2 
? 'data scaling'   ? ? ? ? ? ? ? ? ? ? ? Aimless ? ? ? .        3 
? phasing          ? ? ? ? ? ? ? ? ? ? ? PHASER  ? ? ? .        4 
# 
_cell.angle_alpha                  77.725 
_cell.angle_alpha_esd              ? 
_cell.angle_beta                   68.980 
_cell.angle_beta_esd               ? 
_cell.angle_gamma                  69.228 
_cell.angle_gamma_esd              ? 
_cell.entry_id                     7Q9Q 
_cell.details                      ? 
_cell.formula_units_Z              ? 
_cell.length_a                     32.048 
_cell.length_a_esd                 ? 
_cell.length_b                     35.289 
_cell.length_b_esd                 ? 
_cell.length_c                     37.645 
_cell.length_c_esd                 ? 
_cell.volume                       ? 
_cell.volume_esd                   ? 
_cell.Z_PDB                        1 
_cell.reciprocal_angle_alpha       ? 
_cell.reciprocal_angle_beta        ? 
_cell.reciprocal_angle_gamma       ? 
_cell.reciprocal_angle_alpha_esd   ? 
_cell.reciprocal_angle_beta_esd    ? 
_cell.reciprocal_angle_gamma_esd   ? 
_cell.reciprocal_length_a          ? 
_cell.reciprocal_length_b          ? 
_cell.reciprocal_length_c          ? 
_cell.reciprocal_length_a_esd      ? 
_cell.reciprocal_length_b_esd      ? 
_cell.reciprocal_length_c_esd      ? 
_cell.pdbx_unique_axis             ? 
# 
_symmetry.entry_id                         7Q9Q 
_symmetry.cell_setting                     ? 
_symmetry.Int_Tables_number                1 
_symmetry.space_group_name_Hall            ? 
_symmetry.space_group_name_H-M             'P 1' 
_symmetry.pdbx_full_space_group_name_H-M   ? 
# 
_exptl.absorpt_coefficient_mu     ? 
_exptl.absorpt_correction_T_max   ? 
_exptl.absorpt_correction_T_min   ? 
_exptl.absorpt_correction_type    ? 
_exptl.absorpt_process_details    ? 
_exptl.entry_id                   7Q9Q 
_exptl.crystals_number            1 
_exptl.details                    ? 
_exptl.method                     'X-RAY DIFFRACTION' 
_exptl.method_details             ? 
# 
_exptl_crystal.colour                      ? 
_exptl_crystal.density_diffrn              ? 
_exptl_crystal.density_Matthews            2.13 
_exptl_crystal.density_method              ? 
_exptl_crystal.density_percent_sol         42.26 
_exptl_crystal.description                 ? 
_exptl_crystal.F_000                       ? 
_exptl_crystal.id                          1 
_exptl_crystal.preparation                 ? 
_exptl_crystal.size_max                    ? 
_exptl_crystal.size_mid                    ? 
_exptl_crystal.size_min                    ? 
_exptl_crystal.size_rad                    ? 
_exptl_crystal.colour_lustre               ? 
_exptl_crystal.colour_modifier             ? 
_exptl_crystal.colour_primary              ? 
_exptl_crystal.density_meas                ? 
_exptl_crystal.density_meas_esd            ? 
_exptl_crystal.density_meas_gt             ? 
_exptl_crystal.density_meas_lt             ? 
_exptl_crystal.density_meas_temp           ? 
_exptl_crystal.density_meas_temp_esd       ? 
_exptl_crystal.density_meas_temp_gt        ? 
_exptl_crystal.density_meas_temp_lt        ? 
_exptl_crystal.pdbx_crystal_image_url      ? 
_exptl_crystal.pdbx_crystal_image_format   ? 
_exptl_crystal.pdbx_mosaicity              ? 
_exptl_crystal.pdbx_mosaicity_esd          ? 
# 
_exptl_crystal_grow.apparatus       ? 
_exptl_crystal_grow.atmosphere      ? 
_exptl_crystal_grow.crystal_id      1 
_exptl_crystal_grow.details         ? 
_exptl_crystal_grow.method          'VAPOR DIFFUSION, SITTING DROP' 
_exptl_crystal_grow.method_ref      ? 
_exptl_crystal_grow.pH              ? 
_exptl_crystal_grow.pressure        ? 
_exptl_crystal_grow.pressure_esd    ? 
_exptl_crystal_grow.seeding         ? 
_exptl_crystal_grow.seeding_ref     ? 
_exptl_crystal_grow.temp            277 
_exptl_crystal_grow.temp_details    ? 
_exptl_crystal_grow.temp_esd        ? 
_exptl_crystal_grow.time            ? 
_exptl_crystal_grow.pdbx_details    '30% w/v PEG 1500' 
_exptl_crystal_grow.pdbx_pH_range   ? 
# 
_diffrn.ambient_environment              ? 
_diffrn.ambient_temp                     100 
_diffrn.ambient_temp_details             ? 
_diffrn.ambient_temp_esd                 ? 
_diffrn.crystal_id                       1 
_diffrn.crystal_support                  ? 
_diffrn.crystal_treatment                ? 
_diffrn.details                          ? 
_diffrn.id                               1 
_diffrn.ambient_pressure                 ? 
_diffrn.ambient_pressure_esd             ? 
_diffrn.ambient_pressure_gt              ? 
_diffrn.ambient_pressure_lt              ? 
_diffrn.ambient_temp_gt                  ? 
_diffrn.ambient_temp_lt                  ? 
_diffrn.pdbx_serial_crystal_experiment   N 
# 
_diffrn_detector.details                      ? 
_diffrn_detector.detector                     PIXEL 
_diffrn_detector.diffrn_id                    1 
_diffrn_detector.type                         'DECTRIS EIGER2 X 16M' 
_diffrn_detector.area_resol_mean              ? 
_diffrn_detector.dtime                        ? 
_diffrn_detector.pdbx_frames_total            ? 
_diffrn_detector.pdbx_collection_time_total   ? 
_diffrn_detector.pdbx_collection_date         2019-11-25 
_diffrn_detector.pdbx_frequency               ? 
# 
_diffrn_radiation.collimation                      ? 
_diffrn_radiation.diffrn_id                        1 
_diffrn_radiation.filter_edge                      ? 
_diffrn_radiation.inhomogeneity                    ? 
_diffrn_radiation.monochromator                    ? 
_diffrn_radiation.polarisn_norm                    ? 
_diffrn_radiation.polarisn_ratio                   ? 
_diffrn_radiation.probe                            ? 
_diffrn_radiation.type                             ? 
_diffrn_radiation.xray_symbol                      ? 
_diffrn_radiation.wavelength_id                    1 
_diffrn_radiation.pdbx_monochromatic_or_laue_m_l   M 
_diffrn_radiation.pdbx_wavelength_list             ? 
_diffrn_radiation.pdbx_wavelength                  ? 
_diffrn_radiation.pdbx_diffrn_protocol             'SINGLE WAVELENGTH' 
_diffrn_radiation.pdbx_analyzer                    ? 
_diffrn_radiation.pdbx_scattering_type             x-ray 
# 
_diffrn_radiation_wavelength.id           1 
_diffrn_radiation_wavelength.wavelength   1 
_diffrn_radiation_wavelength.wt           1.0 
# 
_diffrn_source.current                     ? 
_diffrn_source.details                     ? 
_diffrn_source.diffrn_id                   1 
_diffrn_source.power                       ? 
_diffrn_source.size                        ? 
_diffrn_source.source                      SYNCHROTRON 
_diffrn_source.target                      ? 
_diffrn_source.type                        'NSLS BEAMLINE X6A' 
_diffrn_source.voltage                     ? 
_diffrn_source.take-off_angle              ? 
_diffrn_source.pdbx_wavelength_list        1 
_diffrn_source.pdbx_wavelength             ? 
_diffrn_source.pdbx_synchrotron_beamline   X6A 
_diffrn_source.pdbx_synchrotron_site       NSLS 
# 
_reflns.B_iso_Wilson_estimate                          ? 
_reflns.entry_id                                       7Q9Q 
_reflns.data_reduction_details                         ? 
_reflns.data_reduction_method                          ? 
_reflns.d_resolution_high                              1.45 
_reflns.d_resolution_low                               34.971 
_reflns.details                                        ? 
_reflns.limit_h_max                                    ? 
_reflns.limit_h_min                                    ? 
_reflns.limit_k_max                                    ? 
_reflns.limit_k_min                                    ? 
_reflns.limit_l_max                                    ? 
_reflns.limit_l_min                                    ? 
_reflns.number_all                                     ? 
_reflns.number_obs                                     24436 
_reflns.observed_criterion                             ? 
_reflns.observed_criterion_F_max                       ? 
_reflns.observed_criterion_F_min                       ? 
_reflns.observed_criterion_I_max                       ? 
_reflns.observed_criterion_I_min                       ? 
_reflns.observed_criterion_sigma_F                     ? 
_reflns.observed_criterion_sigma_I                     ? 
_reflns.percent_possible_obs                           95.9 
_reflns.R_free_details                                 ? 
_reflns.Rmerge_F_all                                   ? 
_reflns.Rmerge_F_obs                                   ? 
_reflns.Friedel_coverage                               ? 
_reflns.number_gt                                      ? 
_reflns.threshold_expression                           ? 
_reflns.pdbx_redundancy                                3.5 
_reflns.pdbx_Rmerge_I_obs                              ? 
_reflns.pdbx_Rmerge_I_all                              ? 
_reflns.pdbx_Rsym_value                                ? 
_reflns.pdbx_netI_over_av_sigmaI                       ? 
_reflns.pdbx_netI_over_sigmaI                          17.98 
_reflns.pdbx_res_netI_over_av_sigmaI_2                 ? 
_reflns.pdbx_res_netI_over_sigmaI_2                    ? 
_reflns.pdbx_chi_squared                               ? 
_reflns.pdbx_scaling_rejects                           ? 
_reflns.pdbx_d_res_high_opt                            ? 
_reflns.pdbx_d_res_low_opt                             ? 
_reflns.pdbx_d_res_opt_method                          ? 
_reflns.phase_calculation_details                      ? 
_reflns.pdbx_Rrim_I_all                                ? 
_reflns.pdbx_Rpim_I_all                                ? 
_reflns.pdbx_d_opt                                     ? 
_reflns.pdbx_number_measured_all                       ? 
_reflns.pdbx_diffrn_id                                 1 
_reflns.pdbx_ordinal                                   1 
_reflns.pdbx_CC_half                                   1 
_reflns.pdbx_CC_star                                   ? 
_reflns.pdbx_R_split                                   ? 
_reflns.pdbx_aniso_diffraction_limit_axis_1_ortho[1]   ? 
_reflns.pdbx_aniso_diffraction_limit_axis_1_ortho[2]   ? 
_reflns.pdbx_aniso_diffraction_limit_axis_1_ortho[3]   ? 
_reflns.pdbx_aniso_diffraction_limit_axis_2_ortho[1]   ? 
_reflns.pdbx_aniso_diffraction_limit_axis_2_ortho[2]   ? 
_reflns.pdbx_aniso_diffraction_limit_axis_2_ortho[3]   ? 
_reflns.pdbx_aniso_diffraction_limit_axis_3_ortho[1]   ? 
_reflns.pdbx_aniso_diffraction_limit_axis_3_ortho[2]   ? 
_reflns.pdbx_aniso_diffraction_limit_axis_3_ortho[3]   ? 
_reflns.pdbx_aniso_diffraction_limit_1                 ? 
_reflns.pdbx_aniso_diffraction_limit_2                 ? 
_reflns.pdbx_aniso_diffraction_limit_3                 ? 
_reflns.pdbx_aniso_B_tensor_eigenvector_1_ortho[1]     ? 
_reflns.pdbx_aniso_B_tensor_eigenvector_1_ortho[2]     ? 
_reflns.pdbx_aniso_B_tensor_eigenvector_1_ortho[3]     ? 
_reflns.pdbx_aniso_B_tensor_eigenvector_2_ortho[1]     ? 
_reflns.pdbx_aniso_B_tensor_eigenvector_2_ortho[2]     ? 
_reflns.pdbx_aniso_B_tensor_eigenvector_2_ortho[3]     ? 
_reflns.pdbx_aniso_B_tensor_eigenvector_3_ortho[1]     ? 
_reflns.pdbx_aniso_B_tensor_eigenvector_3_ortho[2]     ? 
_reflns.pdbx_aniso_B_tensor_eigenvector_3_ortho[3]     ? 
_reflns.pdbx_aniso_B_tensor_eigenvalue_1               ? 
_reflns.pdbx_aniso_B_tensor_eigenvalue_2               ? 
_reflns.pdbx_aniso_B_tensor_eigenvalue_3               ? 
_reflns.pdbx_orthogonalization_convention              ? 
_reflns.pdbx_percent_possible_ellipsoidal              ? 
_reflns.pdbx_percent_possible_spherical                ? 
_reflns.pdbx_percent_possible_ellipsoidal_anomalous    ? 
_reflns.pdbx_percent_possible_spherical_anomalous      ? 
_reflns.pdbx_redundancy_anomalous                      ? 
_reflns.pdbx_CC_half_anomalous                         ? 
_reflns.pdbx_absDiff_over_sigma_anomalous              ? 
_reflns.pdbx_percent_possible_anomalous                ? 
_reflns.pdbx_observed_signal_threshold                 ? 
_reflns.pdbx_signal_type                               ? 
_reflns.pdbx_signal_details                            ? 
_reflns.pdbx_signal_software_id                        ? 
# 
_reflns_shell.d_res_high                                    1.45 
_reflns_shell.d_res_low                                     1.49 
_reflns_shell.meanI_over_sigI_all                           ? 
_reflns_shell.meanI_over_sigI_obs                           ? 
_reflns_shell.number_measured_all                           ? 
_reflns_shell.number_measured_obs                           ? 
_reflns_shell.number_possible                               ? 
_reflns_shell.number_unique_all                             ? 
_reflns_shell.number_unique_obs                             1715 
_reflns_shell.percent_possible_all                          ? 
_reflns_shell.percent_possible_obs                          ? 
_reflns_shell.Rmerge_F_all                                  ? 
_reflns_shell.Rmerge_F_obs                                  ? 
_reflns_shell.Rmerge_I_all                                  ? 
_reflns_shell.Rmerge_I_obs                                  ? 
_reflns_shell.meanI_over_sigI_gt                            ? 
_reflns_shell.meanI_over_uI_all                             ? 
_reflns_shell.meanI_over_uI_gt                              ? 
_reflns_shell.number_measured_gt                            ? 
_reflns_shell.number_unique_gt                              ? 
_reflns_shell.percent_possible_gt                           ? 
_reflns_shell.Rmerge_F_gt                                   ? 
_reflns_shell.Rmerge_I_gt                                   ? 
_reflns_shell.pdbx_redundancy                               ? 
_reflns_shell.pdbx_Rsym_value                               ? 
_reflns_shell.pdbx_chi_squared                              ? 
_reflns_shell.pdbx_netI_over_sigmaI_all                     ? 
_reflns_shell.pdbx_netI_over_sigmaI_obs                     ? 
_reflns_shell.pdbx_Rrim_I_all                               ? 
_reflns_shell.pdbx_Rpim_I_all                               ? 
_reflns_shell.pdbx_rejects                                  ? 
_reflns_shell.pdbx_ordinal                                  1 
_reflns_shell.pdbx_diffrn_id                                1 
_reflns_shell.pdbx_CC_half                                  0.669 
_reflns_shell.pdbx_CC_star                                  ? 
_reflns_shell.pdbx_R_split                                  ? 
_reflns_shell.pdbx_percent_possible_ellipsoidal             ? 
_reflns_shell.pdbx_percent_possible_spherical               ? 
_reflns_shell.pdbx_percent_possible_ellipsoidal_anomalous   ? 
_reflns_shell.pdbx_percent_possible_spherical_anomalous     ? 
_reflns_shell.pdbx_redundancy_anomalous                     ? 
_reflns_shell.pdbx_CC_half_anomalous                        ? 
_reflns_shell.pdbx_absDiff_over_sigma_anomalous             ? 
_reflns_shell.pdbx_percent_possible_anomalous               ? 
# 
_refine.aniso_B[1][1]                            -1.546 
_refine.aniso_B[1][2]                            0.939 
_refine.aniso_B[1][3]                            -0.111 
_refine.aniso_B[2][2]                            0.583 
_refine.aniso_B[2][3]                            -0.592 
_refine.aniso_B[3][3]                            1.126 
_refine.B_iso_max                                ? 
_refine.B_iso_mean                               29.697 
_refine.B_iso_min                                ? 
_refine.correlation_coeff_Fo_to_Fc               0.962 
_refine.correlation_coeff_Fo_to_Fc_free          0.944 
_refine.details                                  'Hydrogens have been added in their riding positions' 
_refine.diff_density_max                         ? 
_refine.diff_density_max_esd                     ? 
_refine.diff_density_min                         ? 
_refine.diff_density_min_esd                     ? 
_refine.diff_density_rms                         ? 
_refine.diff_density_rms_esd                     ? 
_refine.entry_id                                 7Q9Q 
_refine.pdbx_refine_id                           'X-RAY DIFFRACTION' 
_refine.ls_abs_structure_details                 ? 
_refine.ls_abs_structure_Flack                   ? 
_refine.ls_abs_structure_Flack_esd               ? 
_refine.ls_abs_structure_Rogers                  ? 
_refine.ls_abs_structure_Rogers_esd              ? 
_refine.ls_d_res_high                            1.450 
_refine.ls_d_res_low                             34.971 
_refine.ls_extinction_coef                       ? 
_refine.ls_extinction_coef_esd                   ? 
_refine.ls_extinction_expression                 ? 
_refine.ls_extinction_method                     ? 
_refine.ls_goodness_of_fit_all                   ? 
_refine.ls_goodness_of_fit_all_esd               ? 
_refine.ls_goodness_of_fit_obs                   ? 
_refine.ls_goodness_of_fit_obs_esd               ? 
_refine.ls_hydrogen_treatment                    ? 
_refine.ls_matrix_type                           ? 
_refine.ls_number_constraints                    ? 
_refine.ls_number_parameters                     ? 
_refine.ls_number_reflns_all                     ? 
_refine.ls_number_reflns_obs                     24436 
_refine.ls_number_reflns_R_free                  1222 
_refine.ls_number_reflns_R_work                  23214 
_refine.ls_number_restraints                     ? 
_refine.ls_percent_reflns_obs                    96.193 
_refine.ls_percent_reflns_R_free                 5.001 
_refine.ls_R_factor_all                          0.228 
_refine.ls_R_factor_obs                          ? 
_refine.ls_R_factor_R_free                       0.2736 
_refine.ls_R_factor_R_free_error                 ? 
_refine.ls_R_factor_R_free_error_details         ? 
_refine.ls_R_factor_R_work                       0.2251 
_refine.ls_R_Fsqd_factor_obs                     ? 
_refine.ls_R_I_factor_obs                        ? 
_refine.ls_redundancy_reflns_all                 ? 
_refine.ls_redundancy_reflns_obs                 ? 
_refine.ls_restrained_S_all                      ? 
_refine.ls_restrained_S_obs                      ? 
_refine.ls_shift_over_esd_max                    ? 
_refine.ls_shift_over_esd_mean                   ? 
_refine.ls_structure_factor_coef                 ? 
_refine.ls_weighting_details                     ? 
_refine.ls_weighting_scheme                      ? 
_refine.ls_wR_factor_all                         ? 
_refine.ls_wR_factor_obs                         ? 
_refine.ls_wR_factor_R_free                      0.248 
_refine.ls_wR_factor_R_work                      0.201 
_refine.occupancy_max                            ? 
_refine.occupancy_min                            ? 
_refine.solvent_model_details                    'MASK BULK SOLVENT' 
_refine.solvent_model_param_bsol                 ? 
_refine.solvent_model_param_ksol                 ? 
_refine.pdbx_R_complete                          ? 
_refine.ls_R_factor_gt                           ? 
_refine.ls_goodness_of_fit_gt                    ? 
_refine.ls_goodness_of_fit_ref                   ? 
_refine.ls_shift_over_su_max                     ? 
_refine.ls_shift_over_su_max_lt                  ? 
_refine.ls_shift_over_su_mean                    ? 
_refine.ls_shift_over_su_mean_lt                 ? 
_refine.pdbx_ls_sigma_I                          ? 
_refine.pdbx_ls_sigma_F                          ? 
_refine.pdbx_ls_sigma_Fsqd                       ? 
_refine.pdbx_data_cutoff_high_absF               ? 
_refine.pdbx_data_cutoff_high_rms_absF           ? 
_refine.pdbx_data_cutoff_low_absF                ? 
_refine.pdbx_isotropic_thermal_model             ? 
_refine.pdbx_ls_cross_valid_method               'FREE R-VALUE' 
_refine.pdbx_method_to_determine_struct          'MOLECULAR REPLACEMENT' 
_refine.pdbx_starting_model                      5TB5 
_refine.pdbx_stereochemistry_target_values       ? 
_refine.pdbx_R_Free_selection_details            ? 
_refine.pdbx_stereochem_target_val_spec_case     ? 
_refine.pdbx_overall_ESU_R                       0.094 
_refine.pdbx_overall_ESU_R_Free                  0.100 
_refine.pdbx_solvent_vdw_probe_radii             1.200 
_refine.pdbx_solvent_ion_probe_radii             0.800 
_refine.pdbx_solvent_shrinkage_radii             0.800 
_refine.pdbx_real_space_R                        ? 
_refine.pdbx_density_correlation                 ? 
_refine.pdbx_pd_number_of_powder_patterns        ? 
_refine.pdbx_pd_number_of_points                 ? 
_refine.pdbx_pd_meas_number_of_points            ? 
_refine.pdbx_pd_proc_ls_prof_R_factor            ? 
_refine.pdbx_pd_proc_ls_prof_wR_factor           ? 
_refine.pdbx_pd_Marquardt_correlation_coeff      ? 
_refine.pdbx_pd_Fsqrd_R_factor                   ? 
_refine.pdbx_pd_ls_matrix_band_width             ? 
_refine.pdbx_overall_phase_error                 ? 
_refine.pdbx_overall_SU_R_free_Cruickshank_DPI   ? 
_refine.pdbx_overall_SU_R_free_Blow_DPI          ? 
_refine.pdbx_overall_SU_R_Blow_DPI               ? 
_refine.pdbx_TLS_residual_ADP_flag               ? 
_refine.pdbx_diffrn_id                           1 
_refine.overall_SU_B                             2.617 
_refine.overall_SU_ML                            0.096 
_refine.overall_SU_R_Cruickshank_DPI             ? 
_refine.overall_SU_R_free                        ? 
_refine.overall_FOM_free_R_set                   ? 
_refine.overall_FOM_work_R_set                   ? 
_refine.pdbx_average_fsc_overall                 ? 
_refine.pdbx_average_fsc_work                    0.8215 
_refine.pdbx_average_fsc_free                    0.8000 
# 
_refine_hist.pdbx_refine_id                   'X-RAY DIFFRACTION' 
_refine_hist.cycle_id                         LAST 
_refine_hist.details                          ? 
_refine_hist.d_res_high                       1.450 
_refine_hist.d_res_low                        34.971 
_refine_hist.number_atoms_solvent             115 
_refine_hist.number_atoms_total               1363 
_refine_hist.number_reflns_all                ? 
_refine_hist.number_reflns_obs                ? 
_refine_hist.number_reflns_R_free             ? 
_refine_hist.number_reflns_R_work             ? 
_refine_hist.R_factor_all                     ? 
_refine_hist.R_factor_obs                     ? 
_refine_hist.R_factor_R_free                  ? 
_refine_hist.R_factor_R_work                  ? 
_refine_hist.pdbx_number_residues_total       ? 
_refine_hist.pdbx_B_iso_mean_ligand           ? 
_refine_hist.pdbx_B_iso_mean_solvent          ? 
_refine_hist.pdbx_number_atoms_protein        1208 
_refine_hist.pdbx_number_atoms_nucleic_acid   0 
_refine_hist.pdbx_number_atoms_ligand         40 
_refine_hist.pdbx_number_atoms_lipid          ? 
_refine_hist.pdbx_number_atoms_carb           ? 
_refine_hist.pdbx_pseudo_atom_details         ? 
# 
loop_
_refine_ls_restr.pdbx_refine_id 
_refine_ls_restr.criterion 
_refine_ls_restr.dev_ideal 
_refine_ls_restr.dev_ideal_target 
_refine_ls_restr.number 
_refine_ls_restr.rejects 
_refine_ls_restr.type 
_refine_ls_restr.weight 
_refine_ls_restr.pdbx_restraint_function 
'X-RAY DIFFRACTION' ? 0.000  0.013  1290 ? r_bond_refined_d               ? ? 
'X-RAY DIFFRACTION' ? 0.000  0.017  1237 ? r_bond_other_d                 ? ? 
'X-RAY DIFFRACTION' ? 1.839  1.654  1726 ? r_angle_refined_deg            ? ? 
'X-RAY DIFFRACTION' ? 1.663  1.584  2857 ? r_angle_other_deg              ? ? 
'X-RAY DIFFRACTION' ? 6.659  5.000  150  ? r_dihedral_angle_1_deg         ? ? 
'X-RAY DIFFRACTION' ? 36.333 21.184 76   ? r_dihedral_angle_2_deg         ? ? 
'X-RAY DIFFRACTION' ? 15.033 15.000 232  ? r_dihedral_angle_3_deg         ? ? 
'X-RAY DIFFRACTION' ? 8.193  15.000 10   ? r_dihedral_angle_4_deg         ? ? 
'X-RAY DIFFRACTION' ? 0.083  0.200  159  ? r_chiral_restr                 ? ? 
'X-RAY DIFFRACTION' ? 0.012  0.020  1424 ? r_gen_planes_refined           ? ? 
'X-RAY DIFFRACTION' ? 0.009  0.020  294  ? r_gen_planes_other             ? ? 
'X-RAY DIFFRACTION' ? 0.205  0.200  207  ? r_nbd_refined                  ? ? 
'X-RAY DIFFRACTION' ? 0.212  0.200  1121 ? r_symmetry_nbd_other           ? ? 
'X-RAY DIFFRACTION' ? 0.172  0.200  569  ? r_nbtor_refined                ? ? 
'X-RAY DIFFRACTION' ? 0.084  0.200  627  ? r_symmetry_nbtor_other         ? ? 
'X-RAY DIFFRACTION' ? 0.182  0.200  73   ? r_xyhbond_nbd_refined          ? ? 
'X-RAY DIFFRACTION' ? 0.244  0.200  1    ? r_symmetry_xyhbond_nbd_other   ? ? 
'X-RAY DIFFRACTION' ? 0.131  0.200  7    ? r_symmetry_nbd_refined         ? ? 
'X-RAY DIFFRACTION' ? 0.193  0.200  30   ? r_nbd_other                    ? ? 
'X-RAY DIFFRACTION' ? 0.146  0.200  14   ? r_symmetry_xyhbond_nbd_refined ? ? 
'X-RAY DIFFRACTION' ? 2.478  2.891  603  ? r_mcbond_it                    ? ? 
'X-RAY DIFFRACTION' ? 2.474  2.891  603  ? r_mcbond_other                 ? ? 
'X-RAY DIFFRACTION' ? 3.376  4.309  752  ? r_mcangle_it                   ? ? 
'X-RAY DIFFRACTION' ? 3.376  4.318  753  ? r_mcangle_other                ? ? 
'X-RAY DIFFRACTION' ? 3.228  3.212  687  ? r_scbond_it                    ? ? 
'X-RAY DIFFRACTION' ? 3.226  3.218  688  ? r_scbond_other                 ? ? 
'X-RAY DIFFRACTION' ? 4.751  4.676  974  ? r_scangle_it                   ? ? 
'X-RAY DIFFRACTION' ? 4.749  4.683  975  ? r_scangle_other                ? ? 
'X-RAY DIFFRACTION' ? 6.140  33.521 1372 ? r_lrange_it                    ? ? 
'X-RAY DIFFRACTION' ? 6.117  33.375 1362 ? r_lrange_other                 ? ? 
# 
loop_
_refine_ls_shell.pdbx_refine_id 
_refine_ls_shell.d_res_high 
_refine_ls_shell.d_res_low 
_refine_ls_shell.number_reflns_all 
_refine_ls_shell.number_reflns_obs 
_refine_ls_shell.number_reflns_R_free 
_refine_ls_shell.number_reflns_R_work 
_refine_ls_shell.percent_reflns_obs 
_refine_ls_shell.percent_reflns_R_free 
_refine_ls_shell.R_factor_all 
_refine_ls_shell.R_factor_obs 
_refine_ls_shell.R_factor_R_free 
_refine_ls_shell.R_factor_R_free_error 
_refine_ls_shell.R_factor_R_work 
_refine_ls_shell.redundancy_reflns_all 
_refine_ls_shell.redundancy_reflns_obs 
_refine_ls_shell.wR_factor_all 
_refine_ls_shell.wR_factor_obs 
_refine_ls_shell.wR_factor_R_free 
_refine_ls_shell.wR_factor_R_work 
_refine_ls_shell.pdbx_R_complete 
_refine_ls_shell.pdbx_total_number_of_bins_used 
_refine_ls_shell.pdbx_phase_error 
_refine_ls_shell.pdbx_fsc_work 
_refine_ls_shell.pdbx_fsc_free 
'X-RAY DIFFRACTION' 1.450 1.488  1837 . 86 1627 93.2499 . 0.370 . 0.392 . 0.368 . . . . . 0.346 . 20 . 0.488 0.492 
'X-RAY DIFFRACTION' 1.488 1.528  1893 . 89 1698 94.4004 . 0.354 . 0.369 . 0.354 . . . . . 0.331 . 20 . 0.622 0.610 
'X-RAY DIFFRACTION' 1.528 1.573  1737 . 82 1565 94.8186 . 0.322 . 0.352 . 0.320 . . . . . 0.291 . 20 . 0.719 0.677 
'X-RAY DIFFRACTION' 1.573 1.621  1737 . 82 1559 94.4732 . 0.295 . 0.370 . 0.291 . . . . . 0.260 . 20 . 0.782 0.771 
'X-RAY DIFFRACTION' 1.621 1.674  1678 . 80 1512 94.8749 . 0.279 . 0.346 . 0.275 . . . . . 0.245 . 20 . 0.829 0.817 
'X-RAY DIFFRACTION' 1.674 1.732  1630 . 78 1478 95.4601 . 0.256 . 0.345 . 0.252 . . . . . 0.220 . 20 . 0.860 0.794 
'X-RAY DIFFRACTION' 1.732 1.798  1552 . 74 1417 96.0696 . 0.256 . 0.341 . 0.252 . . . . . 0.219 . 20 . 0.867 0.821 
'X-RAY DIFFRACTION' 1.798 1.871  1516 . 73 1386 96.2401 . 0.263 . 0.359 . 0.259 . . . . . 0.225 . 20 . 0.851 0.810 
'X-RAY DIFFRACTION' 1.871 1.954  1429 . 69 1309 96.4311 . 0.256 . 0.320 . 0.252 . . . . . 0.221 . 20 . 0.866 0.836 
'X-RAY DIFFRACTION' 1.954 2.049  1382 . 67 1271 96.8162 . 0.239 . 0.282 . 0.237 . . . . . 0.210 . 20 . 0.903 0.896 
'X-RAY DIFFRACTION' 2.049 2.159  1301 . 63 1198 96.9254 . 0.223 . 0.267 . 0.221 . . . . . 0.191 . 20 . 0.923 0.891 
'X-RAY DIFFRACTION' 2.159 2.290  1254 . 61 1160 97.3684 . 0.229 . 0.248 . 0.228 . . . . . 0.204 . 20 . 0.916 0.923 
'X-RAY DIFFRACTION' 2.290 2.447  1160 . 57 1074 97.5000 . 0.229 . 0.287 . 0.226 . . . . . 0.202 . 20 . 0.900 0.867 
'X-RAY DIFFRACTION' 2.447 2.642  1100 . 54 1022 97.8182 . 0.236 . 0.338 . 0.230 . . . . . 0.211 . 20 . 0.895 0.865 
'X-RAY DIFFRACTION' 2.642 2.893  1004 . 49 937  98.2072 . 0.239 . 0.294 . 0.237 . . . . . 0.218 . 20 . 0.892 0.871 
'X-RAY DIFFRACTION' 2.893 3.231  892  . 44 835  98.5426 . 0.239 . 0.244 . 0.239 . . . . . 0.219 . 20 . 0.897 0.909 
'X-RAY DIFFRACTION' 3.231 3.726  794  . 39 748  99.1184 . 0.212 . 0.246 . 0.210 . . . . . 0.202 . 20 . 0.937 0.920 
'X-RAY DIFFRACTION' 3.726 4.550  680  . 34 641  99.2647 . 0.177 . 0.179 . 0.176 . . . . . 0.168 . 20 . 0.955 0.954 
'X-RAY DIFFRACTION' 4.550 6.381  530  . 26 499  99.0566 . 0.201 . 0.288 . 0.196 . . . . . 0.193 . 20 . 0.937 0.938 
'X-RAY DIFFRACTION' 6.381 34.971 292  . 15 273  98.6301 . 0.215 . 0.274 . 0.211 . . . . . 0.210 . 20 . 0.900 0.896 
# 
_struct.entry_id                     7Q9Q 
_struct.title                        'Crystal structure of PDE6D Geranylgeranylated cystein complex' 
_struct.pdbx_model_details           ? 
_struct.pdbx_formula_weight          ? 
_struct.pdbx_formula_weight_method   ? 
_struct.pdbx_model_type_details      ? 
_struct.pdbx_CASP_flag               N 
# 
_struct_keywords.entry_id        7Q9Q 
_struct_keywords.text            'Complex, TRANSPORT PROTEIN' 
_struct_keywords.pdbx_keywords   'TRANSPORT PROTEIN' 
# 
loop_
_struct_asym.id 
_struct_asym.pdbx_blank_PDB_chainid_flag 
_struct_asym.pdbx_modified 
_struct_asym.entity_id 
_struct_asym.details 
A N N 1 ? 
B N N 2 ? 
C N N 3 ? 
D N N 4 ? 
E N N 3 ? 
F N N 3 ? 
G N N 5 ? 
# 
_struct_ref.id                         1 
_struct_ref.db_name                    UNP 
_struct_ref.db_code                    PDE6D_HUMAN 
_struct_ref.pdbx_db_accession          O43924 
_struct_ref.pdbx_db_isoform            ? 
_struct_ref.entity_id                  1 
_struct_ref.pdbx_seq_one_letter_code   
;SAKDERAREILRGFKLNWMNLRDAETGKILWQGTEDLSVPGVEHEARVPKKILKCKAVSRELNFSSTEQMEKFRLEQKVY
FKGQCLEEWFFEFGFVIPNSTNTWQSLIEAAPESQMMPASVLTGNVIIETKFFDDDLLVSTSRVRLFYV
;
_struct_ref.pdbx_align_begin           2 
# 
_struct_ref_seq.align_id                      1 
_struct_ref_seq.ref_id                        1 
_struct_ref_seq.pdbx_PDB_id_code              7Q9Q 
_struct_ref_seq.pdbx_strand_id                BBB 
_struct_ref_seq.seq_align_beg                 5 
_struct_ref_seq.pdbx_seq_align_beg_ins_code   ? 
_struct_ref_seq.seq_align_end                 153 
_struct_ref_seq.pdbx_seq_align_end_ins_code   ? 
_struct_ref_seq.pdbx_db_accession             O43924 
_struct_ref_seq.db_align_beg                  2 
_struct_ref_seq.pdbx_db_align_beg_ins_code    ? 
_struct_ref_seq.db_align_end                  150 
_struct_ref_seq.pdbx_db_align_end_ins_code    ? 
_struct_ref_seq.pdbx_auth_seq_align_beg       2 
_struct_ref_seq.pdbx_auth_seq_align_end       150 
# 
loop_
_struct_ref_seq_dif.align_id 
_struct_ref_seq_dif.pdbx_pdb_id_code 
_struct_ref_seq_dif.mon_id 
_struct_ref_seq_dif.pdbx_pdb_strand_id 
_struct_ref_seq_dif.seq_num 
_struct_ref_seq_dif.pdbx_pdb_ins_code 
_struct_ref_seq_dif.pdbx_seq_db_name 
_struct_ref_seq_dif.pdbx_seq_db_accession_code 
_struct_ref_seq_dif.db_mon_id 
_struct_ref_seq_dif.pdbx_seq_db_seq_num 
_struct_ref_seq_dif.details 
_struct_ref_seq_dif.pdbx_auth_seq_num 
_struct_ref_seq_dif.pdbx_ordinal 
1 7Q9Q GLY BBB 1 ? UNP O43924 ? ? 'expression tag' -2 1 
1 7Q9Q SER BBB 2 ? UNP O43924 ? ? 'expression tag' -1 2 
1 7Q9Q GLU BBB 3 ? UNP O43924 ? ? 'expression tag' 0  3 
1 7Q9Q PHE BBB 4 ? UNP O43924 ? ? 'expression tag' 1  4 
# 
_pdbx_struct_assembly.id                   1 
_pdbx_struct_assembly.details              author_and_software_defined_assembly 
_pdbx_struct_assembly.method_details       PISA 
_pdbx_struct_assembly.oligomeric_details   monomeric 
_pdbx_struct_assembly.oligomeric_count     1 
# 
loop_
_pdbx_struct_assembly_prop.biol_id 
_pdbx_struct_assembly_prop.type 
_pdbx_struct_assembly_prop.value 
_pdbx_struct_assembly_prop.details 
1 'ABSA (A^2)' 1510 ? 
1 MORE         18   ? 
1 'SSA (A^2)'  8160 ? 
# 
_pdbx_struct_assembly_gen.assembly_id       1 
_pdbx_struct_assembly_gen.oper_expression   1 
_pdbx_struct_assembly_gen.asym_id_list      A,B,C,D,E,F,G 
# 
_pdbx_struct_assembly_auth_evidence.id                     1 
_pdbx_struct_assembly_auth_evidence.assembly_id            1 
_pdbx_struct_assembly_auth_evidence.experimental_support   'isothermal titration calorimetry' 
_pdbx_struct_assembly_auth_evidence.details                ? 
# 
_pdbx_struct_oper_list.id                   1 
_pdbx_struct_oper_list.type                 'identity operation' 
_pdbx_struct_oper_list.name                 1_555 
_pdbx_struct_oper_list.symmetry_operation   x,y,z 
_pdbx_struct_oper_list.matrix[1][1]         1.0000000000 
_pdbx_struct_oper_list.matrix[1][2]         0.0000000000 
_pdbx_struct_oper_list.matrix[1][3]         0.0000000000 
_pdbx_struct_oper_list.vector[1]            0.0000000000 
_pdbx_struct_oper_list.matrix[2][1]         0.0000000000 
_pdbx_struct_oper_list.matrix[2][2]         1.0000000000 
_pdbx_struct_oper_list.matrix[2][3]         0.0000000000 
_pdbx_struct_oper_list.vector[2]            0.0000000000 
_pdbx_struct_oper_list.matrix[3][1]         0.0000000000 
_pdbx_struct_oper_list.matrix[3][2]         0.0000000000 
_pdbx_struct_oper_list.matrix[3][3]         1.0000000000 
_pdbx_struct_oper_list.vector[3]            0.0000000000 
# 
loop_
_struct_conf.conf_type_id 
_struct_conf.id 
_struct_conf.pdbx_PDB_helix_id 
_struct_conf.beg_label_comp_id 
_struct_conf.beg_label_asym_id 
_struct_conf.beg_label_seq_id 
_struct_conf.pdbx_beg_PDB_ins_code 
_struct_conf.end_label_comp_id 
_struct_conf.end_label_asym_id 
_struct_conf.end_label_seq_id 
_struct_conf.pdbx_end_PDB_ins_code 
_struct_conf.beg_auth_comp_id 
_struct_conf.beg_auth_asym_id 
_struct_conf.beg_auth_seq_id 
_struct_conf.end_auth_comp_id 
_struct_conf.end_auth_asym_id 
_struct_conf.end_auth_seq_id 
_struct_conf.pdbx_PDB_helix_class 
_struct_conf.details 
_struct_conf.pdbx_PDB_helix_length 
HELX_P HELX_P1 AA1 SER A 5   ? GLY A 17  ? SER BBB 2   GLY BBB 14  1 ? 13 
HELX_P HELX_P2 AA2 LYS A 55  ? CYS A 59  ? LYS BBB 52  CYS BBB 56  5 ? 5  
HELX_P HELX_P3 AA3 PRO A 122 ? THR A 127 ? PRO BBB 119 THR BBB 124 1 ? 6  
# 
_struct_conf_type.id          HELX_P 
_struct_conf_type.criteria    ? 
_struct_conf_type.reference   ? 
# 
_struct_conn.id                            covale1 
_struct_conn.conn_type_id                  covale 
_struct_conn.pdbx_leaving_atom_flag        one 
_struct_conn.pdbx_PDB_id                   ? 
_struct_conn.ptnr1_label_asym_id           B 
_struct_conn.ptnr1_label_comp_id           CMT 
_struct_conn.ptnr1_label_seq_id            . 
_struct_conn.ptnr1_label_atom_id           SG 
_struct_conn.pdbx_ptnr1_label_alt_id       ? 
_struct_conn.pdbx_ptnr1_PDB_ins_code       ? 
_struct_conn.pdbx_ptnr1_standard_comp_id   ? 
_struct_conn.ptnr1_symmetry                1_555 
_struct_conn.ptnr2_label_asym_id           D 
_struct_conn.ptnr2_label_comp_id           GER 
_struct_conn.ptnr2_label_seq_id            . 
_struct_conn.ptnr2_label_atom_id           C1 
_struct_conn.pdbx_ptnr2_label_alt_id       ? 
_struct_conn.pdbx_ptnr2_PDB_ins_code       ? 
_struct_conn.ptnr1_auth_asym_id            BBB 
_struct_conn.ptnr1_auth_comp_id            CMT 
_struct_conn.ptnr1_auth_seq_id             201 
_struct_conn.ptnr2_auth_asym_id            BBB 
_struct_conn.ptnr2_auth_comp_id            GER 
_struct_conn.ptnr2_auth_seq_id             203 
_struct_conn.ptnr2_symmetry                1_555 
_struct_conn.pdbx_ptnr3_label_atom_id      ? 
_struct_conn.pdbx_ptnr3_label_seq_id       ? 
_struct_conn.pdbx_ptnr3_label_comp_id      ? 
_struct_conn.pdbx_ptnr3_label_asym_id      ? 
_struct_conn.pdbx_ptnr3_label_alt_id       ? 
_struct_conn.pdbx_ptnr3_PDB_ins_code       ? 
_struct_conn.details                       ? 
_struct_conn.pdbx_dist_value               1.610 
_struct_conn.pdbx_value_order              ? 
_struct_conn.pdbx_role                     ? 
# 
_struct_conn_type.id          covale 
_struct_conn_type.criteria    ? 
_struct_conn_type.reference   ? 
# 
loop_
_struct_sheet.id 
_struct_sheet.type 
_struct_sheet.number_strands 
_struct_sheet.details 
AA1 ? 4 ? 
AA2 ? 5 ? 
# 
loop_
_struct_sheet_order.sheet_id 
_struct_sheet_order.range_id_1 
_struct_sheet_order.range_id_2 
_struct_sheet_order.offset 
_struct_sheet_order.sense 
AA1 1 2 ? anti-parallel 
AA1 2 3 ? anti-parallel 
AA1 3 4 ? anti-parallel 
AA2 1 2 ? parallel      
AA2 2 3 ? anti-parallel 
AA2 3 4 ? anti-parallel 
AA2 4 5 ? anti-parallel 
# 
loop_
_struct_sheet_range.sheet_id 
_struct_sheet_range.id 
_struct_sheet_range.beg_label_comp_id 
_struct_sheet_range.beg_label_asym_id 
_struct_sheet_range.beg_label_seq_id 
_struct_sheet_range.pdbx_beg_PDB_ins_code 
_struct_sheet_range.end_label_comp_id 
_struct_sheet_range.end_label_asym_id 
_struct_sheet_range.end_label_seq_id 
_struct_sheet_range.pdbx_end_PDB_ins_code 
_struct_sheet_range.beg_auth_comp_id 
_struct_sheet_range.beg_auth_asym_id 
_struct_sheet_range.beg_auth_seq_id 
_struct_sheet_range.end_auth_comp_id 
_struct_sheet_range.end_auth_asym_id 
_struct_sheet_range.end_auth_seq_id 
AA1 1 ILE A 33  ? GLY A 37  ? ILE BBB 30  GLY BBB 34  
AA1 2 PHE A 18  ? ASP A 27  ? PHE BBB 15  ASP BBB 24  
AA1 3 ALA A 61  ? SER A 70  ? ALA BBB 58  SER BBB 67  
AA1 4 SER A 104 ? GLU A 113 ? SER BBB 101 GLU BBB 110 
AA2 1 GLU A 47  ? PRO A 53  ? GLU BBB 44  PRO BBB 50  
AA2 2 LEU A 141 ? VAL A 153 ? LEU BBB 138 VAL BBB 150 
AA2 3 VAL A 130 ? ASP A 138 ? VAL BBB 127 ASP BBB 135 
AA2 4 MET A 74  ? PHE A 85  ? MET BBB 71  PHE BBB 82  
AA2 5 GLN A 88  ? VAL A 100 ? GLN BBB 85  VAL BBB 97  
# 
loop_
_pdbx_struct_sheet_hbond.sheet_id 
_pdbx_struct_sheet_hbond.range_id_1 
_pdbx_struct_sheet_hbond.range_id_2 
_pdbx_struct_sheet_hbond.range_1_label_atom_id 
_pdbx_struct_sheet_hbond.range_1_label_comp_id 
_pdbx_struct_sheet_hbond.range_1_label_asym_id 
_pdbx_struct_sheet_hbond.range_1_label_seq_id 
_pdbx_struct_sheet_hbond.range_1_PDB_ins_code 
_pdbx_struct_sheet_hbond.range_1_auth_atom_id 
_pdbx_struct_sheet_hbond.range_1_auth_comp_id 
_pdbx_struct_sheet_hbond.range_1_auth_asym_id 
_pdbx_struct_sheet_hbond.range_1_auth_seq_id 
_pdbx_struct_sheet_hbond.range_2_label_atom_id 
_pdbx_struct_sheet_hbond.range_2_label_comp_id 
_pdbx_struct_sheet_hbond.range_2_label_asym_id 
_pdbx_struct_sheet_hbond.range_2_label_seq_id 
_pdbx_struct_sheet_hbond.range_2_PDB_ins_code 
_pdbx_struct_sheet_hbond.range_2_auth_atom_id 
_pdbx_struct_sheet_hbond.range_2_auth_comp_id 
_pdbx_struct_sheet_hbond.range_2_auth_asym_id 
_pdbx_struct_sheet_hbond.range_2_auth_seq_id 
AA1 1 2 O LEU A 34  ? O LEU BBB 31  N LEU A 25  ? N LEU BBB 22  
AA1 2 3 N TRP A 22  ? N TRP BBB 19  O ASN A 67  ? O ASN BBB 64  
AA1 3 4 N VAL A 62  ? N VAL BBB 59  O ILE A 112 ? O ILE BBB 109 
AA2 1 2 N VAL A 52  ? N VAL BBB 49  O PHE A 151 ? O PHE BBB 148 
AA2 2 3 O SER A 146 ? O SER BBB 143 N THR A 134 ? N THR BBB 131 
AA2 3 4 O LYS A 135 ? O LYS BBB 132 N GLU A 80  ? N GLU BBB 77  
AA2 4 5 N GLN A 81  ? N GLN BBB 78  O TRP A 93  ? O TRP BBB 90  
# 
_pdbx_validate_torsion.id              1 
_pdbx_validate_torsion.PDB_model_num   1 
_pdbx_validate_torsion.auth_comp_id    ASP 
_pdbx_validate_torsion.auth_asym_id    BBB 
_pdbx_validate_torsion.auth_seq_id     136 
_pdbx_validate_torsion.PDB_ins_code    ? 
_pdbx_validate_torsion.label_alt_id    ? 
_pdbx_validate_torsion.phi             68.31 
_pdbx_validate_torsion.psi             -109.47 
# 
_pdbx_entry_details.entry_id                 7Q9Q 
_pdbx_entry_details.nonpolymer_details       ? 
_pdbx_entry_details.sequence_details         ? 
_pdbx_entry_details.compound_details         ? 
_pdbx_entry_details.source_details           ? 
_pdbx_entry_details.has_ligand_of_interest   Y 
# 
loop_
_pdbx_unobs_or_zero_occ_residues.id 
_pdbx_unobs_or_zero_occ_residues.PDB_model_num 
_pdbx_unobs_or_zero_occ_residues.polymer_flag 
_pdbx_unobs_or_zero_occ_residues.occupancy_flag 
_pdbx_unobs_or_zero_occ_residues.auth_asym_id 
_pdbx_unobs_or_zero_occ_residues.auth_comp_id 
_pdbx_unobs_or_zero_occ_residues.auth_seq_id 
_pdbx_unobs_or_zero_occ_residues.PDB_ins_code 
_pdbx_unobs_or_zero_occ_residues.label_asym_id 
_pdbx_unobs_or_zero_occ_residues.label_comp_id 
_pdbx_unobs_or_zero_occ_residues.label_seq_id 
1 1 Y 1 BBB PRO 113 ? A PRO 116 
2 1 Y 1 BBB GLU 114 ? A GLU 117 
3 1 Y 1 BBB SER 115 ? A SER 118 
4 1 Y 1 BBB GLN 116 ? A GLN 119 
5 1 Y 1 BBB MET 117 ? A MET 120 
# 
loop_
_chem_comp_atom.comp_id 
_chem_comp_atom.atom_id 
_chem_comp_atom.type_symbol 
_chem_comp_atom.pdbx_aromatic_flag 
_chem_comp_atom.pdbx_stereo_config 
_chem_comp_atom.pdbx_ordinal 
ALA N    N N N 1   
ALA CA   C N S 2   
ALA C    C N N 3   
ALA O    O N N 4   
ALA CB   C N N 5   
ALA OXT  O N N 6   
ALA H    H N N 7   
ALA H2   H N N 8   
ALA HA   H N N 9   
ALA HB1  H N N 10  
ALA HB2  H N N 11  
ALA HB3  H N N 12  
ALA HXT  H N N 13  
ARG N    N N N 14  
ARG CA   C N S 15  
ARG C    C N N 16  
ARG O    O N N 17  
ARG CB   C N N 18  
ARG CG   C N N 19  
ARG CD   C N N 20  
ARG NE   N N N 21  
ARG CZ   C N N 22  
ARG NH1  N N N 23  
ARG NH2  N N N 24  
ARG OXT  O N N 25  
ARG H    H N N 26  
ARG H2   H N N 27  
ARG HA   H N N 28  
ARG HB2  H N N 29  
ARG HB3  H N N 30  
ARG HG2  H N N 31  
ARG HG3  H N N 32  
ARG HD2  H N N 33  
ARG HD3  H N N 34  
ARG HE   H N N 35  
ARG HH11 H N N 36  
ARG HH12 H N N 37  
ARG HH21 H N N 38  
ARG HH22 H N N 39  
ARG HXT  H N N 40  
ASN N    N N N 41  
ASN CA   C N S 42  
ASN C    C N N 43  
ASN O    O N N 44  
ASN CB   C N N 45  
ASN CG   C N N 46  
ASN OD1  O N N 47  
ASN ND2  N N N 48  
ASN OXT  O N N 49  
ASN H    H N N 50  
ASN H2   H N N 51  
ASN HA   H N N 52  
ASN HB2  H N N 53  
ASN HB3  H N N 54  
ASN HD21 H N N 55  
ASN HD22 H N N 56  
ASN HXT  H N N 57  
ASP N    N N N 58  
ASP CA   C N S 59  
ASP C    C N N 60  
ASP O    O N N 61  
ASP CB   C N N 62  
ASP CG   C N N 63  
ASP OD1  O N N 64  
ASP OD2  O N N 65  
ASP OXT  O N N 66  
ASP H    H N N 67  
ASP H2   H N N 68  
ASP HA   H N N 69  
ASP HB2  H N N 70  
ASP HB3  H N N 71  
ASP HD2  H N N 72  
ASP HXT  H N N 73  
CMT N    N N N 74  
CMT CA   C N R 75  
CMT C    C N N 76  
CMT O    O N N 77  
CMT CB   C N N 78  
CMT SG   S N N 79  
CMT OXT  O N N 80  
CMT C1   C N N 81  
CMT H    H N N 82  
CMT H2   H N N 83  
CMT HA   H N N 84  
CMT HB2  H N N 85  
CMT HB3  H N N 86  
CMT HG   H N N 87  
CMT H11  H N N 88  
CMT H12  H N N 89  
CMT H13  H N N 90  
CYS N    N N N 91  
CYS CA   C N R 92  
CYS C    C N N 93  
CYS O    O N N 94  
CYS CB   C N N 95  
CYS SG   S N N 96  
CYS OXT  O N N 97  
CYS H    H N N 98  
CYS H2   H N N 99  
CYS HA   H N N 100 
CYS HB2  H N N 101 
CYS HB3  H N N 102 
CYS HG   H N N 103 
CYS HXT  H N N 104 
EDO C1   C N N 105 
EDO O1   O N N 106 
EDO C2   C N N 107 
EDO O2   O N N 108 
EDO H11  H N N 109 
EDO H12  H N N 110 
EDO HO1  H N N 111 
EDO H21  H N N 112 
EDO H22  H N N 113 
EDO HO2  H N N 114 
GER C1   C N N 115 
GER C2   C N N 116 
GER C3   C N N 117 
GER C4   C N N 118 
GER C5   C N N 119 
GER C6   C N N 120 
GER C7   C N N 121 
GER C8   C N N 122 
GER C9   C N N 123 
GER C10  C N N 124 
GER C11  C N N 125 
GER C12  C N N 126 
GER C13  C N N 127 
GER C14  C N N 128 
GER C15  C N N 129 
GER C16  C N N 130 
GER C17  C N N 131 
GER C18  C N N 132 
GER C19  C N N 133 
GER C20  C N N 134 
GER H11  H N N 135 
GER H12  H N N 136 
GER H13  H N N 137 
GER H21  H N N 138 
GER H41  H N N 139 
GER H42  H N N 140 
GER H43  H N N 141 
GER H51  H N N 142 
GER H52  H N N 143 
GER H61  H N N 144 
GER H62  H N N 145 
GER H71  H N N 146 
GER H91  H N N 147 
GER H92  H N N 148 
GER H93  H N N 149 
GER H101 H N N 150 
GER H102 H N N 151 
GER H111 H N N 152 
GER H112 H N N 153 
GER H121 H N N 154 
GER H141 H N N 155 
GER H142 H N N 156 
GER H143 H N N 157 
GER H151 H N N 158 
GER H152 H N N 159 
GER H161 H N N 160 
GER H162 H N N 161 
GER H171 H N N 162 
GER H191 H N N 163 
GER H192 H N N 164 
GER H193 H N N 165 
GER H201 H N N 166 
GER H202 H N N 167 
GER H203 H N N 168 
GLN N    N N N 169 
GLN CA   C N S 170 
GLN C    C N N 171 
GLN O    O N N 172 
GLN CB   C N N 173 
GLN CG   C N N 174 
GLN CD   C N N 175 
GLN OE1  O N N 176 
GLN NE2  N N N 177 
GLN OXT  O N N 178 
GLN H    H N N 179 
GLN H2   H N N 180 
GLN HA   H N N 181 
GLN HB2  H N N 182 
GLN HB3  H N N 183 
GLN HG2  H N N 184 
GLN HG3  H N N 185 
GLN HE21 H N N 186 
GLN HE22 H N N 187 
GLN HXT  H N N 188 
GLU N    N N N 189 
GLU CA   C N S 190 
GLU C    C N N 191 
GLU O    O N N 192 
GLU CB   C N N 193 
GLU CG   C N N 194 
GLU CD   C N N 195 
GLU OE1  O N N 196 
GLU OE2  O N N 197 
GLU OXT  O N N 198 
GLU H    H N N 199 
GLU H2   H N N 200 
GLU HA   H N N 201 
GLU HB2  H N N 202 
GLU HB3  H N N 203 
GLU HG2  H N N 204 
GLU HG3  H N N 205 
GLU HE2  H N N 206 
GLU HXT  H N N 207 
GLY N    N N N 208 
GLY CA   C N N 209 
GLY C    C N N 210 
GLY O    O N N 211 
GLY OXT  O N N 212 
GLY H    H N N 213 
GLY H2   H N N 214 
GLY HA2  H N N 215 
GLY HA3  H N N 216 
GLY HXT  H N N 217 
HIS N    N N N 218 
HIS CA   C N S 219 
HIS C    C N N 220 
HIS O    O N N 221 
HIS CB   C N N 222 
HIS CG   C Y N 223 
HIS ND1  N Y N 224 
HIS CD2  C Y N 225 
HIS CE1  C Y N 226 
HIS NE2  N Y N 227 
HIS OXT  O N N 228 
HIS H    H N N 229 
HIS H2   H N N 230 
HIS HA   H N N 231 
HIS HB2  H N N 232 
HIS HB3  H N N 233 
HIS HD1  H N N 234 
HIS HD2  H N N 235 
HIS HE1  H N N 236 
HIS HE2  H N N 237 
HIS HXT  H N N 238 
HOH O    O N N 239 
HOH H1   H N N 240 
HOH H2   H N N 241 
ILE N    N N N 242 
ILE CA   C N S 243 
ILE C    C N N 244 
ILE O    O N N 245 
ILE CB   C N S 246 
ILE CG1  C N N 247 
ILE CG2  C N N 248 
ILE CD1  C N N 249 
ILE OXT  O N N 250 
ILE H    H N N 251 
ILE H2   H N N 252 
ILE HA   H N N 253 
ILE HB   H N N 254 
ILE HG12 H N N 255 
ILE HG13 H N N 256 
ILE HG21 H N N 257 
ILE HG22 H N N 258 
ILE HG23 H N N 259 
ILE HD11 H N N 260 
ILE HD12 H N N 261 
ILE HD13 H N N 262 
ILE HXT  H N N 263 
LEU N    N N N 264 
LEU CA   C N S 265 
LEU C    C N N 266 
LEU O    O N N 267 
LEU CB   C N N 268 
LEU CG   C N N 269 
LEU CD1  C N N 270 
LEU CD2  C N N 271 
LEU OXT  O N N 272 
LEU H    H N N 273 
LEU H2   H N N 274 
LEU HA   H N N 275 
LEU HB2  H N N 276 
LEU HB3  H N N 277 
LEU HG   H N N 278 
LEU HD11 H N N 279 
LEU HD12 H N N 280 
LEU HD13 H N N 281 
LEU HD21 H N N 282 
LEU HD22 H N N 283 
LEU HD23 H N N 284 
LEU HXT  H N N 285 
LYS N    N N N 286 
LYS CA   C N S 287 
LYS C    C N N 288 
LYS O    O N N 289 
LYS CB   C N N 290 
LYS CG   C N N 291 
LYS CD   C N N 292 
LYS CE   C N N 293 
LYS NZ   N N N 294 
LYS OXT  O N N 295 
LYS H    H N N 296 
LYS H2   H N N 297 
LYS HA   H N N 298 
LYS HB2  H N N 299 
LYS HB3  H N N 300 
LYS HG2  H N N 301 
LYS HG3  H N N 302 
LYS HD2  H N N 303 
LYS HD3  H N N 304 
LYS HE2  H N N 305 
LYS HE3  H N N 306 
LYS HZ1  H N N 307 
LYS HZ2  H N N 308 
LYS HZ3  H N N 309 
LYS HXT  H N N 310 
MET N    N N N 311 
MET CA   C N S 312 
MET C    C N N 313 
MET O    O N N 314 
MET CB   C N N 315 
MET CG   C N N 316 
MET SD   S N N 317 
MET CE   C N N 318 
MET OXT  O N N 319 
MET H    H N N 320 
MET H2   H N N 321 
MET HA   H N N 322 
MET HB2  H N N 323 
MET HB3  H N N 324 
MET HG2  H N N 325 
MET HG3  H N N 326 
MET HE1  H N N 327 
MET HE2  H N N 328 
MET HE3  H N N 329 
MET HXT  H N N 330 
PHE N    N N N 331 
PHE CA   C N S 332 
PHE C    C N N 333 
PHE O    O N N 334 
PHE CB   C N N 335 
PHE CG   C Y N 336 
PHE CD1  C Y N 337 
PHE CD2  C Y N 338 
PHE CE1  C Y N 339 
PHE CE2  C Y N 340 
PHE CZ   C Y N 341 
PHE OXT  O N N 342 
PHE H    H N N 343 
PHE H2   H N N 344 
PHE HA   H N N 345 
PHE HB2  H N N 346 
PHE HB3  H N N 347 
PHE HD1  H N N 348 
PHE HD2  H N N 349 
PHE HE1  H N N 350 
PHE HE2  H N N 351 
PHE HZ   H N N 352 
PHE HXT  H N N 353 
PRO N    N N N 354 
PRO CA   C N S 355 
PRO C    C N N 356 
PRO O    O N N 357 
PRO CB   C N N 358 
PRO CG   C N N 359 
PRO CD   C N N 360 
PRO OXT  O N N 361 
PRO H    H N N 362 
PRO HA   H N N 363 
PRO HB2  H N N 364 
PRO HB3  H N N 365 
PRO HG2  H N N 366 
PRO HG3  H N N 367 
PRO HD2  H N N 368 
PRO HD3  H N N 369 
PRO HXT  H N N 370 
SER N    N N N 371 
SER CA   C N S 372 
SER C    C N N 373 
SER O    O N N 374 
SER CB   C N N 375 
SER OG   O N N 376 
SER OXT  O N N 377 
SER H    H N N 378 
SER H2   H N N 379 
SER HA   H N N 380 
SER HB2  H N N 381 
SER HB3  H N N 382 
SER HG   H N N 383 
SER HXT  H N N 384 
THR N    N N N 385 
THR CA   C N S 386 
THR C    C N N 387 
THR O    O N N 388 
THR CB   C N R 389 
THR OG1  O N N 390 
THR CG2  C N N 391 
THR OXT  O N N 392 
THR H    H N N 393 
THR H2   H N N 394 
THR HA   H N N 395 
THR HB   H N N 396 
THR HG1  H N N 397 
THR HG21 H N N 398 
THR HG22 H N N 399 
THR HG23 H N N 400 
THR HXT  H N N 401 
TRP N    N N N 402 
TRP CA   C N S 403 
TRP C    C N N 404 
TRP O    O N N 405 
TRP CB   C N N 406 
TRP CG   C Y N 407 
TRP CD1  C Y N 408 
TRP CD2  C Y N 409 
TRP NE1  N Y N 410 
TRP CE2  C Y N 411 
TRP CE3  C Y N 412 
TRP CZ2  C Y N 413 
TRP CZ3  C Y N 414 
TRP CH2  C Y N 415 
TRP OXT  O N N 416 
TRP H    H N N 417 
TRP H2   H N N 418 
TRP HA   H N N 419 
TRP HB2  H N N 420 
TRP HB3  H N N 421 
TRP HD1  H N N 422 
TRP HE1  H N N 423 
TRP HE3  H N N 424 
TRP HZ2  H N N 425 
TRP HZ3  H N N 426 
TRP HH2  H N N 427 
TRP HXT  H N N 428 
TYR N    N N N 429 
TYR CA   C N S 430 
TYR C    C N N 431 
TYR O    O N N 432 
TYR CB   C N N 433 
TYR CG   C Y N 434 
TYR CD1  C Y N 435 
TYR CD2  C Y N 436 
TYR CE1  C Y N 437 
TYR CE2  C Y N 438 
TYR CZ   C Y N 439 
TYR OH   O N N 440 
TYR OXT  O N N 441 
TYR H    H N N 442 
TYR H2   H N N 443 
TYR HA   H N N 444 
TYR HB2  H N N 445 
TYR HB3  H N N 446 
TYR HD1  H N N 447 
TYR HD2  H N N 448 
TYR HE1  H N N 449 
TYR HE2  H N N 450 
TYR HH   H N N 451 
TYR HXT  H N N 452 
VAL N    N N N 453 
VAL CA   C N S 454 
VAL C    C N N 455 
VAL O    O N N 456 
VAL CB   C N N 457 
VAL CG1  C N N 458 
VAL CG2  C N N 459 
VAL OXT  O N N 460 
VAL H    H N N 461 
VAL H2   H N N 462 
VAL HA   H N N 463 
VAL HB   H N N 464 
VAL HG11 H N N 465 
VAL HG12 H N N 466 
VAL HG13 H N N 467 
VAL HG21 H N N 468 
VAL HG22 H N N 469 
VAL HG23 H N N 470 
VAL HXT  H N N 471 
# 
loop_
_chem_comp_bond.comp_id 
_chem_comp_bond.atom_id_1 
_chem_comp_bond.atom_id_2 
_chem_comp_bond.value_order 
_chem_comp_bond.pdbx_aromatic_flag 
_chem_comp_bond.pdbx_stereo_config 
_chem_comp_bond.pdbx_ordinal 
ALA N   CA   sing N N 1   
ALA N   H    sing N N 2   
ALA N   H2   sing N N 3   
ALA CA  C    sing N N 4   
ALA CA  CB   sing N N 5   
ALA CA  HA   sing N N 6   
ALA C   O    doub N N 7   
ALA C   OXT  sing N N 8   
ALA CB  HB1  sing N N 9   
ALA CB  HB2  sing N N 10  
ALA CB  HB3  sing N N 11  
ALA OXT HXT  sing N N 12  
ARG N   CA   sing N N 13  
ARG N   H    sing N N 14  
ARG N   H2   sing N N 15  
ARG CA  C    sing N N 16  
ARG CA  CB   sing N N 17  
ARG CA  HA   sing N N 18  
ARG C   O    doub N N 19  
ARG C   OXT  sing N N 20  
ARG CB  CG   sing N N 21  
ARG CB  HB2  sing N N 22  
ARG CB  HB3  sing N N 23  
ARG CG  CD   sing N N 24  
ARG CG  HG2  sing N N 25  
ARG CG  HG3  sing N N 26  
ARG CD  NE   sing N N 27  
ARG CD  HD2  sing N N 28  
ARG CD  HD3  sing N N 29  
ARG NE  CZ   sing N N 30  
ARG NE  HE   sing N N 31  
ARG CZ  NH1  sing N N 32  
ARG CZ  NH2  doub N N 33  
ARG NH1 HH11 sing N N 34  
ARG NH1 HH12 sing N N 35  
ARG NH2 HH21 sing N N 36  
ARG NH2 HH22 sing N N 37  
ARG OXT HXT  sing N N 38  
ASN N   CA   sing N N 39  
ASN N   H    sing N N 40  
ASN N   H2   sing N N 41  
ASN CA  C    sing N N 42  
ASN CA  CB   sing N N 43  
ASN CA  HA   sing N N 44  
ASN C   O    doub N N 45  
ASN C   OXT  sing N N 46  
ASN CB  CG   sing N N 47  
ASN CB  HB2  sing N N 48  
ASN CB  HB3  sing N N 49  
ASN CG  OD1  doub N N 50  
ASN CG  ND2  sing N N 51  
ASN ND2 HD21 sing N N 52  
ASN ND2 HD22 sing N N 53  
ASN OXT HXT  sing N N 54  
ASP N   CA   sing N N 55  
ASP N   H    sing N N 56  
ASP N   H2   sing N N 57  
ASP CA  C    sing N N 58  
ASP CA  CB   sing N N 59  
ASP CA  HA   sing N N 60  
ASP C   O    doub N N 61  
ASP C   OXT  sing N N 62  
ASP CB  CG   sing N N 63  
ASP CB  HB2  sing N N 64  
ASP CB  HB3  sing N N 65  
ASP CG  OD1  doub N N 66  
ASP CG  OD2  sing N N 67  
ASP OD2 HD2  sing N N 68  
ASP OXT HXT  sing N N 69  
CMT N   CA   sing N N 70  
CMT N   H    sing N N 71  
CMT N   H2   sing N N 72  
CMT CA  C    sing N N 73  
CMT CA  CB   sing N N 74  
CMT CA  HA   sing N N 75  
CMT C   O    doub N N 76  
CMT C   OXT  sing N N 77  
CMT CB  SG   sing N N 78  
CMT CB  HB2  sing N N 79  
CMT CB  HB3  sing N N 80  
CMT SG  HG   sing N N 81  
CMT OXT C1   sing N N 82  
CMT C1  H11  sing N N 83  
CMT C1  H12  sing N N 84  
CMT C1  H13  sing N N 85  
CYS N   CA   sing N N 86  
CYS N   H    sing N N 87  
CYS N   H2   sing N N 88  
CYS CA  C    sing N N 89  
CYS CA  CB   sing N N 90  
CYS CA  HA   sing N N 91  
CYS C   O    doub N N 92  
CYS C   OXT  sing N N 93  
CYS CB  SG   sing N N 94  
CYS CB  HB2  sing N N 95  
CYS CB  HB3  sing N N 96  
CYS SG  HG   sing N N 97  
CYS OXT HXT  sing N N 98  
EDO C1  O1   sing N N 99  
EDO C1  C2   sing N N 100 
EDO C1  H11  sing N N 101 
EDO C1  H12  sing N N 102 
EDO O1  HO1  sing N N 103 
EDO C2  O2   sing N N 104 
EDO C2  H21  sing N N 105 
EDO C2  H22  sing N N 106 
EDO O2  HO2  sing N N 107 
GER C1  C2   sing N N 108 
GER C1  H11  sing N N 109 
GER C1  H12  sing N N 110 
GER C1  H13  sing N N 111 
GER C2  C3   doub N E 112 
GER C2  H21  sing N N 113 
GER C3  C4   sing N N 114 
GER C3  C5   sing N N 115 
GER C4  H41  sing N N 116 
GER C4  H42  sing N N 117 
GER C4  H43  sing N N 118 
GER C5  C6   sing N N 119 
GER C5  H51  sing N N 120 
GER C5  H52  sing N N 121 
GER C6  C7   sing N N 122 
GER C6  H61  sing N N 123 
GER C6  H62  sing N N 124 
GER C7  C8   doub N E 125 
GER C7  H71  sing N N 126 
GER C8  C9   sing N N 127 
GER C8  C10  sing N N 128 
GER C9  H91  sing N N 129 
GER C9  H92  sing N N 130 
GER C9  H93  sing N N 131 
GER C10 C11  sing N N 132 
GER C10 H101 sing N N 133 
GER C10 H102 sing N N 134 
GER C11 C12  sing N N 135 
GER C11 H111 sing N N 136 
GER C11 H112 sing N N 137 
GER C12 C13  doub N E 138 
GER C12 H121 sing N N 139 
GER C13 C14  sing N N 140 
GER C13 C15  sing N N 141 
GER C14 H141 sing N N 142 
GER C14 H142 sing N N 143 
GER C14 H143 sing N N 144 
GER C15 C16  sing N N 145 
GER C15 H151 sing N N 146 
GER C15 H152 sing N N 147 
GER C16 C17  sing N N 148 
GER C16 H161 sing N N 149 
GER C16 H162 sing N N 150 
GER C17 C18  doub N N 151 
GER C17 H171 sing N N 152 
GER C18 C19  sing N N 153 
GER C18 C20  sing N N 154 
GER C19 H191 sing N N 155 
GER C19 H192 sing N N 156 
GER C19 H193 sing N N 157 
GER C20 H201 sing N N 158 
GER C20 H202 sing N N 159 
GER C20 H203 sing N N 160 
GLN N   CA   sing N N 161 
GLN N   H    sing N N 162 
GLN N   H2   sing N N 163 
GLN CA  C    sing N N 164 
GLN CA  CB   sing N N 165 
GLN CA  HA   sing N N 166 
GLN C   O    doub N N 167 
GLN C   OXT  sing N N 168 
GLN CB  CG   sing N N 169 
GLN CB  HB2  sing N N 170 
GLN CB  HB3  sing N N 171 
GLN CG  CD   sing N N 172 
GLN CG  HG2  sing N N 173 
GLN CG  HG3  sing N N 174 
GLN CD  OE1  doub N N 175 
GLN CD  NE2  sing N N 176 
GLN NE2 HE21 sing N N 177 
GLN NE2 HE22 sing N N 178 
GLN OXT HXT  sing N N 179 
GLU N   CA   sing N N 180 
GLU N   H    sing N N 181 
GLU N   H2   sing N N 182 
GLU CA  C    sing N N 183 
GLU CA  CB   sing N N 184 
GLU CA  HA   sing N N 185 
GLU C   O    doub N N 186 
GLU C   OXT  sing N N 187 
GLU CB  CG   sing N N 188 
GLU CB  HB2  sing N N 189 
GLU CB  HB3  sing N N 190 
GLU CG  CD   sing N N 191 
GLU CG  HG2  sing N N 192 
GLU CG  HG3  sing N N 193 
GLU CD  OE1  doub N N 194 
GLU CD  OE2  sing N N 195 
GLU OE2 HE2  sing N N 196 
GLU OXT HXT  sing N N 197 
GLY N   CA   sing N N 198 
GLY N   H    sing N N 199 
GLY N   H2   sing N N 200 
GLY CA  C    sing N N 201 
GLY CA  HA2  sing N N 202 
GLY CA  HA3  sing N N 203 
GLY C   O    doub N N 204 
GLY C   OXT  sing N N 205 
GLY OXT HXT  sing N N 206 
HIS N   CA   sing N N 207 
HIS N   H    sing N N 208 
HIS N   H2   sing N N 209 
HIS CA  C    sing N N 210 
HIS CA  CB   sing N N 211 
HIS CA  HA   sing N N 212 
HIS C   O    doub N N 213 
HIS C   OXT  sing N N 214 
HIS CB  CG   sing N N 215 
HIS CB  HB2  sing N N 216 
HIS CB  HB3  sing N N 217 
HIS CG  ND1  sing Y N 218 
HIS CG  CD2  doub Y N 219 
HIS ND1 CE1  doub Y N 220 
HIS ND1 HD1  sing N N 221 
HIS CD2 NE2  sing Y N 222 
HIS CD2 HD2  sing N N 223 
HIS CE1 NE2  sing Y N 224 
HIS CE1 HE1  sing N N 225 
HIS NE2 HE2  sing N N 226 
HIS OXT HXT  sing N N 227 
HOH O   H1   sing N N 228 
HOH O   H2   sing N N 229 
ILE N   CA   sing N N 230 
ILE N   H    sing N N 231 
ILE N   H2   sing N N 232 
ILE CA  C    sing N N 233 
ILE CA  CB   sing N N 234 
ILE CA  HA   sing N N 235 
ILE C   O    doub N N 236 
ILE C   OXT  sing N N 237 
ILE CB  CG1  sing N N 238 
ILE CB  CG2  sing N N 239 
ILE CB  HB   sing N N 240 
ILE CG1 CD1  sing N N 241 
ILE CG1 HG12 sing N N 242 
ILE CG1 HG13 sing N N 243 
ILE CG2 HG21 sing N N 244 
ILE CG2 HG22 sing N N 245 
ILE CG2 HG23 sing N N 246 
ILE CD1 HD11 sing N N 247 
ILE CD1 HD12 sing N N 248 
ILE CD1 HD13 sing N N 249 
ILE OXT HXT  sing N N 250 
LEU N   CA   sing N N 251 
LEU N   H    sing N N 252 
LEU N   H2   sing N N 253 
LEU CA  C    sing N N 254 
LEU CA  CB   sing N N 255 
LEU CA  HA   sing N N 256 
LEU C   O    doub N N 257 
LEU C   OXT  sing N N 258 
LEU CB  CG   sing N N 259 
LEU CB  HB2  sing N N 260 
LEU CB  HB3  sing N N 261 
LEU CG  CD1  sing N N 262 
LEU CG  CD2  sing N N 263 
LEU CG  HG   sing N N 264 
LEU CD1 HD11 sing N N 265 
LEU CD1 HD12 sing N N 266 
LEU CD1 HD13 sing N N 267 
LEU CD2 HD21 sing N N 268 
LEU CD2 HD22 sing N N 269 
LEU CD2 HD23 sing N N 270 
LEU OXT HXT  sing N N 271 
LYS N   CA   sing N N 272 
LYS N   H    sing N N 273 
LYS N   H2   sing N N 274 
LYS CA  C    sing N N 275 
LYS CA  CB   sing N N 276 
LYS CA  HA   sing N N 277 
LYS C   O    doub N N 278 
LYS C   OXT  sing N N 279 
LYS CB  CG   sing N N 280 
LYS CB  HB2  sing N N 281 
LYS CB  HB3  sing N N 282 
LYS CG  CD   sing N N 283 
LYS CG  HG2  sing N N 284 
LYS CG  HG3  sing N N 285 
LYS CD  CE   sing N N 286 
LYS CD  HD2  sing N N 287 
LYS CD  HD3  sing N N 288 
LYS CE  NZ   sing N N 289 
LYS CE  HE2  sing N N 290 
LYS CE  HE3  sing N N 291 
LYS NZ  HZ1  sing N N 292 
LYS NZ  HZ2  sing N N 293 
LYS NZ  HZ3  sing N N 294 
LYS OXT HXT  sing N N 295 
MET N   CA   sing N N 296 
MET N   H    sing N N 297 
MET N   H2   sing N N 298 
MET CA  C    sing N N 299 
MET CA  CB   sing N N 300 
MET CA  HA   sing N N 301 
MET C   O    doub N N 302 
MET C   OXT  sing N N 303 
MET CB  CG   sing N N 304 
MET CB  HB2  sing N N 305 
MET CB  HB3  sing N N 306 
MET CG  SD   sing N N 307 
MET CG  HG2  sing N N 308 
MET CG  HG3  sing N N 309 
MET SD  CE   sing N N 310 
MET CE  HE1  sing N N 311 
MET CE  HE2  sing N N 312 
MET CE  HE3  sing N N 313 
MET OXT HXT  sing N N 314 
PHE N   CA   sing N N 315 
PHE N   H    sing N N 316 
PHE N   H2   sing N N 317 
PHE CA  C    sing N N 318 
PHE CA  CB   sing N N 319 
PHE CA  HA   sing N N 320 
PHE C   O    doub N N 321 
PHE C   OXT  sing N N 322 
PHE CB  CG   sing N N 323 
PHE CB  HB2  sing N N 324 
PHE CB  HB3  sing N N 325 
PHE CG  CD1  doub Y N 326 
PHE CG  CD2  sing Y N 327 
PHE CD1 CE1  sing Y N 328 
PHE CD1 HD1  sing N N 329 
PHE CD2 CE2  doub Y N 330 
PHE CD2 HD2  sing N N 331 
PHE CE1 CZ   doub Y N 332 
PHE CE1 HE1  sing N N 333 
PHE CE2 CZ   sing Y N 334 
PHE CE2 HE2  sing N N 335 
PHE CZ  HZ   sing N N 336 
PHE OXT HXT  sing N N 337 
PRO N   CA   sing N N 338 
PRO N   CD   sing N N 339 
PRO N   H    sing N N 340 
PRO CA  C    sing N N 341 
PRO CA  CB   sing N N 342 
PRO CA  HA   sing N N 343 
PRO C   O    doub N N 344 
PRO C   OXT  sing N N 345 
PRO CB  CG   sing N N 346 
PRO CB  HB2  sing N N 347 
PRO CB  HB3  sing N N 348 
PRO CG  CD   sing N N 349 
PRO CG  HG2  sing N N 350 
PRO CG  HG3  sing N N 351 
PRO CD  HD2  sing N N 352 
PRO CD  HD3  sing N N 353 
PRO OXT HXT  sing N N 354 
SER N   CA   sing N N 355 
SER N   H    sing N N 356 
SER N   H2   sing N N 357 
SER CA  C    sing N N 358 
SER CA  CB   sing N N 359 
SER CA  HA   sing N N 360 
SER C   O    doub N N 361 
SER C   OXT  sing N N 362 
SER CB  OG   sing N N 363 
SER CB  HB2  sing N N 364 
SER CB  HB3  sing N N 365 
SER OG  HG   sing N N 366 
SER OXT HXT  sing N N 367 
THR N   CA   sing N N 368 
THR N   H    sing N N 369 
THR N   H2   sing N N 370 
THR CA  C    sing N N 371 
THR CA  CB   sing N N 372 
THR CA  HA   sing N N 373 
THR C   O    doub N N 374 
THR C   OXT  sing N N 375 
THR CB  OG1  sing N N 376 
THR CB  CG2  sing N N 377 
THR CB  HB   sing N N 378 
THR OG1 HG1  sing N N 379 
THR CG2 HG21 sing N N 380 
THR CG2 HG22 sing N N 381 
THR CG2 HG23 sing N N 382 
THR OXT HXT  sing N N 383 
TRP N   CA   sing N N 384 
TRP N   H    sing N N 385 
TRP N   H2   sing N N 386 
TRP CA  C    sing N N 387 
TRP CA  CB   sing N N 388 
TRP CA  HA   sing N N 389 
TRP C   O    doub N N 390 
TRP C   OXT  sing N N 391 
TRP CB  CG   sing N N 392 
TRP CB  HB2  sing N N 393 
TRP CB  HB3  sing N N 394 
TRP CG  CD1  doub Y N 395 
TRP CG  CD2  sing Y N 396 
TRP CD1 NE1  sing Y N 397 
TRP CD1 HD1  sing N N 398 
TRP CD2 CE2  doub Y N 399 
TRP CD2 CE3  sing Y N 400 
TRP NE1 CE2  sing Y N 401 
TRP NE1 HE1  sing N N 402 
TRP CE2 CZ2  sing Y N 403 
TRP CE3 CZ3  doub Y N 404 
TRP CE3 HE3  sing N N 405 
TRP CZ2 CH2  doub Y N 406 
TRP CZ2 HZ2  sing N N 407 
TRP CZ3 CH2  sing Y N 408 
TRP CZ3 HZ3  sing N N 409 
TRP CH2 HH2  sing N N 410 
TRP OXT HXT  sing N N 411 
TYR N   CA   sing N N 412 
TYR N   H    sing N N 413 
TYR N   H2   sing N N 414 
TYR CA  C    sing N N 415 
TYR CA  CB   sing N N 416 
TYR CA  HA   sing N N 417 
TYR C   O    doub N N 418 
TYR C   OXT  sing N N 419 
TYR CB  CG   sing N N 420 
TYR CB  HB2  sing N N 421 
TYR CB  HB3  sing N N 422 
TYR CG  CD1  doub Y N 423 
TYR CG  CD2  sing Y N 424 
TYR CD1 CE1  sing Y N 425 
TYR CD1 HD1  sing N N 426 
TYR CD2 CE2  doub Y N 427 
TYR CD2 HD2  sing N N 428 
TYR CE1 CZ   doub Y N 429 
TYR CE1 HE1  sing N N 430 
TYR CE2 CZ   sing Y N 431 
TYR CE2 HE2  sing N N 432 
TYR CZ  OH   sing N N 433 
TYR OH  HH   sing N N 434 
TYR OXT HXT  sing N N 435 
VAL N   CA   sing N N 436 
VAL N   H    sing N N 437 
VAL N   H2   sing N N 438 
VAL CA  C    sing N N 439 
VAL CA  CB   sing N N 440 
VAL CA  HA   sing N N 441 
VAL C   O    doub N N 442 
VAL C   OXT  sing N N 443 
VAL CB  CG1  sing N N 444 
VAL CB  CG2  sing N N 445 
VAL CB  HB   sing N N 446 
VAL CG1 HG11 sing N N 447 
VAL CG1 HG12 sing N N 448 
VAL CG1 HG13 sing N N 449 
VAL CG2 HG21 sing N N 450 
VAL CG2 HG22 sing N N 451 
VAL CG2 HG23 sing N N 452 
VAL OXT HXT  sing N N 453 
# 
_pdbx_audit_support.funding_organization   'Cancer Research UK' 
_pdbx_audit_support.country                'United Kingdom' 
_pdbx_audit_support.grant_number           ? 
_pdbx_audit_support.ordinal                1 
# 
loop_
_pdbx_entity_instance_feature.ordinal 
_pdbx_entity_instance_feature.comp_id 
_pdbx_entity_instance_feature.asym_id 
_pdbx_entity_instance_feature.seq_num 
_pdbx_entity_instance_feature.auth_comp_id 
_pdbx_entity_instance_feature.auth_asym_id 
_pdbx_entity_instance_feature.auth_seq_num 
_pdbx_entity_instance_feature.feature_type 
_pdbx_entity_instance_feature.details 
1 CMT ? ? CMT ? ? 'SUBJECT OF INVESTIGATION' ? 
2 GER ? ? GER ? ? 'SUBJECT OF INVESTIGATION' ? 
# 
_pdbx_initial_refinement_model.id               1 
_pdbx_initial_refinement_model.entity_id_list   ? 
_pdbx_initial_refinement_model.type             'experimental model' 
_pdbx_initial_refinement_model.source_name      PDB 
_pdbx_initial_refinement_model.accession_code   5TB5 
_pdbx_initial_refinement_model.details          ? 
# 
_atom_sites.entry_id                    7Q9Q 
_atom_sites.Cartn_transf_matrix[1][1]   ? 
_atom_sites.Cartn_transf_matrix[1][2]   ? 
_atom_sites.Cartn_transf_matrix[1][3]   ? 
_atom_sites.Cartn_transf_matrix[2][1]   ? 
_atom_sites.Cartn_transf_matrix[2][2]   ? 
_atom_sites.Cartn_transf_matrix[2][3]   ? 
_atom_sites.Cartn_transf_matrix[3][1]   ? 
_atom_sites.Cartn_transf_matrix[3][2]   ? 
_atom_sites.Cartn_transf_matrix[3][3]   ? 
_atom_sites.Cartn_transf_vector[1]      ? 
_atom_sites.Cartn_transf_vector[2]      ? 
_atom_sites.Cartn_transf_vector[3]      ? 
_atom_sites.fract_transf_matrix[1][1]   -0.00512836 
_atom_sites.fract_transf_matrix[1][2]   0.03140234 
_atom_sites.fract_transf_matrix[1][3]   -0.01482547 
_atom_sites.fract_transf_matrix[2][1]   -0.02720195 
_atom_sites.fract_transf_matrix[2][2]   -0.01095662 
_atom_sites.fract_transf_matrix[2][3]   0.00820981 
_atom_sites.fract_transf_matrix[3][1]   0.00947675 
_atom_sites.fract_transf_matrix[3][2]   0.00421640 
_atom_sites.fract_transf_matrix[3][3]   0.02664746 
_atom_sites.fract_transf_vector[1]      -0.361883 
_atom_sites.fract_transf_vector[2]      -0.039320 
_atom_sites.fract_transf_vector[3]      -0.081544 
_atom_sites.solution_primary            ? 
_atom_sites.solution_secondary          ? 
_atom_sites.solution_hydrogens          ? 
_atom_sites.special_details             ? 
# 
loop_
_atom_type.symbol 
_atom_type.pdbx_scat_Z 
_atom_type.pdbx_N_electrons 
_atom_type.scat_Cromer_Mann_a1 
_atom_type.scat_Cromer_Mann_b1 
_atom_type.scat_Cromer_Mann_a2 
_atom_type.scat_Cromer_Mann_b2 
_atom_type.scat_Cromer_Mann_a3 
_atom_type.scat_Cromer_Mann_b3 
_atom_type.scat_Cromer_Mann_a4 
_atom_type.scat_Cromer_Mann_b4 
_atom_type.scat_Cromer_Mann_c 
C 6  6  2.310  20.844 1.020 10.208 1.589 0.569  0.865 51.651 0.216   
H 1  1  0.493  10.511 0.323 26.126 0.140 3.142  0.041 57.800 0.003   
N 7  7  12.222 0.006  3.135 9.893  2.014 28.997 1.167 0.583  -11.538 
O 8  8  3.049  13.277 2.287 5.701  1.546 0.324  0.867 32.909 0.251   
S 16 16 6.905  1.468  5.203 22.215 1.438 0.254  1.586 56.172 1.056   
# 
loop_
_atom_site.group_PDB 
_atom_site.id 
_atom_site.type_symbol 
_atom_site.label_atom_id 
_atom_site.label_alt_id 
_atom_site.label_comp_id 
_atom_site.label_asym_id 
_atom_site.label_entity_id 
_atom_site.label_seq_id 
_atom_site.pdbx_PDB_ins_code 
_atom_site.Cartn_x 
_atom_site.Cartn_y 
_atom_site.Cartn_z 
_atom_site.occupancy 
_atom_site.B_iso_or_equiv 
_atom_site.pdbx_formal_charge 
_atom_site.auth_seq_id 
_atom_site.auth_comp_id 
_atom_site.auth_asym_id 
_atom_site.auth_atom_id 
_atom_site.pdbx_PDB_model_num 
ATOM   1    N N   . GLY A 1 1   ? -8.682  -28.238 10.082  1.000 37.511 ? -2  GLY BBB N   1 
ATOM   2    C CA  . GLY A 1 1   ? -9.618  -27.800 11.156  1.000 34.389 ? -2  GLY BBB CA  1 
ATOM   3    C C   . GLY A 1 1   ? -8.883  -27.405 12.425  1.000 35.666 ? -2  GLY BBB C   1 
ATOM   4    O O   . GLY A 1 1   ? -8.233  -28.268 13.048  1.000 38.042 ? -2  GLY BBB O   1 
ATOM   5    N N   . SER A 1 2   ? -8.982  -26.137 12.836  1.000 33.663 ? -1  SER BBB N   1 
ATOM   6    C CA  . SER A 1 2   ? -8.253  -25.624 14.027  1.000 34.817 ? -1  SER BBB CA  1 
ATOM   7    C C   . SER A 1 2   ? -9.143  -24.636 14.792  1.000 33.964 ? -1  SER BBB C   1 
ATOM   8    O O   . SER A 1 2   ? -10.254 -24.320 14.322  1.000 29.744 ? -1  SER BBB O   1 
ATOM   9    C CB  . SER A 1 2   ? -6.970  -24.970 13.583  1.000 35.602 ? -1  SER BBB CB  1 
ATOM   10   O OG  . SER A 1 2   ? -7.200  -23.617 13.220  1.000 40.742 ? -1  SER BBB OG  1 
ATOM   11   N N   . GLU A 1 3   ? -8.623  -24.173 15.932  1.000 31.123 ? 0   GLU BBB N   1 
ATOM   12   C CA  . GLU A 1 3   ? -9.292  -23.076 16.682  1.000 33.076 ? 0   GLU BBB CA  1 
ATOM   13   C C   . GLU A 1 3   ? -9.161  -21.806 15.833  1.000 32.617 ? 0   GLU BBB C   1 
ATOM   14   O O   . GLU A 1 3   ? -8.251  -21.699 14.987  1.000 30.433 ? 0   GLU BBB O   1 
ATOM   15   C CB  . GLU A 1 3   ? -8.717  -22.911 18.091  1.000 36.823 ? 0   GLU BBB CB  1 
ATOM   16   C CG  . GLU A 1 3   ? -7.319  -22.323 18.158  1.000 43.820 ? 0   GLU BBB CG  1 
ATOM   17   C CD  . GLU A 1 3   ? -6.932  -21.866 19.553  1.000 50.897 ? 0   GLU BBB CD  1 
ATOM   18   O OE1 . GLU A 1 3   ? -6.075  -20.968 19.670  1.000 49.300 ? 0   GLU BBB OE1 1 
ATOM   19   O OE2 . GLU A 1 3   ? -7.510  -22.402 20.519  1.000 58.171 ? 0   GLU BBB OE2 1 
ATOM   20   N N   . PHE A 1 4   ? -10.165 -20.935 15.985  1.000 27.850 ? 1   PHE BBB N   1 
ATOM   21   C CA  . PHE A 1 4   ? -10.041 -19.510 15.581  1.000 25.165 ? 1   PHE BBB CA  1 
ATOM   22   C C   . PHE A 1 4   ? -9.377  -18.792 16.762  1.000 25.547 ? 1   PHE BBB C   1 
ATOM   23   O O   . PHE A 1 4   ? -10.007 -18.615 17.824  1.000 28.442 ? 1   PHE BBB O   1 
ATOM   24   C CB  . PHE A 1 4   ? -11.432 -19.005 15.189  1.000 25.556 ? 1   PHE BBB CB  1 
ATOM   25   C CG  . PHE A 1 4   ? -11.358 -17.676 14.480  1.000 23.525 ? 1   PHE BBB CG  1 
ATOM   26   C CD1 . PHE A 1 4   ? -11.045 -17.605 13.133  1.000 22.877 ? 1   PHE BBB CD1 1 
ATOM   27   C CD2 . PHE A 1 4   ? -11.543 -16.498 15.184  1.000 22.847 ? 1   PHE BBB CD2 1 
ATOM   28   C CE1 . PHE A 1 4   ? -10.947 -16.371 12.511  1.000 23.934 ? 1   PHE BBB CE1 1 
ATOM   29   C CE2 . PHE A 1 4   ? -11.474 -15.266 14.553  1.000 22.625 ? 1   PHE BBB CE2 1 
ATOM   30   C CZ  . PHE A 1 4   ? -11.197 -15.210 13.207  1.000 22.575 ? 1   PHE BBB CZ  1 
ATOM   31   N N   . SER A 1 5   ? -8.069  -18.573 16.601  1.000 26.849 ? 2   SER BBB N   1 
ATOM   32   C CA  . SER A 1 5   ? -7.182  -18.243 17.748  1.000 29.329 ? 2   SER BBB CA  1 
ATOM   33   C C   . SER A 1 5   ? -7.405  -16.797 18.206  1.000 31.483 ? 2   SER BBB C   1 
ATOM   34   O O   . SER A 1 5   ? -8.006  -15.983 17.477  1.000 27.869 ? 2   SER BBB O   1 
ATOM   35   C CB  . SER A 1 5   ? -5.750  -18.474 17.340  1.000 30.977 ? 2   SER BBB CB  1 
ATOM   36   O OG  . SER A 1 5   ? -5.351  -17.534 16.354  1.000 31.986 ? 2   SER BBB OG  1 
ATOM   37   N N   . ALA A 1 6   ? -6.782  -16.456 19.340  1.000 31.584 ? 3   ALA BBB N   1 
ATOM   38   C CA  . ALA A 1 6   ? -6.616  -15.060 19.811  1.000 32.755 ? 3   ALA BBB CA  1 
ATOM   39   C C   . ALA A 1 6   ? -5.934  -14.212 18.733  1.000 28.679 ? 3   ALA BBB C   1 
ATOM   40   O O   . ALA A 1 6   ? -6.419  -13.078 18.547  1.000 26.797 ? 3   ALA BBB O   1 
ATOM   41   C CB  . ALA A 1 6   ? -5.838  -15.057 21.104  1.000 34.646 ? 3   ALA BBB CB  1 
ATOM   42   N N   . LYS A 1 7   ? -4.896  -14.697 18.043  1.000 31.698 ? 4   LYS BBB N   1 
ATOM   43   C CA  . LYS A 1 7   ? -4.248  -13.936 16.941  1.000 30.814 ? 4   LYS BBB CA  1 
ATOM   44   C C   . LYS A 1 7   ? -5.220  -13.777 15.767  1.000 28.472 ? 4   LYS BBB C   1 
ATOM   45   O O   . LYS A 1 7   ? -5.286  -12.671 15.198  1.000 26.115 ? 4   LYS BBB O   1 
ATOM   46   C CB  . LYS A 1 7   ? -2.944  -14.566 16.440  1.000 30.408 ? 4   LYS BBB CB  1 
ATOM   47   C CG  . LYS A 1 7   ? -1.811  -14.526 17.457  1.000 33.942 ? 4   LYS BBB CG  1 
ATOM   48   C CD  . LYS A 1 7   ? -0.631  -15.338 16.969  1.000 36.960 ? 4   LYS BBB CD  1 
ATOM   49   C CE  . LYS A 1 7   ? 0.648   -14.545 16.810  1.000 42.007 ? 4   LYS BBB CE  1 
ATOM   50   N NZ  . LYS A 1 7   ? 1.554   -14.773 17.960  1.000 42.916 ? 4   LYS BBB NZ  1 
ATOM   51   N N   . ASP A 1 8   ? -5.975  -14.823 15.414  1.000 31.389 ? 5   ASP BBB N   1 
ATOM   52   C CA  . ASP A 1 8   ? -6.964  -14.705 14.309  1.000 28.002 ? 5   ASP BBB CA  1 
ATOM   53   C C   . ASP A 1 8   ? -7.957  -13.590 14.653  1.000 25.497 ? 5   ASP BBB C   1 
ATOM   54   O O   . ASP A 1 8   ? -8.306  -12.751 13.799  1.000 23.738 ? 5   ASP BBB O   1 
ATOM   55   C CB  . ASP A 1 8   ? -7.625  -16.060 14.039  1.000 27.156 ? 5   ASP BBB CB  1 
ATOM   56   C CG  . ASP A 1 8   ? -6.659  -17.117 13.533  1.000 30.505 ? 5   ASP BBB CG  1 
ATOM   57   O OD1 . ASP A 1 8   ? -5.739  -16.741 12.780  1.000 33.783 ? 5   ASP BBB OD1 1 
ATOM   58   O OD2 . ASP A 1 8   ? -6.836  -18.306 13.865  1.000 30.698 ? 5   ASP BBB OD2 1 
ATOM   59   N N   . GLU A 1 9   ? -8.436  -13.597 15.901  1.000 25.619 ? 6   GLU BBB N   1 
ATOM   60   C CA  . GLU A 1 9   ? -9.428  -12.585 16.354  1.000 28.319 ? 6   GLU BBB CA  1 
ATOM   61   C C   . GLU A 1 9   ? -8.834  -11.172 16.305  1.000 27.126 ? 6   GLU BBB C   1 
ATOM   62   O O   . GLU A 1 9   ? -9.517  -10.244 15.829  1.000 27.525 ? 6   GLU BBB O   1 
ATOM   63   C CB  . GLU A 1 9   ? -9.839  -12.886 17.797  1.000 31.787 ? 6   GLU BBB CB  1 
ATOM   64   C CG  . GLU A 1 9   ? -11.241 -12.389 18.100  1.000 39.003 ? 6   GLU BBB CG  1 
ATOM   65   C CD  . GLU A 1 9   ? -12.325 -13.331 17.603  1.000 43.587 ? 6   GLU BBB CD  1 
ATOM   66   O OE1 . GLU A 1 9   ? -12.938 -13.000 16.569  1.000 54.506 ? 6   GLU BBB OE1 1 
ATOM   67   O OE2 . GLU A 1 9   ? -12.579 -14.366 18.251  1.000 52.320 ? 6   GLU BBB OE2 1 
ATOM   68   N N   . ARG A 1 10  ? -7.577  -11.032 16.742  1.000 26.302 ? 7   ARG BBB N   1 
ATOM   69   C CA  . ARG A 1 10  ? -7.018  -9.654  16.787  1.000 28.979 ? 7   ARG BBB CA  1 
ATOM   70   C C   . ARG A 1 10  ? -6.713  -9.154  15.371  1.000 24.516 ? 7   ARG BBB C   1 
ATOM   71   O O   . ARG A 1 10  ? -6.884  -7.952  15.087  1.000 27.344 ? 7   ARG BBB O   1 
ATOM   72   C CB  . ARG A 1 10  ? -5.718  -9.630  17.597  1.000 30.222 ? 7   ARG BBB CB  1 
ATOM   73   C CG  . ARG A 1 10  ? -5.370  -8.197  17.972  1.000 34.052 ? 7   ARG BBB CG  1 
ATOM   74   C CD  . ARG A 1 10  ? -4.199  -8.136  18.933  1.000 35.072 ? 7   ARG BBB CD  1 
ATOM   75   N NE  . ARG A 1 10  ? -3.532  -6.854  18.749  1.000 40.475 ? 7   ARG BBB NE  1 
ATOM   76   C CZ  . ARG A 1 10  ? -2.372  -6.701  18.122  1.000 43.116 ? 7   ARG BBB CZ  1 
ATOM   77   N NH1 . ARG A 1 10  ? -1.712  -7.747  17.654  1.000 39.564 ? 7   ARG BBB NH1 1 
ATOM   78   N NH2 . ARG A 1 10  ? -1.881  -5.482  17.992  1.000 44.896 ? 7   ARG BBB NH2 1 
ATOM   79   N N   . ALA A 1 11  ? -6.207  -10.052 14.520  1.000 26.165 ? 8   ALA BBB N   1 
ATOM   80   C CA  . ALA A 1 11  ? -5.964  -9.634  13.118  1.000 25.639 ? 8   ALA BBB CA  1 
ATOM   81   C C   . ALA A 1 11  ? -7.296  -9.166  12.523  1.000 25.572 ? 8   ALA BBB C   1 
ATOM   82   O O   . ALA A 1 11  ? -7.301  -8.140  11.815  1.000 23.108 ? 8   ALA BBB O   1 
ATOM   83   C CB  . ALA A 1 11  ? -5.347  -10.769 12.339  1.000 22.779 ? 8   ALA BBB CB  1 
ATOM   84   N N   A ARG A 1 12  ? -8.395  -9.874  12.808  0.500 24.521 ? 9   ARG BBB N   1 
ATOM   85   N N   B ARG A 1 12  ? -8.398  -9.866  12.813  0.500 24.507 ? 9   ARG BBB N   1 
ATOM   86   C CA  A ARG A 1 12  ? -9.730  -9.496  12.273  0.500 25.627 ? 9   ARG BBB CA  1 
ATOM   87   C CA  B ARG A 1 12  ? -9.715  -9.471  12.247  0.500 25.328 ? 9   ARG BBB CA  1 
ATOM   88   C C   A ARG A 1 12  ? -10.161 -8.138  12.841  0.500 25.954 ? 9   ARG BBB C   1 
ATOM   89   C C   B ARG A 1 12  ? -10.162 -8.128  12.839  0.500 25.998 ? 9   ARG BBB C   1 
ATOM   90   O O   A ARG A 1 12  ? -10.694 -7.322  12.063  0.500 24.660 ? 9   ARG BBB O   1 
ATOM   91   O O   B ARG A 1 12  ? -10.707 -7.311  12.071  0.500 25.277 ? 9   ARG BBB O   1 
ATOM   92   C CB  A ARG A 1 12  ? -10.765 -10.580 12.589  0.500 26.312 ? 9   ARG BBB CB  1 
ATOM   93   C CB  B ARG A 1 12  ? -10.771 -10.557 12.479  0.500 25.515 ? 9   ARG BBB CB  1 
ATOM   94   C CG  A ARG A 1 12  ? -12.158 -10.262 12.063  0.500 27.106 ? 9   ARG BBB CG  1 
ATOM   95   C CG  B ARG A 1 12  ? -11.940 -10.430 11.512  0.500 25.194 ? 9   ARG BBB CG  1 
ATOM   96   C CD  A ARG A 1 12  ? -13.046 -11.478 12.240  0.500 25.797 ? 9   ARG BBB CD  1 
ATOM   97   C CD  B ARG A 1 12  ? -12.759 -11.706 11.546  0.500 25.199 ? 9   ARG BBB CD  1 
ATOM   98   N NE  A ARG A 1 12  ? -12.839 -12.412 11.143  0.500 25.358 ? 9   ARG BBB NE  1 
ATOM   99   N NE  B ARG A 1 12  ? -13.281 -11.919 12.888  0.500 22.332 ? 9   ARG BBB NE  1 
ATOM   100  C CZ  A ARG A 1 12  ? -13.469 -13.575 11.027  0.500 24.534 ? 9   ARG BBB CZ  1 
ATOM   101  C CZ  B ARG A 1 12  ? -14.081 -12.928 13.213  0.500 20.727 ? 9   ARG BBB CZ  1 
ATOM   102  N NH1 A ARG A 1 12  ? -13.233 -14.370 9.998   0.500 20.415 ? 9   ARG BBB NH1 1 
ATOM   103  N NH1 B ARG A 1 12  ? -14.542 -13.043 14.446  0.500 21.083 ? 9   ARG BBB NH1 1 
ATOM   104  N NH2 A ARG A 1 12  ? -14.346 -13.908 11.957  0.500 25.881 ? 9   ARG BBB NH2 1 
ATOM   105  N NH2 B ARG A 1 12  ? -14.486 -13.771 12.279  0.500 22.001 ? 9   ARG BBB NH2 1 
ATOM   106  N N   . GLU A 1 13  ? -9.928  -7.913  14.138  1.000 27.281 ? 10  GLU BBB N   1 
ATOM   107  C CA  . GLU A 1 13  ? -10.285 -6.624  14.790  1.000 29.511 ? 10  GLU BBB CA  1 
ATOM   108  C C   . GLU A 1 13  ? -9.497  -5.473  14.156  1.000 27.286 ? 10  GLU BBB C   1 
ATOM   109  O O   . GLU A 1 13  ? -10.109 -4.428  13.863  1.000 27.432 ? 10  GLU BBB O   1 
ATOM   110  C CB  . GLU A 1 13  ? -9.993  -6.694  16.291  1.000 32.411 ? 10  GLU BBB CB  1 
ATOM   111  C CG  . GLU A 1 13  ? -11.033 -7.499  17.048  1.000 35.420 ? 10  GLU BBB CG  1 
ATOM   112  C CD  . GLU A 1 13  ? -12.389 -6.813  17.028  1.000 45.912 ? 10  GLU BBB CD  1 
ATOM   113  O OE1 . GLU A 1 13  ? -12.770 -6.238  18.067  1.000 50.753 ? 10  GLU BBB OE1 1 
ATOM   114  O OE2 . GLU A 1 13  ? -13.039 -6.825  15.964  1.000 44.829 ? 10  GLU BBB OE2 1 
ATOM   115  N N   . ILE A 1 14  ? -8.183  -5.657  13.990  1.000 27.622 ? 11  ILE BBB N   1 
ATOM   116  C CA  . ILE A 1 14  ? -7.365  -4.579  13.358  1.000 27.524 ? 11  ILE BBB CA  1 
ATOM   117  C C   . ILE A 1 14  ? -7.911  -4.254  11.964  1.000 27.543 ? 11  ILE BBB C   1 
ATOM   118  O O   . ILE A 1 14  ? -8.149  -3.066  11.670  1.000 27.067 ? 11  ILE BBB O   1 
ATOM   119  C CB  . ILE A 1 14  ? -5.870  -4.957  13.310  1.000 24.927 ? 11  ILE BBB CB  1 
ATOM   120  C CG1 . ILE A 1 14  ? -5.356  -5.116  14.742  1.000 24.205 ? 11  ILE BBB CG1 1 
ATOM   121  C CG2 . ILE A 1 14  ? -5.066  -3.940  12.514  1.000 26.268 ? 11  ILE BBB CG2 1 
ATOM   122  C CD1 . ILE A 1 14  ? -3.948  -5.661  14.790  1.000 22.958 ? 11  ILE BBB CD1 1 
ATOM   123  N N   . LEU A 1 15  ? -8.172  -5.290  11.160  1.000 25.318 ? 12  LEU BBB N   1 
ATOM   124  C CA  . LEU A 1 15  ? -8.688  -5.083  9.780   1.000 26.241 ? 12  LEU BBB CA  1 
ATOM   125  C C   . LEU A 1 15  ? -10.018 -4.323  9.836   1.000 26.664 ? 12  LEU BBB C   1 
ATOM   126  O O   . LEU A 1 15  ? -10.165 -3.321  9.109   1.000 27.713 ? 12  LEU BBB O   1 
ATOM   127  C CB  . LEU A 1 15  ? -8.803  -6.456  9.111   1.000 25.718 ? 12  LEU BBB CB  1 
ATOM   128  C CG  . LEU A 1 15  ? -9.540  -6.464  7.772   1.000 29.267 ? 12  LEU BBB CG  1 
ATOM   129  C CD1 . LEU A 1 15  ? -8.810  -5.619  6.739   1.000 33.353 ? 12  LEU BBB CD1 1 
ATOM   130  C CD2 . LEU A 1 15  ? -9.685  -7.883  7.243   1.000 33.249 ? 12  LEU BBB CD2 1 
ATOM   131  N N   . ARG A 1 16  ? -10.954 -4.740  10.694  1.000 26.536 ? 13  ARG BBB N   1 
ATOM   132  C CA  . ARG A 1 16  ? -12.295 -4.095  10.676  1.000 27.528 ? 13  ARG BBB CA  1 
ATOM   133  C C   . ARG A 1 16  ? -12.192 -2.659  11.206  1.000 26.623 ? 13  ARG BBB C   1 
ATOM   134  O O   . ARG A 1 16  ? -13.052 -1.852  10.800  1.000 31.050 ? 13  ARG BBB O   1 
ATOM   135  C CB  . ARG A 1 16  ? -13.259 -4.891  11.560  1.000 27.045 ? 13  ARG BBB CB  1 
ATOM   136  C CG  . ARG A 1 16  ? -13.623 -6.199  10.872  1.000 27.839 ? 13  ARG BBB CG  1 
ATOM   137  C CD  . ARG A 1 16  ? -14.292 -7.132  11.864  1.000 29.274 ? 13  ARG BBB CD  1 
ATOM   138  N NE  . ARG A 1 16  ? -14.887 -8.209  11.086  1.000 31.143 ? 13  ARG BBB NE  1 
ATOM   139  C CZ  . ARG A 1 16  ? -15.591 -9.184  11.645  1.000 31.092 ? 13  ARG BBB CZ  1 
ATOM   140  N NH1 . ARG A 1 16  ? -15.699 -9.210  12.962  1.000 30.291 ? 13  ARG BBB NH1 1 
ATOM   141  N NH2 . ARG A 1 16  ? -16.126 -10.122 10.884  1.000 28.906 ? 13  ARG BBB NH2 1 
ATOM   142  N N   . GLY A 1 17  ? -11.173 -2.351  12.012  1.000 25.782 ? 14  GLY BBB N   1 
ATOM   143  C CA  . GLY A 1 17  ? -11.025 -0.988  12.560  1.000 28.311 ? 14  GLY BBB CA  1 
ATOM   144  C C   . GLY A 1 17  ? -10.049 -0.111  11.796  1.000 29.773 ? 14  GLY BBB C   1 
ATOM   145  O O   . GLY A 1 17  ? -9.838  1.047   12.206  1.000 28.926 ? 14  GLY BBB O   1 
ATOM   146  N N   . PHE A 1 18  ? -9.469  -0.605  10.697  1.000 28.534 ? 15  PHE BBB N   1 
ATOM   147  C CA  . PHE A 1 18  ? -8.441  0.162   9.945   1.000 28.016 ? 15  PHE BBB CA  1 
ATOM   148  C C   . PHE A 1 18  ? -9.106  0.758   8.699   1.000 26.992 ? 15  PHE BBB C   1 
ATOM   149  O O   . PHE A 1 18  ? -9.885  0.091   7.990   1.000 30.750 ? 15  PHE BBB O   1 
ATOM   150  C CB  . PHE A 1 18  ? -7.255  -0.711  9.526   1.000 26.764 ? 15  PHE BBB CB  1 
ATOM   151  C CG  . PHE A 1 18  ? -6.260  -0.039  8.613   1.000 25.063 ? 15  PHE BBB CG  1 
ATOM   152  C CD1 . PHE A 1 18  ? -5.116  0.547   9.131   1.000 25.469 ? 15  PHE BBB CD1 1 
ATOM   153  C CD2 . PHE A 1 18  ? -6.438  -0.057  7.239   1.000 29.721 ? 15  PHE BBB CD2 1 
ATOM   154  C CE1 . PHE A 1 18  ? -4.190  1.142   8.290   1.000 26.546 ? 15  PHE BBB CE1 1 
ATOM   155  C CE2 . PHE A 1 18  ? -5.519  0.553   6.400   1.000 29.261 ? 15  PHE BBB CE2 1 
ATOM   156  C CZ  . PHE A 1 18  ? -4.378  1.112   6.927   1.000 27.951 ? 15  PHE BBB CZ  1 
ATOM   157  N N   . LYS A 1 19  ? -8.773  2.021   8.411   1.000 27.066 ? 16  LYS BBB N   1 
ATOM   158  C CA  . LYS A 1 19  ? -9.167  2.533   7.071   1.000 31.048 ? 16  LYS BBB CA  1 
ATOM   159  C C   . LYS A 1 19  ? -8.062  3.436   6.509   1.000 27.957 ? 16  LYS BBB C   1 
ATOM   160  O O   . LYS A 1 19  ? -7.410  4.233   7.212   1.000 27.661 ? 16  LYS BBB O   1 
ATOM   161  C CB  . LYS A 1 19  ? -10.546 3.194   7.139   1.000 39.030 ? 16  LYS BBB CB  1 
ATOM   162  C CG  . LYS A 1 19  ? -10.603 4.536   7.855   1.000 42.173 ? 16  LYS BBB CG  1 
ATOM   163  C CD  . LYS A 1 19  ? -11.974 5.162   7.707   1.000 46.326 ? 16  LYS BBB CD  1 
ATOM   164  C CE  . LYS A 1 19  ? -12.891 4.893   8.881   1.000 49.465 ? 16  LYS BBB CE  1 
ATOM   165  N NZ  . LYS A 1 19  ? -13.865 5.996   9.059   1.000 52.779 ? 16  LYS BBB NZ  1 
ATOM   166  N N   . LEU A 1 20  ? -7.856  3.221   5.206   1.000 27.865 ? 17  LEU BBB N   1 
ATOM   167  C CA  . LEU A 1 20  ? -6.999  4.199   4.482   1.000 27.628 ? 17  LEU BBB CA  1 
ATOM   168  C C   . LEU A 1 20  ? -7.905  5.348   4.025   1.000 28.666 ? 17  LEU BBB C   1 
ATOM   169  O O   . LEU A 1 20  ? -8.785  5.117   3.172   1.000 31.769 ? 17  LEU BBB O   1 
ATOM   170  C CB  . LEU A 1 20  ? -6.359  3.411   3.335   1.000 29.639 ? 17  LEU BBB CB  1 
ATOM   171  C CG  . LEU A 1 20  ? -5.314  4.177   2.526   1.000 30.446 ? 17  LEU BBB CG  1 
ATOM   172  C CD1 . LEU A 1 20  ? -4.104  4.540   3.372   1.000 31.537 ? 17  LEU BBB CD1 1 
ATOM   173  C CD2 . LEU A 1 20  ? -4.894  3.293   1.362   1.000 30.932 ? 17  LEU BBB CD2 1 
ATOM   174  N N   . ASN A 1 21  ? -7.638  6.536   4.577   1.000 25.365 ? 18  ASN BBB N   1 
ATOM   175  C CA  . ASN A 1 21  ? -8.460  7.748   4.313   1.000 25.047 ? 18  ASN BBB CA  1 
ATOM   176  C C   . ASN A 1 21  ? -8.111  8.305   2.928   1.000 26.015 ? 18  ASN BBB C   1 
ATOM   177  O O   . ASN A 1 21  ? -9.012  8.616   2.124   1.000 29.117 ? 18  ASN BBB O   1 
ATOM   178  C CB  . ASN A 1 21  ? -8.291  8.808   5.404   1.000 25.664 ? 18  ASN BBB CB  1 
ATOM   179  C CG  . ASN A 1 21  ? -8.689  8.221   6.740   1.000 27.455 ? 18  ASN BBB CG  1 
ATOM   180  O OD1 . ASN A 1 21  ? -9.767  7.637   6.835   1.000 31.345 ? 18  ASN BBB OD1 1 
ATOM   181  N ND2 . ASN A 1 21  ? -7.829  8.347   7.737   1.000 26.330 ? 18  ASN BBB ND2 1 
ATOM   182  N N   . TRP A 1 22  ? -6.809  8.492   2.690   1.000 24.017 ? 19  TRP BBB N   1 
ATOM   183  C CA  . TRP A 1 22  ? -6.378  9.028   1.371   1.000 21.685 ? 19  TRP BBB CA  1 
ATOM   184  C C   . TRP A 1 22  ? -4.907  8.652   1.158   1.000 20.116 ? 19  TRP BBB C   1 
ATOM   185  O O   . TRP A 1 22  ? -4.224  8.290   2.136   1.000 18.989 ? 19  TRP BBB O   1 
ATOM   186  C CB  . TRP A 1 22  ? -6.601  10.541  1.266   1.000 24.436 ? 19  TRP BBB CB  1 
ATOM   187  C CG  . TRP A 1 22  ? -5.979  11.387  2.335   1.000 24.758 ? 19  TRP BBB CG  1 
ATOM   188  C CD1 . TRP A 1 22  ? -6.611  11.951  3.406   1.000 25.922 ? 19  TRP BBB CD1 1 
ATOM   189  C CD2 . TRP A 1 22  ? -4.621  11.860  2.392   1.000 22.820 ? 19  TRP BBB CD2 1 
ATOM   190  N NE1 . TRP A 1 22  ? -5.737  12.695  4.152   1.000 24.795 ? 19  TRP BBB NE1 1 
ATOM   191  C CE2 . TRP A 1 22  ? -4.513  12.681  3.535   1.000 22.222 ? 19  TRP BBB CE2 1 
ATOM   192  C CE3 . TRP A 1 22  ? -3.471  11.679  1.617   1.000 22.593 ? 19  TRP BBB CE3 1 
ATOM   193  C CZ2 . TRP A 1 22  ? -3.336  13.322  3.916   1.000 24.341 ? 19  TRP BBB CZ2 1 
ATOM   194  C CZ3 . TRP A 1 22  ? -2.301  12.294  2.003   1.000 22.612 ? 19  TRP BBB CZ3 1 
ATOM   195  C CH2 . TRP A 1 22  ? -2.224  13.104  3.136   1.000 24.659 ? 19  TRP BBB CH2 1 
ATOM   196  N N   . MET A 1 23  ? -4.503  8.862   -0.099  1.000 19.947 ? 20  MET BBB N   1 
ATOM   197  C CA  . MET A 1 23  ? -3.107  8.564   -0.522  1.000 19.623 ? 20  MET BBB CA  1 
ATOM   198  C C   . MET A 1 23  ? -2.807  9.518   -1.683  1.000 18.846 ? 20  MET BBB C   1 
ATOM   199  O O   . MET A 1 23  ? -3.705  9.783   -2.507  1.000 20.013 ? 20  MET BBB O   1 
ATOM   200  C CB  . MET A 1 23  ? -2.982  7.113   -0.999  1.000 25.042 ? 20  MET BBB CB  1 
ATOM   201  C CG  . MET A 1 23  ? -1.619  6.712   -1.531  1.000 29.202 ? 20  MET BBB CG  1 
ATOM   202  S SD  . MET A 1 23  ? -1.647  5.074   -2.301  1.000 34.559 ? 20  MET BBB SD  1 
ATOM   203  C CE  . MET A 1 23  ? -2.720  4.181   -1.178  1.000 35.767 ? 20  MET BBB CE  1 
ATOM   204  N N   . ASN A 1 24  ? -1.518  9.853   -1.810  1.000 16.784 ? 21  ASN BBB N   1 
ATOM   205  C CA  . ASN A 1 24  ? -1.116  10.557  -3.057  1.000 18.356 ? 21  ASN BBB CA  1 
ATOM   206  C C   . ASN A 1 24  ? 0.346   10.193  -3.337  1.000 17.400 ? 21  ASN BBB C   1 
ATOM   207  O O   . ASN A 1 24  ? 0.978   9.518   -2.502  1.000 18.490 ? 21  ASN BBB O   1 
ATOM   208  C CB  . ASN A 1 24  ? -1.358  12.063  -2.928  1.000 20.260 ? 21  ASN BBB CB  1 
ATOM   209  C CG  . ASN A 1 24  ? -0.559  12.734  -1.833  1.000 22.673 ? 21  ASN BBB CG  1 
ATOM   210  O OD1 . ASN A 1 24  ? 0.609   12.408  -1.632  1.000 22.574 ? 21  ASN BBB OD1 1 
ATOM   211  N ND2 . ASN A 1 24  ? -1.160  13.747  -1.230  1.000 25.469 ? 21  ASN BBB ND2 1 
ATOM   212  N N   . LEU A 1 25  ? 0.665   10.523  -4.593  1.000 19.265 ? 22  LEU BBB N   1 
ATOM   213  C CA  . LEU A 1 25  ? 2.051   10.344  -5.102  1.000 18.822 ? 22  LEU BBB CA  1 
ATOM   214  C C   . LEU A 1 25  ? 2.504   11.719  -5.607  1.000 18.266 ? 22  LEU BBB C   1 
ATOM   215  O O   . LEU A 1 25  ? 1.728   12.447  -6.256  1.000 20.741 ? 22  LEU BBB O   1 
ATOM   216  C CB  . LEU A 1 25  ? 2.029   9.360   -6.275  1.000 18.945 ? 22  LEU BBB CB  1 
ATOM   217  C CG  . LEU A 1 25  ? 1.623   7.926   -5.939  1.000 20.478 ? 22  LEU BBB CG  1 
ATOM   218  C CD1 . LEU A 1 25  ? 1.356   7.161   -7.227  1.000 22.140 ? 22  LEU BBB CD1 1 
ATOM   219  C CD2 . LEU A 1 25  ? 2.678   7.254   -5.075  1.000 22.440 ? 22  LEU BBB CD2 1 
ATOM   220  N N   . ARG A 1 26  ? 3.727   12.072  -5.198  1.000 18.800 ? 23  ARG BBB N   1 
ATOM   221  C CA  . ARG A 1 26  ? 4.359   13.349  -5.625  1.000 19.086 ? 23  ARG BBB CA  1 
ATOM   222  C C   . ARG A 1 26  ? 5.630   12.990  -6.405  1.000 19.807 ? 23  ARG BBB C   1 
ATOM   223  O O   . ARG A 1 26  ? 6.295   11.987  -6.081  1.000 20.123 ? 23  ARG BBB O   1 
ATOM   224  C CB  . ARG A 1 26  ? 4.727   14.225  -4.424  1.000 20.075 ? 23  ARG BBB CB  1 
ATOM   225  C CG  . ARG A 1 26  ? 3.507   14.796  -3.717  1.000 20.737 ? 23  ARG BBB CG  1 
ATOM   226  C CD  . ARG A 1 26  ? 3.970   15.542  -2.481  1.000 22.126 ? 23  ARG BBB CD  1 
ATOM   227  N NE  . ARG A 1 26  ? 2.786   15.933  -1.729  1.000 23.341 ? 23  ARG BBB NE  1 
ATOM   228  C CZ  . ARG A 1 26  ? 2.098   17.059  -1.879  1.000 22.933 ? 23  ARG BBB CZ  1 
ATOM   229  N NH1 . ARG A 1 26  ? 2.475   17.998  -2.731  1.000 22.693 ? 23  ARG BBB NH1 1 
ATOM   230  N NH2 . ARG A 1 26  ? 1.013   17.238  -1.148  1.000 22.451 ? 23  ARG BBB NH2 1 
ATOM   231  N N   . ASP A 1 27  ? 5.893   13.791  -7.442  1.000 22.266 ? 24  ASP BBB N   1 
ATOM   232  C CA  . ASP A 1 27  ? 7.243   13.774  -8.068  1.000 24.432 ? 24  ASP BBB CA  1 
ATOM   233  C C   . ASP A 1 27  ? 8.222   14.276  -7.000  1.000 23.265 ? 24  ASP BBB C   1 
ATOM   234  O O   . ASP A 1 27  ? 8.044   15.428  -6.557  1.000 24.645 ? 24  ASP BBB O   1 
ATOM   235  C CB  . ASP A 1 27  ? 7.220   14.634  -9.334  1.000 25.747 ? 24  ASP BBB CB  1 
ATOM   236  C CG  . ASP A 1 27  ? 8.526   14.628  -10.110 1.000 27.757 ? 24  ASP BBB CG  1 
ATOM   237  O OD1 . ASP A 1 27  ? 8.447   14.769  -11.346 1.000 29.912 ? 24  ASP BBB OD1 1 
ATOM   238  O OD2 . ASP A 1 27  ? 9.598   14.421  -9.508  1.000 29.871 ? 24  ASP BBB OD2 1 
ATOM   239  N N   . ALA A 1 28  ? 9.222   13.470  -6.631  1.000 24.074 ? 25  ALA BBB N   1 
ATOM   240  C CA  . ALA A 1 28  ? 10.099  13.849  -5.497  1.000 23.913 ? 25  ALA BBB CA  1 
ATOM   241  C C   . ALA A 1 28  ? 11.036  14.996  -5.894  1.000 29.040 ? 25  ALA BBB C   1 
ATOM   242  O O   . ALA A 1 28  ? 11.552  15.685  -4.993  1.000 29.398 ? 25  ALA BBB O   1 
ATOM   243  C CB  . ALA A 1 28  ? 10.856  12.667  -4.944  1.000 25.191 ? 25  ALA BBB CB  1 
ATOM   244  N N   . GLU A 1 29  ? 11.217  15.260  -7.192  1.000 26.854 ? 26  GLU BBB N   1 
ATOM   245  C CA  . GLU A 1 29  ? 12.128  16.341  -7.658  1.000 31.852 ? 26  GLU BBB CA  1 
ATOM   246  C C   . GLU A 1 29  ? 11.378  17.679  -7.656  1.000 30.661 ? 26  GLU BBB C   1 
ATOM   247  O O   . GLU A 1 29  ? 12.026  18.745  -7.686  1.000 33.879 ? 26  GLU BBB O   1 
ATOM   248  C CB  . GLU A 1 29  ? 12.736  15.937  -9.002  1.000 36.006 ? 26  GLU BBB CB  1 
ATOM   249  C CG  . GLU A 1 29  ? 13.738  14.802  -8.893  1.000 42.215 ? 26  GLU BBB CG  1 
ATOM   250  C CD  . GLU A 1 29  ? 14.470  14.397  -10.160 1.000 48.910 ? 26  GLU BBB CD  1 
ATOM   251  O OE1 . GLU A 1 29  ? 13.801  14.146  -11.183 1.000 48.925 ? 26  GLU BBB OE1 1 
ATOM   252  O OE2 . GLU A 1 29  ? 15.716  14.351  -10.133 1.000 46.047 ? 26  GLU BBB OE2 1 
ATOM   253  N N   . THR A 1 30  ? 10.042  17.672  -7.641  1.000 26.884 ? 27  THR BBB N   1 
ATOM   254  C CA  . THR A 1 30  ? 9.268   18.941  -7.703  1.000 27.363 ? 27  THR BBB CA  1 
ATOM   255  C C   . THR A 1 30  ? 8.381   19.107  -6.464  1.000 27.835 ? 27  THR BBB C   1 
ATOM   256  O O   . THR A 1 30  ? 8.031   20.258  -6.134  1.000 30.288 ? 27  THR BBB O   1 
ATOM   257  C CB  . THR A 1 30  ? 8.422   19.012  -8.982  1.000 28.362 ? 27  THR BBB CB  1 
ATOM   258  O OG1 . THR A 1 30  ? 7.331   18.107  -8.815  1.000 28.359 ? 27  THR BBB OG1 1 
ATOM   259  C CG2 . THR A 1 30  ? 9.235   18.663  -10.208 1.000 29.727 ? 27  THR BBB CG2 1 
ATOM   260  N N   . GLY A 1 31  ? 8.031   17.995  -5.810  1.000 24.883 ? 28  GLY BBB N   1 
ATOM   261  C CA  . GLY A 1 31  ? 7.149   18.028  -4.628  1.000 24.533 ? 28  GLY BBB CA  1 
ATOM   262  C C   . GLY A 1 31  ? 5.695   18.171  -5.044  1.000 26.102 ? 28  GLY BBB C   1 
ATOM   263  O O   . GLY A 1 31  ? 4.844   18.316  -4.144  1.000 31.286 ? 28  GLY BBB O   1 
ATOM   264  N N   . LYS A 1 32  ? 5.445   18.134  -6.357  1.000 26.071 ? 29  LYS BBB N   1 
ATOM   265  C CA  . LYS A 1 32  ? 4.099   18.291  -6.973  1.000 28.133 ? 29  LYS BBB CA  1 
ATOM   266  C C   . LYS A 1 32  ? 3.298   16.986  -7.037  1.000 25.149 ? 29  LYS BBB C   1 
ATOM   267  O O   . LYS A 1 32  ? 3.858   15.923  -7.369  1.000 23.367 ? 29  LYS BBB O   1 
ATOM   268  C CB  . LYS A 1 32  ? 4.209   18.786  -8.418  1.000 34.349 ? 29  LYS BBB CB  1 
ATOM   269  C CG  . LYS A 1 32  ? 4.885   20.143  -8.556  1.000 37.991 ? 29  LYS BBB CG  1 
ATOM   270  C CD  . LYS A 1 32  ? 4.106   21.231  -7.847  1.000 43.598 ? 29  LYS BBB CD  1 
ATOM   271  C CE  . LYS A 1 32  ? 4.427   22.603  -8.401  1.000 46.436 ? 29  LYS BBB CE  1 
ATOM   272  N NZ  . LYS A 1 32  ? 4.103   23.642  -7.395  1.000 51.095 ? 29  LYS BBB NZ  1 
ATOM   273  N N   . ILE A 1 33  ? 1.986   17.109  -6.810  1.000 26.464 ? 30  ILE BBB N   1 
ATOM   274  C CA  . ILE A 1 33  ? 1.083   15.919  -6.809  1.000 23.373 ? 30  ILE BBB CA  1 
ATOM   275  C C   . ILE A 1 33  ? 0.967   15.400  -8.247  1.000 27.066 ? 30  ILE BBB C   1 
ATOM   276  O O   . ILE A 1 33  ? 0.697   16.230  -9.138  1.000 32.450 ? 30  ILE BBB O   1 
ATOM   277  C CB  . ILE A 1 33  ? -0.289  16.280  -6.207  1.000 24.362 ? 30  ILE BBB CB  1 
ATOM   278  C CG1 . ILE A 1 33  ? -0.132  16.610  -4.720  1.000 26.178 ? 30  ILE BBB CG1 1 
ATOM   279  C CG2 . ILE A 1 33  ? -1.285  15.149  -6.417  1.000 27.596 ? 30  ILE BBB CG2 1 
ATOM   280  C CD1 . ILE A 1 33  ? -1.387  17.160  -4.083  1.000 29.479 ? 30  ILE BBB CD1 1 
ATOM   281  N N   . LEU A 1 34  ? 1.182   14.090  -8.406  1.000 25.419 ? 31  LEU BBB N   1 
ATOM   282  C CA  . LEU A 1 34  ? 0.973   13.374  -9.694  1.000 25.867 ? 31  LEU BBB CA  1 
ATOM   283  C C   . LEU A 1 34  ? -0.367  12.631  -9.728  1.000 29.810 ? 31  LEU BBB C   1 
ATOM   284  O O   . LEU A 1 34  ? -0.963  12.464  -10.810 1.000 28.277 ? 31  LEU BBB O   1 
ATOM   285  C CB  . LEU A 1 34  ? 2.096   12.350  -9.888  1.000 27.713 ? 31  LEU BBB CB  1 
ATOM   286  C CG  . LEU A 1 34  ? 3.491   12.943  -10.076 1.000 32.729 ? 31  LEU BBB CG  1 
ATOM   287  C CD1 . LEU A 1 34  ? 4.530   11.833  -10.031 1.000 33.696 ? 31  LEU BBB CD1 1 
ATOM   288  C CD2 . LEU A 1 34  ? 3.557   13.694  -11.397 1.000 32.811 ? 31  LEU BBB CD2 1 
ATOM   289  N N   . TRP A 1 35  ? -0.756  12.100  -8.564  1.000 23.199 ? 32  TRP BBB N   1 
ATOM   290  C CA  . TRP A 1 35  ? -1.938  11.200  -8.480  1.000 22.391 ? 32  TRP BBB CA  1 
ATOM   291  C C   . TRP A 1 35  ? -2.443  11.296  -7.035  1.000 23.255 ? 32  TRP BBB C   1 
ATOM   292  O O   . TRP A 1 35  ? -1.622  11.441  -6.108  1.000 21.116 ? 32  TRP BBB O   1 
ATOM   293  C CB  . TRP A 1 35  ? -1.537  9.778   -8.890  1.000 22.959 ? 32  TRP BBB CB  1 
ATOM   294  C CG  . TRP A 1 35  ? -2.634  8.775   -8.699  1.000 25.928 ? 32  TRP BBB CG  1 
ATOM   295  C CD1 . TRP A 1 35  ? -3.578  8.398   -9.610  1.000 23.730 ? 32  TRP BBB CD1 1 
ATOM   296  C CD2 . TRP A 1 35  ? -2.889  8.011   -7.506  1.000 24.074 ? 32  TRP BBB CD2 1 
ATOM   297  N NE1 . TRP A 1 35  ? -4.413  7.467   -9.054  1.000 27.767 ? 32  TRP BBB NE1 1 
ATOM   298  C CE2 . TRP A 1 35  ? -3.998  7.183   -7.779  1.000 26.163 ? 32  TRP BBB CE2 1 
ATOM   299  C CE3 . TRP A 1 35  ? -2.286  7.939   -6.247  1.000 25.587 ? 32  TRP BBB CE3 1 
ATOM   300  C CZ2 . TRP A 1 35  ? -4.539  6.318   -6.828  1.000 28.546 ? 32  TRP BBB CZ2 1 
ATOM   301  C CZ3 . TRP A 1 35  ? -2.801  7.062   -5.319  1.000 26.583 ? 32  TRP BBB CZ3 1 
ATOM   302  C CH2 . TRP A 1 35  ? -3.897  6.251   -5.613  1.000 29.282 ? 32  TRP BBB CH2 1 
ATOM   303  N N   . GLN A 1 36  ? -3.774  11.295  -6.916  1.000 21.242 ? 33  GLN BBB N   1 
ATOM   304  C CA  . GLN A 1 36  ? -4.405  11.253  -5.569  1.000 24.443 ? 33  GLN BBB CA  1 
ATOM   305  C C   . GLN A 1 36  ? -5.490  10.172  -5.611  1.000 24.813 ? 33  GLN BBB C   1 
ATOM   306  O O   . GLN A 1 36  ? -6.141  10.086  -6.670  1.000 26.841 ? 33  GLN BBB O   1 
ATOM   307  C CB  . GLN A 1 36  ? -5.134  12.553  -5.226  1.000 28.017 ? 33  GLN BBB CB  1 
ATOM   308  C CG  . GLN A 1 36  ? -4.292  13.805  -5.426  1.000 29.581 ? 33  GLN BBB CG  1 
ATOM   309  C CD  . GLN A 1 36  ? -4.994  15.088  -5.056  1.000 28.964 ? 33  GLN BBB CD  1 
ATOM   310  O OE1 . GLN A 1 36  ? -5.069  15.466  -3.889  1.000 32.410 ? 33  GLN BBB OE1 1 
ATOM   311  N NE2 . GLN A 1 36  ? -5.484  15.802  -6.057  1.000 32.767 ? 33  GLN BBB NE2 1 
ATOM   312  N N   . GLY A 1 37  ? -5.729  9.508   -4.475  1.000 26.887 ? 34  GLY BBB N   1 
ATOM   313  C CA  . GLY A 1 37  ? -6.897  8.613   -4.358  1.000 33.948 ? 34  GLY BBB CA  1 
ATOM   314  C C   . GLY A 1 37  ? -7.584  8.858   -3.025  1.000 37.864 ? 34  GLY BBB C   1 
ATOM   315  O O   . GLY A 1 37  ? -6.871  9.215   -2.066  1.000 36.012 ? 34  GLY BBB O   1 
ATOM   316  N N   . THR A 1 38  ? -8.900  8.634   -2.966  1.000 37.285 ? 35  THR BBB N   1 
ATOM   317  C CA  . THR A 1 38  ? -9.626  8.438   -1.681  1.000 41.129 ? 35  THR BBB CA  1 
ATOM   318  C C   . THR A 1 38  ? -10.146 7.002   -1.562  1.000 39.549 ? 35  THR BBB C   1 
ATOM   319  O O   . THR A 1 38  ? -10.590 6.668   -0.445  1.000 42.767 ? 35  THR BBB O   1 
ATOM   320  C CB  . THR A 1 38  ? -10.751 9.460   -1.475  1.000 42.161 ? 35  THR BBB CB  1 
ATOM   321  O OG1 . THR A 1 38  ? -11.700 9.349   -2.536  1.000 42.521 ? 35  THR BBB OG1 1 
ATOM   322  C CG2 . THR A 1 38  ? -10.237 10.882  -1.406  1.000 42.621 ? 35  THR BBB CG2 1 
ATOM   323  N N   . GLU A 1 39  ? -10.104 6.190   -2.624  1.000 42.449 ? 36  GLU BBB N   1 
ATOM   324  C CA  . GLU A 1 39  ? -10.519 4.762   -2.577  1.000 43.437 ? 36  GLU BBB CA  1 
ATOM   325  C C   . GLU A 1 39  ? -9.628  4.024   -1.571  1.000 42.240 ? 36  GLU BBB C   1 
ATOM   326  O O   . GLU A 1 39  ? -8.395  4.207   -1.581  1.000 36.242 ? 36  GLU BBB O   1 
ATOM   327  C CB  . GLU A 1 39  ? -10.484 4.090   -3.951  1.000 47.562 ? 36  GLU BBB CB  1 
ATOM   328  C CG  . GLU A 1 39  ? -10.751 2.595   -3.914  1.000 50.410 ? 36  GLU BBB CG  1 
ATOM   329  C CD  . GLU A 1 39  ? -10.793 1.869   -5.248  1.000 53.107 ? 36  GLU BBB CD  1 
ATOM   330  O OE1 . GLU A 1 39  ? -10.961 2.549   -6.279  1.000 56.992 ? 36  GLU BBB OE1 1 
ATOM   331  O OE2 . GLU A 1 39  ? -10.640 0.631   -5.267  1.000 50.012 ? 36  GLU BBB OE2 1 
ATOM   332  N N   . ASP A 1 40  ? -10.237 3.208   -0.706  1.000 37.904 ? 37  ASP BBB N   1 
ATOM   333  C CA  . ASP A 1 40  ? -9.436  2.362   0.221   1.000 39.080 ? 37  ASP BBB CA  1 
ATOM   334  C C   . ASP A 1 40  ? -8.766  1.231   -0.568  1.000 35.348 ? 37  ASP BBB C   1 
ATOM   335  O O   . ASP A 1 40  ? -9.411  0.174   -0.714  1.000 34.391 ? 37  ASP BBB O   1 
ATOM   336  C CB  . ASP A 1 40  ? -10.306 1.864   1.378   1.000 38.576 ? 37  ASP BBB CB  1 
ATOM   337  C CG  . ASP A 1 40  ? -9.418  1.397   2.517   1.000 42.553 ? 37  ASP BBB CG  1 
ATOM   338  O OD1 . ASP A 1 40  ? -8.236  1.133   2.218   1.000 41.472 ? 37  ASP BBB OD1 1 
ATOM   339  O OD2 . ASP A 1 40  ? -9.885  1.363   3.673   1.000 42.449 ? 37  ASP BBB OD2 1 
ATOM   340  N N   . LEU A 1 41  ? -7.542  1.426   -1.069  1.000 29.584 ? 38  LEU BBB N   1 
ATOM   341  C CA  . LEU A 1 41  ? -6.808  0.390   -1.846  1.000 29.619 ? 38  LEU BBB CA  1 
ATOM   342  C C   . LEU A 1 41  ? -6.294  -0.722  -0.923  1.000 27.704 ? 38  LEU BBB C   1 
ATOM   343  O O   . LEU A 1 41  ? -5.643  -1.643  -1.455  1.000 27.159 ? 38  LEU BBB O   1 
ATOM   344  C CB  . LEU A 1 41  ? -5.661  1.037   -2.629  1.000 30.712 ? 38  LEU BBB CB  1 
ATOM   345  C CG  . LEU A 1 41  ? -6.091  1.971   -3.761  1.000 31.287 ? 38  LEU BBB CG  1 
ATOM   346  C CD1 . LEU A 1 41  ? -4.896  2.659   -4.404  1.000 33.781 ? 38  LEU BBB CD1 1 
ATOM   347  C CD2 . LEU A 1 41  ? -6.879  1.219   -4.823  1.000 34.083 ? 38  LEU BBB CD2 1 
ATOM   348  N N   . SER A 1 42  ? -6.470  -0.596  0.396   1.000 26.299 ? 39  SER BBB N   1 
ATOM   349  C CA  . SER A 1 42  ? -5.995  -1.556  1.427   1.000 28.911 ? 39  SER BBB CA  1 
ATOM   350  C C   . SER A 1 42  ? -6.931  -2.764  1.547   1.000 27.498 ? 39  SER BBB C   1 
ATOM   351  O O   . SER A 1 42  ? -6.470  -3.800  2.069   1.000 28.949 ? 39  SER BBB O   1 
ATOM   352  C CB  . SER A 1 42  ? -5.854  -0.891  2.772   1.000 32.325 ? 39  SER BBB CB  1 
ATOM   353  O OG  . SER A 1 42  ? -7.127  -0.602  3.330   1.000 37.393 ? 39  SER BBB OG  1 
ATOM   354  N N   . VAL A 1 43  ? -8.188  -2.629  1.113   1.000 27.236 ? 40  VAL BBB N   1 
ATOM   355  C CA  . VAL A 1 43  ? -9.245  -3.642  1.411   1.000 27.950 ? 40  VAL BBB CA  1 
ATOM   356  C C   . VAL A 1 43  ? -8.907  -4.962  0.724   1.000 25.994 ? 40  VAL BBB C   1 
ATOM   357  O O   . VAL A 1 43  ? -8.728  -5.028  -0.491  1.000 25.261 ? 40  VAL BBB O   1 
ATOM   358  C CB  . VAL A 1 43  ? -10.659 -3.168  1.025   1.000 30.574 ? 40  VAL BBB CB  1 
ATOM   359  C CG1 . VAL A 1 43  ? -11.706 -4.219  1.363   1.000 30.795 ? 40  VAL BBB CG1 1 
ATOM   360  C CG2 . VAL A 1 43  ? -10.975 -1.855  1.726   1.000 30.981 ? 40  VAL BBB CG2 1 
ATOM   361  N N   . PRO A 1 44  ? -8.797  -6.069  1.492   1.000 24.021 ? 41  PRO BBB N   1 
ATOM   362  C CA  . PRO A 1 44  ? -8.532  -7.380  0.893   1.000 23.947 ? 41  PRO BBB CA  1 
ATOM   363  C C   . PRO A 1 44  ? -9.744  -7.974  0.161   1.000 24.789 ? 41  PRO BBB C   1 
ATOM   364  O O   . PRO A 1 44  ? -10.863 -7.592  0.458   1.000 27.643 ? 41  PRO BBB O   1 
ATOM   365  C CB  . PRO A 1 44  ? -8.214  -8.283  2.092   1.000 24.314 ? 41  PRO BBB CB  1 
ATOM   366  C CG  . PRO A 1 44  ? -8.933  -7.625  3.244   1.000 25.586 ? 41  PRO BBB CG  1 
ATOM   367  C CD  . PRO A 1 44  ? -8.923  -6.137  2.957   1.000 25.642 ? 41  PRO BBB CD  1 
ATOM   368  N N   . GLY A 1 45  ? -9.475  -8.911  -0.753  1.000 26.016 ? 42  GLY BBB N   1 
ATOM   369  C CA  . GLY A 1 45  ? -10.521 -9.709  -1.422  1.000 30.000 ? 42  GLY BBB CA  1 
ATOM   370  C C   . GLY A 1 45  ? -11.288 -8.970  -2.505  1.000 33.831 ? 42  GLY BBB C   1 
ATOM   371  O O   . GLY A 1 45  ? -12.309 -9.515  -2.968  1.000 35.181 ? 42  GLY BBB O   1 
ATOM   372  N N   . VAL A 1 46  ? -10.842 -7.763  -2.867  1.000 32.820 ? 43  VAL BBB N   1 
ATOM   373  C CA  . VAL A 1 46  ? -11.390 -6.974  -4.012  1.000 34.757 ? 43  VAL BBB CA  1 
ATOM   374  C C   . VAL A 1 46  ? -10.217 -6.667  -4.950  1.000 36.360 ? 43  VAL BBB C   1 
ATOM   375  O O   . VAL A 1 46  ? -9.113  -6.387  -4.443  1.000 33.218 ? 43  VAL BBB O   1 
ATOM   376  C CB  . VAL A 1 46  ? -12.134 -5.712  -3.533  1.000 38.799 ? 43  VAL BBB CB  1 
ATOM   377  C CG1 . VAL A 1 46  ? -11.447 -5.028  -2.361  1.000 44.142 ? 43  VAL BBB CG1 1 
ATOM   378  C CG2 . VAL A 1 46  ? -12.390 -4.727  -4.663  1.000 43.665 ? 43  VAL BBB CG2 1 
ATOM   379  N N   . GLU A 1 47  ? -10.424 -6.781  -6.266  1.000 39.064 ? 44  GLU BBB N   1 
ATOM   380  C CA  . GLU A 1 47  ? -9.366  -6.596  -7.297  1.000 45.149 ? 44  GLU BBB CA  1 
ATOM   381  C C   . GLU A 1 47  ? -9.279  -5.110  -7.662  1.000 42.662 ? 44  GLU BBB C   1 
ATOM   382  O O   . GLU A 1 47  ? -9.928  -4.709  -8.648  1.000 47.886 ? 44  GLU BBB O   1 
ATOM   383  C CB  . GLU A 1 47  ? -9.644  -7.470  -8.521  1.000 52.897 ? 44  GLU BBB CB  1 
ATOM   384  C CG  . GLU A 1 47  ? -8.636  -8.571  -8.800  1.000 57.163 ? 44  GLU BBB CG  1 
ATOM   385  C CD  . GLU A 1 47  ? -9.093  -9.660  -9.755  1.000 63.546 ? 44  GLU BBB CD  1 
ATOM   386  O OE1 . GLU A 1 47  ? -8.748  -9.611  -10.953 1.000 59.466 ? 44  GLU BBB OE1 1 
ATOM   387  O OE2 . GLU A 1 47  ? -9.809  -10.572 -9.297  1.000 64.033 ? 44  GLU BBB OE2 1 
ATOM   388  N N   . HIS A 1 48  ? -8.480  -4.331  -6.925  1.000 35.135 ? 45  HIS BBB N   1 
ATOM   389  C CA  . HIS A 1 48  ? -8.372  -2.851  -7.026  1.000 29.813 ? 45  HIS BBB CA  1 
ATOM   390  C C   . HIS A 1 48  ? -7.606  -2.422  -8.282  1.000 27.894 ? 45  HIS BBB C   1 
ATOM   391  O O   . HIS A 1 48  ? -6.796  -3.204  -8.819  1.000 28.689 ? 45  HIS BBB O   1 
ATOM   392  C CB  . HIS A 1 48  ? -7.607  -2.253  -5.837  1.000 27.901 ? 45  HIS BBB CB  1 
ATOM   393  C CG  . HIS A 1 48  ? -8.203  -2.518  -4.495  1.000 26.869 ? 45  HIS BBB CG  1 
ATOM   394  N ND1 . HIS A 1 48  ? -9.316  -1.830  -4.058  1.000 27.553 ? 45  HIS BBB ND1 1 
ATOM   395  C CD2 . HIS A 1 48  ? -7.792  -3.285  -3.463  1.000 27.911 ? 45  HIS BBB CD2 1 
ATOM   396  C CE1 . HIS A 1 48  ? -9.612  -2.212  -2.832  1.000 28.909 ? 45  HIS BBB CE1 1 
ATOM   397  N NE2 . HIS A 1 48  ? -8.694  -3.110  -2.447  1.000 29.380 ? 45  HIS BBB NE2 1 
ATOM   398  N N   . GLU A 1 49  ? -7.911  -1.204  -8.740  1.000 29.473 ? 46  GLU BBB N   1 
ATOM   399  C CA  . GLU A 1 49  ? -7.220  -0.604  -9.914  1.000 30.804 ? 46  GLU BBB CA  1 
ATOM   400  C C   . GLU A 1 49  ? -6.758  0.805   -9.524  1.000 28.297 ? 46  GLU BBB C   1 
ATOM   401  O O   . GLU A 1 49  ? -7.383  1.482   -8.684  1.000 31.468 ? 46  GLU BBB O   1 
ATOM   402  C CB  . GLU A 1 49  ? -8.147  -0.584  -11.131 1.000 35.098 ? 46  GLU BBB CB  1 
ATOM   403  C CG  . GLU A 1 49  ? -8.488  -1.970  -11.646 1.000 37.862 ? 46  GLU BBB CG  1 
ATOM   404  C CD  . GLU A 1 49  ? -9.349  -1.996  -12.898 1.000 43.475 ? 46  GLU BBB CD  1 
ATOM   405  O OE1 . GLU A 1 49  ? -9.540  -3.093  -13.458 1.000 44.008 ? 46  GLU BBB OE1 1 
ATOM   406  O OE2 . GLU A 1 49  ? -9.818  -0.920  -13.318 1.000 46.410 ? 46  GLU BBB OE2 1 
ATOM   407  N N   . ALA A 1 50  ? -5.644  1.216   -10.138 1.000 27.229 ? 47  ALA BBB N   1 
ATOM   408  C CA  . ALA A 1 50  ? -5.168  2.615   -10.023 1.000 25.918 ? 47  ALA BBB CA  1 
ATOM   409  C C   . ALA A 1 50  ? -4.714  3.067   -11.415 1.000 24.849 ? 47  ALA BBB C   1 
ATOM   410  O O   . ALA A 1 50  ? -3.918  2.325   -12.025 1.000 27.227 ? 47  ALA BBB O   1 
ATOM   411  C CB  . ALA A 1 50  ? -4.042  2.717   -9.025  1.000 25.911 ? 47  ALA BBB CB  1 
ATOM   412  N N   . ARG A 1 51  ? -5.171  4.265   -11.793 1.000 23.867 ? 48  ARG BBB N   1 
ATOM   413  C CA  . ARG A 1 51  ? -4.850  4.857   -13.120 1.000 26.825 ? 48  ARG BBB CA  1 
ATOM   414  C C   . ARG A 1 51  ? -3.914  6.049   -12.884 1.000 22.828 ? 48  ARG BBB C   1 
ATOM   415  O O   . ARG A 1 51  ? -4.395  7.111   -12.443 1.000 25.813 ? 48  ARG BBB O   1 
ATOM   416  C CB  . ARG A 1 51  ? -6.170  5.181   -13.828 1.000 29.928 ? 48  ARG BBB CB  1 
ATOM   417  C CG  . ARG A 1 51  ? -6.944  3.918   -14.175 1.000 35.155 ? 48  ARG BBB CG  1 
ATOM   418  C CD  . ARG A 1 51  ? -8.200  4.064   -15.013 1.000 37.037 ? 48  ARG BBB CD  1 
ATOM   419  N NE  . ARG A 1 51  ? -8.314  2.831   -15.779 1.000 37.960 ? 48  ARG BBB NE  1 
ATOM   420  C CZ  . ARG A 1 51  ? -7.812  2.632   -16.993 1.000 46.300 ? 48  ARG BBB CZ  1 
ATOM   421  N NH1 . ARG A 1 51  ? -7.221  3.610   -17.658 1.000 52.802 ? 48  ARG BBB NH1 1 
ATOM   422  N NH2 . ARG A 1 51  ? -7.946  1.457   -17.580 1.000 55.202 ? 48  ARG BBB NH2 1 
ATOM   423  N N   . VAL A 1 52  ? -2.606  5.817   -13.042 1.000 24.058 ? 49  VAL BBB N   1 
ATOM   424  C CA  . VAL A 1 52  ? -1.604  6.871   -12.701 1.000 25.551 ? 49  VAL BBB CA  1 
ATOM   425  C C   . VAL A 1 52  ? -1.171  7.478   -14.033 1.000 30.136 ? 49  VAL BBB C   1 
ATOM   426  O O   . VAL A 1 52  ? -1.220  6.829   -15.076 1.000 27.209 ? 49  VAL BBB O   1 
ATOM   427  C CB  . VAL A 1 52  ? -0.435  6.309   -11.869 1.000 26.090 ? 49  VAL BBB CB  1 
ATOM   428  C CG1 . VAL A 1 52  ? -0.897  5.745   -10.533 1.000 26.027 ? 49  VAL BBB CG1 1 
ATOM   429  C CG2 . VAL A 1 52  ? 0.388   5.267   -12.609 1.000 25.108 ? 49  VAL BBB CG2 1 
ATOM   430  N N   . PRO A 1 53  ? -0.738  8.758   -14.025 1.000 25.742 ? 50  PRO BBB N   1 
ATOM   431  C CA  . PRO A 1 53  ? -0.289  9.398   -15.263 1.000 26.680 ? 50  PRO BBB CA  1 
ATOM   432  C C   . PRO A 1 53  ? 0.981   8.709   -15.782 1.000 27.303 ? 50  PRO BBB C   1 
ATOM   433  O O   . PRO A 1 53  ? 1.865   8.383   -15.012 1.000 27.913 ? 50  PRO BBB O   1 
ATOM   434  C CB  . PRO A 1 53  ? -0.011  10.861  -14.893 1.000 28.174 ? 50  PRO BBB CB  1 
ATOM   435  C CG  . PRO A 1 53  ? -0.133  10.962  -13.394 1.000 29.568 ? 50  PRO BBB CG  1 
ATOM   436  C CD  . PRO A 1 53  ? -0.695  9.659   -12.861 1.000 25.654 ? 50  PRO BBB CD  1 
ATOM   437  N N   . LYS A 1 54  ? 1.077   8.480   -17.097 1.000 28.124 ? 51  LYS BBB N   1 
ATOM   438  C CA  . LYS A 1 54  ? 2.220   7.684   -17.618 1.000 30.302 ? 51  LYS BBB CA  1 
ATOM   439  C C   . LYS A 1 54  ? 3.553   8.411   -17.404 1.000 28.686 ? 51  LYS BBB C   1 
ATOM   440  O O   . LYS A 1 54  ? 4.565   7.691   -17.288 1.000 31.388 ? 51  LYS BBB O   1 
ATOM   441  C CB  . LYS A 1 54  ? 2.043   7.290   -19.089 1.000 34.514 ? 51  LYS BBB CB  1 
ATOM   442  C CG  . LYS A 1 54  ? 1.765   8.421   -20.070 1.000 37.691 ? 51  LYS BBB CG  1 
ATOM   443  C CD  . LYS A 1 54  ? 1.582   7.911   -21.483 1.000 40.602 ? 51  LYS BBB CD  1 
ATOM   444  C CE  . LYS A 1 54  ? 0.881   8.883   -22.408 1.000 48.154 ? 51  LYS BBB CE  1 
ATOM   445  N NZ  . LYS A 1 54  ? 1.709   10.074  -22.710 1.000 50.100 ? 51  LYS BBB NZ  1 
ATOM   446  N N   . LYS A 1 55  ? 3.547   9.741   -17.277 1.000 32.177 ? 52  LYS BBB N   1 
ATOM   447  C CA  . LYS A 1 55  ? 4.749   10.560  -16.967 1.000 32.701 ? 52  LYS BBB CA  1 
ATOM   448  C C   . LYS A 1 55  ? 5.393   10.094  -15.656 1.000 34.528 ? 52  LYS BBB C   1 
ATOM   449  O O   . LYS A 1 55  ? 6.611   10.286  -15.473 1.000 32.788 ? 52  LYS BBB O   1 
ATOM   450  C CB  . LYS A 1 55  ? 4.398   12.048  -16.866 1.000 32.744 ? 52  LYS BBB CB  1 
ATOM   451  C CG  . LYS A 1 55  ? 3.636   12.413  -15.598 1.000 33.731 ? 52  LYS BBB CG  1 
ATOM   452  C CD  . LYS A 1 55  ? 3.752   13.881  -15.247 1.000 40.958 ? 52  LYS BBB CD  1 
ATOM   453  C CE  . LYS A 1 55  ? 2.694   14.721  -15.930 1.000 42.634 ? 52  LYS BBB CE  1 
ATOM   454  N NZ  . LYS A 1 55  ? 2.740   16.106  -15.403 1.000 47.240 ? 52  LYS BBB NZ  1 
ATOM   455  N N   . ILE A 1 56  ? 4.641   9.450   -14.757 1.000 33.697 ? 53  ILE BBB N   1 
ATOM   456  C CA  . ILE A 1 56  ? 5.270   8.916   -13.512 1.000 32.887 ? 53  ILE BBB CA  1 
ATOM   457  C C   . ILE A 1 56  ? 6.447   7.994   -13.850 1.000 30.943 ? 53  ILE BBB C   1 
ATOM   458  O O   . ILE A 1 56  ? 7.433   8.010   -13.088 1.000 30.758 ? 53  ILE BBB O   1 
ATOM   459  C CB  . ILE A 1 56  ? 4.260   8.170   -12.616 1.000 31.265 ? 53  ILE BBB CB  1 
ATOM   460  C CG1 . ILE A 1 56  ? 4.846   8.010   -11.211 1.000 31.520 ? 53  ILE BBB CG1 1 
ATOM   461  C CG2 . ILE A 1 56  ? 3.873   6.839   -13.245 1.000 31.755 ? 53  ILE BBB CG2 1 
ATOM   462  C CD1 . ILE A 1 56  ? 3.838   7.603   -10.160 1.000 30.899 ? 53  ILE BBB CD1 1 
ATOM   463  N N   . LEU A 1 57  ? 6.359   7.220   -14.937 1.000 34.840 ? 54  LEU BBB N   1 
ATOM   464  C CA  . LEU A 1 57  ? 7.420   6.253   -15.330 1.000 34.903 ? 54  LEU BBB CA  1 
ATOM   465  C C   . LEU A 1 57  ? 8.725   7.003   -15.618 1.000 39.877 ? 54  LEU BBB C   1 
ATOM   466  O O   . LEU A 1 57  ? 9.782   6.346   -15.554 1.000 38.914 ? 54  LEU BBB O   1 
ATOM   467  C CB  . LEU A 1 57  ? 6.954   5.508   -16.585 1.000 34.654 ? 54  LEU BBB CB  1 
ATOM   468  C CG  . LEU A 1 57  ? 5.733   4.610   -16.387 1.000 37.454 ? 54  LEU BBB CG  1 
ATOM   469  C CD1 . LEU A 1 57  ? 5.141   4.204   -17.727 1.000 37.058 ? 54  LEU BBB CD1 1 
ATOM   470  C CD2 . LEU A 1 57  ? 6.096   3.402   -15.538 1.000 36.927 ? 54  LEU BBB CD2 1 
ATOM   471  N N   . LYS A 1 58  ? 8.658   8.311   -15.890 1.000 42.634 ? 55  LYS BBB N   1 
ATOM   472  C CA  . LYS A 1 58  ? 9.839   9.179   -16.148 1.000 45.012 ? 55  LYS BBB CA  1 
ATOM   473  C C   . LYS A 1 58  ? 10.540  9.577   -14.844 1.000 44.748 ? 55  LYS BBB C   1 
ATOM   474  O O   . LYS A 1 58  ? 11.773  9.767   -14.873 1.000 45.604 ? 55  LYS BBB O   1 
ATOM   475  C CB  . LYS A 1 58  ? 9.448   10.465  -16.881 1.000 47.032 ? 55  LYS BBB CB  1 
ATOM   476  C CG  . LYS A 1 58  ? 8.879   10.271  -18.280 1.000 53.434 ? 55  LYS BBB CG  1 
ATOM   477  C CD  . LYS A 1 58  ? 9.413   11.263  -19.293 1.000 55.555 ? 55  LYS BBB CD  1 
ATOM   478  C CE  . LYS A 1 58  ? 10.720  10.822  -19.917 1.000 62.525 ? 55  LYS BBB CE  1 
ATOM   479  N NZ  . LYS A 1 58  ? 11.875  10.976  -19.001 1.000 67.443 ? 55  LYS BBB NZ  1 
ATOM   480  N N   . CYS A 1 59  ? 9.812   9.671   -13.727 1.000 39.657 ? 56  CYS BBB N   1 
ATOM   481  C CA  . CYS A 1 59  ? 10.378  10.248  -12.476 1.000 37.090 ? 56  CYS BBB CA  1 
ATOM   482  C C   . CYS A 1 59  ? 11.509  9.377   -11.918 1.000 33.652 ? 56  CYS BBB C   1 
ATOM   483  O O   . CYS A 1 59  ? 11.318  8.150   -11.802 1.000 36.794 ? 56  CYS BBB O   1 
ATOM   484  C CB  . CYS A 1 59  ? 9.333   10.374  -11.375 1.000 34.599 ? 56  CYS BBB CB  1 
ATOM   485  S SG  . CYS A 1 59  ? 7.903   11.384  -11.843 1.000 34.016 ? 56  CYS BBB SG  1 
ATOM   486  N N   . LYS A 1 60  ? 12.578  10.024  -11.443 1.000 33.377 ? 57  LYS BBB N   1 
ATOM   487  C CA  . LYS A 1 60  ? 13.718  9.364   -10.751 1.000 36.207 ? 57  LYS BBB CA  1 
ATOM   488  C C   . LYS A 1 60  ? 13.217  8.822   -9.407  1.000 34.653 ? 57  LYS BBB C   1 
ATOM   489  O O   . LYS A 1 60  ? 13.662  7.749   -8.952  1.000 36.603 ? 57  LYS BBB O   1 
ATOM   490  C CB  . LYS A 1 60  ? 14.874  10.355  -10.586 1.000 40.326 ? 57  LYS BBB CB  1 
ATOM   491  C CG  . LYS A 1 60  ? 15.947  9.981   -9.572  1.000 43.740 ? 57  LYS BBB CG  1 
ATOM   492  C CD  . LYS A 1 60  ? 17.142  10.910  -9.537  1.000 53.225 ? 57  LYS BBB CD  1 
ATOM   493  C CE  . LYS A 1 60  ? 17.825  11.112  -10.873 1.000 55.373 ? 57  LYS BBB CE  1 
ATOM   494  N NZ  . LYS A 1 60  ? 19.281  11.341  -10.714 1.000 59.308 ? 57  LYS BBB NZ  1 
ATOM   495  N N   . ALA A 1 61  ? 12.282  9.552   -8.792  1.000 28.228 ? 58  ALA BBB N   1 
ATOM   496  C CA  . ALA A 1 61  ? 11.797  9.147   -7.451  1.000 27.184 ? 58  ALA BBB CA  1 
ATOM   497  C C   . ALA A 1 61  ? 10.388  9.733   -7.306  1.000 23.290 ? 58  ALA BBB C   1 
ATOM   498  O O   . ALA A 1 61  ? 10.103  10.817  -7.852  1.000 24.948 ? 58  ALA BBB O   1 
ATOM   499  C CB  . ALA A 1 61  ? 12.710  9.669   -6.369  1.000 26.094 ? 58  ALA BBB CB  1 
ATOM   500  N N   . VAL A 1 62  ? 9.557   8.982   -6.576  1.000 21.918 ? 59  VAL BBB N   1 
ATOM   501  C CA  . VAL A 1 62  ? 8.229   9.530   -6.170  1.000 22.113 ? 59  VAL BBB CA  1 
ATOM   502  C C   . VAL A 1 62  ? 8.130   9.420   -4.644  1.000 19.021 ? 59  VAL BBB C   1 
ATOM   503  O O   . VAL A 1 62  ? 8.579   8.412   -4.064  1.000 21.199 ? 59  VAL BBB O   1 
ATOM   504  C CB  . VAL A 1 62  ? 7.061   8.817   -6.878  1.000 28.315 ? 59  VAL BBB CB  1 
ATOM   505  C CG1 . VAL A 1 62  ? 7.219   8.871   -8.390  1.000 27.763 ? 59  VAL BBB CG1 1 
ATOM   506  C CG2 . VAL A 1 62  ? 6.879   7.385   -6.398  1.000 34.377 ? 59  VAL BBB CG2 1 
ATOM   507  N N   . SER A 1 63  ? 7.472   10.410  -4.032  1.000 18.959 ? 60  SER BBB N   1 
ATOM   508  C CA  . SER A 1 63  ? 7.115   10.250  -2.598  1.000 17.794 ? 60  SER BBB CA  1 
ATOM   509  C C   . SER A 1 63  ? 5.634   9.859   -2.542  1.000 17.761 ? 60  SER BBB C   1 
ATOM   510  O O   . SER A 1 63  ? 4.869   10.207  -3.464  1.000 20.249 ? 60  SER BBB O   1 
ATOM   511  C CB  . SER A 1 63  ? 7.461   11.512  -1.850  1.000 19.461 ? 60  SER BBB CB  1 
ATOM   512  O OG  . SER A 1 63  ? 6.643   12.603  -2.243  1.000 19.745 ? 60  SER BBB OG  1 
ATOM   513  N N   . ARG A 1 64  ? 5.327   8.971   -1.592  1.000 16.585 ? 61  ARG BBB N   1 
ATOM   514  C CA  . ARG A 1 64  ? 3.945   8.469   -1.369  1.000 16.381 ? 61  ARG BBB CA  1 
ATOM   515  C C   . ARG A 1 64  ? 3.516   8.826   0.059   1.000 17.622 ? 61  ARG BBB C   1 
ATOM   516  O O   . ARG A 1 64  ? 4.200   8.434   1.025   1.000 17.650 ? 61  ARG BBB O   1 
ATOM   517  C CB  . ARG A 1 64  ? 3.902   6.947   -1.538  1.000 17.853 ? 61  ARG BBB CB  1 
ATOM   518  C CG  . ARG A 1 64  ? 2.484   6.406   -1.413  1.000 19.351 ? 61  ARG BBB CG  1 
ATOM   519  C CD  . ARG A 1 64  ? 2.465   4.923   -1.728  1.000 19.629 ? 61  ARG BBB CD  1 
ATOM   520  N NE  . ARG A 1 64  ? 3.246   4.178   -0.750  1.000 19.030 ? 61  ARG BBB NE  1 
ATOM   521  C CZ  . ARG A 1 64  ? 3.642   2.922   -0.929  1.000 17.516 ? 61  ARG BBB CZ  1 
ATOM   522  N NH1 . ARG A 1 64  ? 3.425   2.317   -2.084  1.000 18.570 ? 61  ARG BBB NH1 1 
ATOM   523  N NH2 . ARG A 1 64  ? 4.314   2.316   0.031   1.000 19.923 ? 61  ARG BBB NH2 1 
ATOM   524  N N   . GLU A 1 65  ? 2.346   9.467   0.141   1.000 17.310 ? 62  GLU BBB N   1 
ATOM   525  C CA  . GLU A 1 65  ? 1.826   9.882   1.472   1.000 17.847 ? 62  GLU BBB CA  1 
ATOM   526  C C   . GLU A 1 65  ? 0.493   9.156   1.684   1.000 19.557 ? 62  GLU BBB C   1 
ATOM   527  O O   . GLU A 1 65  ? -0.326  9.129   0.743   1.000 20.154 ? 62  GLU BBB O   1 
ATOM   528  C CB  . GLU A 1 65  ? 1.682   11.401  1.568   1.000 19.088 ? 62  GLU BBB CB  1 
ATOM   529  C CG  . GLU A 1 65  ? 1.369   11.808  2.996   1.000 24.453 ? 62  GLU BBB CG  1 
ATOM   530  C CD  . GLU A 1 65  ? 1.438   13.305  3.244   1.000 29.741 ? 62  GLU BBB CD  1 
ATOM   531  O OE1 . GLU A 1 65  ? 1.518   14.050  2.248   1.000 28.039 ? 62  GLU BBB OE1 1 
ATOM   532  O OE2 . GLU A 1 65  ? 1.480   13.724  4.417   1.000 39.773 ? 62  GLU BBB OE2 1 
ATOM   533  N N   . LEU A 1 66  ? 0.375   8.475   2.829   1.000 19.380 ? 63  LEU BBB N   1 
ATOM   534  C CA  . LEU A 1 66  ? -0.853  7.715   3.184   1.000 22.569 ? 63  LEU BBB CA  1 
ATOM   535  C C   . LEU A 1 66  ? -1.427  8.460   4.395   1.000 21.426 ? 63  LEU BBB C   1 
ATOM   536  O O   . LEU A 1 66  ? -0.622  8.882   5.247   1.000 23.428 ? 63  LEU BBB O   1 
ATOM   537  C CB  . LEU A 1 66  ? -0.542  6.267   3.576   1.000 22.911 ? 63  LEU BBB CB  1 
ATOM   538  C CG  . LEU A 1 66  ? 0.144   5.308   2.605   1.000 28.520 ? 63  LEU BBB CG  1 
ATOM   539  C CD1 . LEU A 1 66  ? 0.225   3.923   3.227   1.000 28.022 ? 63  LEU BBB CD1 1 
ATOM   540  C CD2 . LEU A 1 66  ? -0.561  5.254   1.258   1.000 28.948 ? 63  LEU BBB CD2 1 
ATOM   541  N N   . ASN A 1 67  ? -2.758  8.525   4.503   1.000 19.484 ? 64  ASN BBB N   1 
ATOM   542  C CA  . ASN A 1 67  ? -3.384  8.926   5.791   1.000 20.212 ? 64  ASN BBB CA  1 
ATOM   543  C C   . ASN A 1 67  ? -4.355  7.811   6.198   1.000 19.896 ? 64  ASN BBB C   1 
ATOM   544  O O   . ASN A 1 67  ? -5.160  7.376   5.352   1.000 20.776 ? 64  ASN BBB O   1 
ATOM   545  C CB  . ASN A 1 67  ? -4.069  10.289  5.660   1.000 22.710 ? 64  ASN BBB CB  1 
ATOM   546  C CG  . ASN A 1 67  ? -4.710  10.720  6.962   1.000 27.327 ? 64  ASN BBB CG  1 
ATOM   547  O OD1 . ASN A 1 67  ? -5.833  10.312  7.253   1.000 29.254 ? 64  ASN BBB OD1 1 
ATOM   548  N ND2 . ASN A 1 67  ? -3.998  11.505  7.753   1.000 28.091 ? 64  ASN BBB ND2 1 
ATOM   549  N N   . PHE A 1 68  ? -4.183  7.277   7.411   1.000 23.340 ? 65  PHE BBB N   1 
ATOM   550  C CA  . PHE A 1 68  ? -4.990  6.103   7.842   1.000 21.478 ? 65  PHE BBB CA  1 
ATOM   551  C C   . PHE A 1 68  ? -5.460  6.299   9.287   1.000 24.919 ? 65  PHE BBB C   1 
ATOM   552  O O   . PHE A 1 68  ? -4.742  6.933   10.084  1.000 25.745 ? 65  PHE BBB O   1 
ATOM   553  C CB  . PHE A 1 68  ? -4.130  4.841   7.738   1.000 22.263 ? 65  PHE BBB CB  1 
ATOM   554  C CG  . PHE A 1 68  ? -2.943  4.770   8.665   1.000 20.579 ? 65  PHE BBB CG  1 
ATOM   555  C CD1 . PHE A 1 68  ? -1.726  5.347   8.343   1.000 22.752 ? 65  PHE BBB CD1 1 
ATOM   556  C CD2 . PHE A 1 68  ? -3.075  4.243   9.939   1.000 21.757 ? 65  PHE BBB CD2 1 
ATOM   557  C CE1 . PHE A 1 68  ? -0.642  5.279   9.204   1.000 23.361 ? 65  PHE BBB CE1 1 
ATOM   558  C CE2 . PHE A 1 68  ? -1.999  4.178   10.809  1.000 22.902 ? 65  PHE BBB CE2 1 
ATOM   559  C CZ  . PHE A 1 68  ? -0.779  4.699   10.444  1.000 21.883 ? 65  PHE BBB CZ  1 
ATOM   560  N N   . SER A 1 69  ? -6.581  5.624   9.568   1.000 24.750 ? 66  SER BBB N   1 
ATOM   561  C CA  . SER A 1 69  ? -7.176  5.579   10.930  1.000 27.238 ? 66  SER BBB CA  1 
ATOM   562  C C   . SER A 1 69  ? -7.187  4.124   11.414  1.000 27.111 ? 66  SER BBB C   1 
ATOM   563  O O   . SER A 1 69  ? -7.340  3.192   10.601  1.000 26.097 ? 66  SER BBB O   1 
ATOM   564  C CB  . SER A 1 69  ? -8.561  6.169   10.924  1.000 29.079 ? 66  SER BBB CB  1 
ATOM   565  O OG  . SER A 1 69  ? -8.564  7.473   10.364  1.000 30.708 ? 66  SER BBB OG  1 
ATOM   566  N N   . SER A 1 70  ? -7.000  3.929   12.724  1.000 28.340 ? 67  SER BBB N   1 
ATOM   567  C CA  . SER A 1 70  ? -7.003  2.554   13.291  1.000 26.584 ? 67  SER BBB CA  1 
ATOM   568  C C   . SER A 1 70  ? -7.696  2.621   14.656  1.000 30.602 ? 67  SER BBB C   1 
ATOM   569  O O   . SER A 1 70  ? -7.146  3.334   15.519  1.000 30.454 ? 67  SER BBB O   1 
ATOM   570  C CB  . SER A 1 70  ? -5.597  2.032   13.442  1.000 27.940 ? 67  SER BBB CB  1 
ATOM   571  O OG  . SER A 1 70  ? -5.610  0.686   13.894  1.000 25.291 ? 67  SER BBB OG  1 
ATOM   572  N N   . THR A 1 71  ? -8.852  1.962   14.783  1.000 31.216 ? 68  THR BBB N   1 
ATOM   573  C CA  . THR A 1 71  ? -9.483  1.817   16.123  1.000 33.084 ? 68  THR BBB CA  1 
ATOM   574  C C   . THR A 1 71  ? -8.521  1.015   17.006  1.000 29.468 ? 68  THR BBB C   1 
ATOM   575  O O   . THR A 1 71  ? -8.325  1.377   18.183  1.000 34.803 ? 68  THR BBB O   1 
ATOM   576  C CB  . THR A 1 71  ? -10.885 1.199   16.052  1.000 32.713 ? 68  THR BBB CB  1 
ATOM   577  O OG1 . THR A 1 71  ? -10.790 -0.157  15.614  1.000 38.897 ? 68  THR BBB OG1 1 
ATOM   578  C CG2 . THR A 1 71  ? -11.831 1.979   15.165  1.000 32.242 ? 68  THR BBB CG2 1 
ATOM   579  N N   . GLU A 1 72  ? -7.902  -0.036  16.458  1.000 31.695 ? 69  GLU BBB N   1 
ATOM   580  C CA  . GLU A 1 72  ? -7.021  -0.898  17.291  1.000 30.895 ? 69  GLU BBB CA  1 
ATOM   581  C C   . GLU A 1 72  ? -5.613  -0.302  17.398  1.000 29.197 ? 69  GLU BBB C   1 
ATOM   582  O O   . GLU A 1 72  ? -5.125  0.291   16.415  1.000 29.930 ? 69  GLU BBB O   1 
ATOM   583  C CB  . GLU A 1 72  ? -6.904  -2.322  16.740  1.000 33.214 ? 69  GLU BBB CB  1 
ATOM   584  C CG  . GLU A 1 72  ? -8.239  -3.038  16.652  1.000 34.498 ? 69  GLU BBB CG  1 
ATOM   585  C CD  . GLU A 1 72  ? -9.061  -2.964  17.928  1.000 39.671 ? 69  GLU BBB CD  1 
ATOM   586  O OE1 . GLU A 1 72  ? -8.523  -3.365  18.978  1.000 41.504 ? 69  GLU BBB OE1 1 
ATOM   587  O OE2 . GLU A 1 72  ? -10.207 -2.474  17.881  1.000 46.164 ? 69  GLU BBB OE2 1 
ATOM   588  N N   . GLN A 1 73  ? -4.979  -0.536  18.551  1.000 31.340 ? 70  GLN BBB N   1 
ATOM   589  C CA  . GLN A 1 73  ? -3.545  -0.244  18.818  1.000 28.044 ? 70  GLN BBB CA  1 
ATOM   590  C C   . GLN A 1 73  ? -2.665  -1.281  18.111  1.000 31.475 ? 70  GLN BBB C   1 
ATOM   591  O O   . GLN A 1 73  ? -3.057  -2.459  17.999  1.000 31.045 ? 70  GLN BBB O   1 
ATOM   592  C CB  . GLN A 1 73  ? -3.315  -0.248  20.331  1.000 30.854 ? 70  GLN BBB CB  1 
ATOM   593  C CG  . GLN A 1 73  ? -1.867  -0.009  20.733  1.000 29.786 ? 70  GLN BBB CG  1 
ATOM   594  C CD  . GLN A 1 73  ? -1.840  0.203   22.226  1.000 33.735 ? 70  GLN BBB CD  1 
ATOM   595  O OE1 . GLN A 1 73  ? -2.749  0.807   22.792  1.000 38.095 ? 70  GLN BBB OE1 1 
ATOM   596  N NE2 . GLN A 1 73  ? -0.788  -0.289  22.858  1.000 36.954 ? 70  GLN BBB NE2 1 
ATOM   597  N N   . MET A 1 74  ? -1.518  -0.815  17.605  1.000 32.478 ? 71  MET BBB N   1 
ATOM   598  C CA  . MET A 1 74  ? -0.545  -1.667  16.869  1.000 31.702 ? 71  MET BBB CA  1 
ATOM   599  C C   . MET A 1 74  ? 0.847   -1.311  17.399  1.000 32.605 ? 71  MET BBB C   1 
ATOM   600  O O   . MET A 1 74  ? 1.096   -0.115  17.653  1.000 34.466 ? 71  MET BBB O   1 
ATOM   601  C CB  . MET A 1 74  ? -0.615  -1.473  15.351  1.000 29.105 ? 71  MET BBB CB  1 
ATOM   602  C CG  . MET A 1 74  ? -1.929  -1.938  14.750  1.000 27.802 ? 71  MET BBB CG  1 
ATOM   603  S SD  . MET A 1 74  ? -1.789  -2.091  12.951  1.000 27.823 ? 71  MET BBB SD  1 
ATOM   604  C CE  . MET A 1 74  ? -2.183  -0.407  12.481  1.000 31.384 ? 71  MET BBB CE  1 
ATOM   605  N N   . GLU A 1 75  ? 1.663   -2.328  17.696  1.000 38.810 ? 72  GLU BBB N   1 
ATOM   606  C CA  . GLU A 1 75  ? 3.012   -2.153  18.299  1.000 37.423 ? 72  GLU BBB CA  1 
ATOM   607  C C   . GLU A 1 75  ? 4.010   -1.803  17.190  1.000 36.843 ? 72  GLU BBB C   1 
ATOM   608  O O   . GLU A 1 75  ? 4.855   -0.909  17.394  1.000 32.726 ? 72  GLU BBB O   1 
ATOM   609  C CB  . GLU A 1 75  ? 3.393   -3.410  19.085  1.000 42.489 ? 72  GLU BBB CB  1 
ATOM   610  C CG  . GLU A 1 75  ? 2.387   -3.772  20.162  1.000 45.277 ? 72  GLU BBB CG  1 
ATOM   611  C CD  . GLU A 1 75  ? 2.146   -2.709  21.221  1.000 46.382 ? 72  GLU BBB CD  1 
ATOM   612  O OE1 . GLU A 1 75  ? 0.974   -2.449  21.556  1.000 45.876 ? 72  GLU BBB OE1 1 
ATOM   613  O OE2 . GLU A 1 75  ? 3.147   -2.147  21.709  1.000 47.616 ? 72  GLU BBB OE2 1 
ATOM   614  N N   . LYS A 1 76  ? 3.866   -2.434  16.021  1.000 34.580 ? 73  LYS BBB N   1 
ATOM   615  C CA  . LYS A 1 76  ? 4.760   -2.142  14.868  1.000 28.500 ? 73  LYS BBB CA  1 
ATOM   616  C C   . LYS A 1 76  ? 4.012   -2.307  13.539  1.000 26.820 ? 73  LYS BBB C   1 
ATOM   617  O O   . LYS A 1 76  ? 4.201   -3.326  12.847  1.000 25.013 ? 73  LYS BBB O   1 
ATOM   618  C CB  . LYS A 1 76  ? 6.033   -2.992  14.917  1.000 32.702 ? 73  LYS BBB CB  1 
ATOM   619  C CG  . LYS A 1 76  ? 7.142   -2.454  14.025  1.000 33.607 ? 73  LYS BBB CG  1 
ATOM   620  C CD  . LYS A 1 76  ? 8.404   -3.290  13.995  1.000 36.773 ? 73  LYS BBB CD  1 
ATOM   621  C CE  . LYS A 1 76  ? 9.199   -3.205  15.280  1.000 40.322 ? 73  LYS BBB CE  1 
ATOM   622  N NZ  . LYS A 1 76  ? 10.045  -1.990  15.315  1.000 42.012 ? 73  LYS BBB NZ  1 
ATOM   623  N N   . PHE A 1 77  ? 3.196   -1.308  13.191  1.000 23.291 ? 74  PHE BBB N   1 
ATOM   624  C CA  . PHE A 1 77  ? 2.513   -1.255  11.870  1.000 23.840 ? 74  PHE BBB CA  1 
ATOM   625  C C   . PHE A 1 77  ? 3.566   -1.166  10.760  1.000 25.339 ? 74  PHE BBB C   1 
ATOM   626  O O   . PHE A 1 77  ? 4.434   -0.271  10.772  1.000 24.773 ? 74  PHE BBB O   1 
ATOM   627  C CB  . PHE A 1 77  ? 1.465   -0.139  11.844  1.000 22.532 ? 74  PHE BBB CB  1 
ATOM   628  C CG  . PHE A 1 77  ? 0.783   0.091   10.519  1.000 23.776 ? 74  PHE BBB CG  1 
ATOM   629  C CD1 . PHE A 1 77  ? 0.377   -0.987  9.750   1.000 25.086 ? 74  PHE BBB CD1 1 
ATOM   630  C CD2 . PHE A 1 77  ? 0.540   1.368   10.041  1.000 22.967 ? 74  PHE BBB CD2 1 
ATOM   631  C CE1 . PHE A 1 77  ? -0.212  -0.806  8.509   1.000 23.837 ? 74  PHE BBB CE1 1 
ATOM   632  C CE2 . PHE A 1 77  ? -0.047  1.554   8.799   1.000 24.425 ? 74  PHE BBB CE2 1 
ATOM   633  C CZ  . PHE A 1 77  ? -0.419  0.470   8.038   1.000 24.022 ? 74  PHE BBB CZ  1 
ATOM   634  N N   . ARG A 1 78  ? 3.490   -2.065  9.773   1.000 22.366 ? 75  ARG BBB N   1 
ATOM   635  C CA  . ARG A 1 78  ? 4.496   -2.075  8.677   1.000 22.840 ? 75  ARG BBB CA  1 
ATOM   636  C C   . ARG A 1 78  ? 3.898   -2.767  7.447   1.000 22.782 ? 75  ARG BBB C   1 
ATOM   637  O O   . ARG A 1 78  ? 2.831   -3.403  7.565   1.000 23.181 ? 75  ARG BBB O   1 
ATOM   638  C CB  . ARG A 1 78  ? 5.780   -2.779  9.130   1.000 22.759 ? 75  ARG BBB CB  1 
ATOM   639  C CG  . ARG A 1 78  ? 5.583   -4.248  9.474   1.000 22.381 ? 75  ARG BBB CG  1 
ATOM   640  C CD  . ARG A 1 78  ? 6.872   -4.929  9.894   1.000 24.686 ? 75  ARG BBB CD  1 
ATOM   641  N NE  . ARG A 1 78  ? 6.678   -6.368  9.994   1.000 26.581 ? 75  ARG BBB NE  1 
ATOM   642  C CZ  . ARG A 1 78  ? 6.774   -7.248  9.004   1.000 24.904 ? 75  ARG BBB CZ  1 
ATOM   643  N NH1 . ARG A 1 78  ? 7.133   -6.852  7.796   1.000 26.380 ? 75  ARG BBB NH1 1 
ATOM   644  N NH2 . ARG A 1 78  ? 6.509   -8.529  9.191   1.000 27.673 ? 75  ARG BBB NH2 1 
ATOM   645  N N   . LEU A 1 79  ? 4.502   -2.458  6.296   1.000 20.118 ? 76  LEU BBB N   1 
ATOM   646  C CA  . LEU A 1 79  ? 3.998   -2.942  4.982   1.000 20.748 ? 76  LEU BBB CA  1 
ATOM   647  C C   . LEU A 1 79  ? 5.132   -3.695  4.278   1.000 21.921 ? 76  LEU BBB C   1 
ATOM   648  O O   . LEU A 1 79  ? 6.306   -3.273  4.314   1.000 21.411 ? 76  LEU BBB O   1 
ATOM   649  C CB  . LEU A 1 79  ? 3.564   -1.789  4.071   1.000 21.170 ? 76  LEU BBB CB  1 
ATOM   650  C CG  . LEU A 1 79  ? 2.401   -0.929  4.563   1.000 21.763 ? 76  LEU BBB CG  1 
ATOM   651  C CD1 . LEU A 1 79  ? 2.038   0.145   3.548   1.000 22.301 ? 76  LEU BBB CD1 1 
ATOM   652  C CD2 . LEU A 1 79  ? 1.183   -1.783  4.880   1.000 20.328 ? 76  LEU BBB CD2 1 
ATOM   653  N N   . GLU A 1 80  ? 4.747   -4.795  3.622   1.000 21.800 ? 77  GLU BBB N   1 
ATOM   654  C CA  . GLU A 1 80  ? 5.676   -5.382  2.620   1.000 23.149 ? 77  GLU BBB CA  1 
ATOM   655  C C   . GLU A 1 80  ? 4.957   -5.296  1.269   1.000 22.234 ? 77  GLU BBB C   1 
ATOM   656  O O   . GLU A 1 80  ? 3.781   -5.708  1.214   1.000 24.202 ? 77  GLU BBB O   1 
ATOM   657  C CB  . GLU A 1 80  ? 5.988   -6.845  2.944   1.000 24.889 ? 77  GLU BBB CB  1 
ATOM   658  C CG  . GLU A 1 80  ? 6.449   -7.065  4.373   1.000 25.145 ? 77  GLU BBB CG  1 
ATOM   659  C CD  . GLU A 1 80  ? 6.839   -8.499  4.690   1.000 30.529 ? 77  GLU BBB CD  1 
ATOM   660  O OE1 . GLU A 1 80  ? 7.340   -8.731  5.808   1.000 31.279 ? 77  GLU BBB OE1 1 
ATOM   661  O OE2 . GLU A 1 80  ? 6.657   -9.373  3.819   1.000 30.020 ? 77  GLU BBB OE2 1 
ATOM   662  N N   . GLN A 1 81  ? 5.684   -4.771  0.278   1.000 20.709 ? 78  GLN BBB N   1 
ATOM   663  C CA  . GLN A 1 81  ? 5.088   -4.687  -1.082  1.000 20.381 ? 78  GLN BBB CA  1 
ATOM   664  C C   . GLN A 1 81  ? 5.987   -5.404  -2.096  1.000 20.660 ? 78  GLN BBB C   1 
ATOM   665  O O   . GLN A 1 81  ? 7.229   -5.306  -2.033  1.000 23.119 ? 78  GLN BBB O   1 
ATOM   666  C CB  . GLN A 1 81  ? 4.897   -3.222  -1.482  1.000 21.329 ? 78  GLN BBB CB  1 
ATOM   667  C CG  . GLN A 1 81  ? 3.808   -2.578  -0.637  1.000 23.269 ? 78  GLN BBB CG  1 
ATOM   668  C CD  . GLN A 1 81  ? 3.447   -1.201  -1.137  1.000 23.452 ? 78  GLN BBB CD  1 
ATOM   669  O OE1 . GLN A 1 81  ? 4.317   -0.401  -1.473  1.000 22.978 ? 78  GLN BBB OE1 1 
ATOM   670  N NE2 . GLN A 1 81  ? 2.149   -0.975  -1.257  1.000 22.735 ? 78  GLN BBB NE2 1 
ATOM   671  N N   . LYS A 1 82  ? 5.296   -6.176  -2.941  1.000 20.760 ? 79  LYS BBB N   1 
ATOM   672  C CA  . LYS A 1 82  ? 5.995   -6.767  -4.115  1.000 22.294 ? 79  LYS BBB CA  1 
ATOM   673  C C   . LYS A 1 82  ? 5.291   -6.203  -5.354  1.000 21.338 ? 79  LYS BBB C   1 
ATOM   674  O O   . LYS A 1 82  ? 4.045   -6.185  -5.393  1.000 22.400 ? 79  LYS BBB O   1 
ATOM   675  C CB  . LYS A 1 82  ? 5.929   -8.297  -4.095  1.000 24.409 ? 79  LYS BBB CB  1 
ATOM   676  C CG  . LYS A 1 82  ? 6.694   -8.958  -2.956  1.000 26.969 ? 79  LYS BBB CG  1 
ATOM   677  C CD  . LYS A 1 82  ? 6.654   -10.461 -3.136  1.000 30.326 ? 79  LYS BBB CD  1 
ATOM   678  C CE  . LYS A 1 82  ? 7.655   -11.260 -2.329  1.000 33.795 ? 79  LYS BBB CE  1 
ATOM   679  N NZ  . LYS A 1 82  ? 8.063   -10.579 -1.077  1.000 38.878 ? 79  LYS BBB NZ  1 
ATOM   680  N N   . VAL A 1 83  ? 6.162   -5.880  -6.317  1.000 22.410 ? 80  VAL BBB N   1 
ATOM   681  C CA  . VAL A 1 83  ? 5.688   -5.366  -7.636  1.000 21.269 ? 80  VAL BBB CA  1 
ATOM   682  C C   . VAL A 1 83  ? 5.862   -6.499  -8.654  1.000 23.213 ? 80  VAL BBB C   1 
ATOM   683  O O   . VAL A 1 83  ? 7.026   -6.936  -8.750  1.000 25.418 ? 80  VAL BBB O   1 
ATOM   684  C CB  . VAL A 1 83  ? 6.436   -4.089  -8.066  1.000 24.959 ? 80  VAL BBB CB  1 
ATOM   685  C CG1 . VAL A 1 83  ? 5.968   -3.631  -9.438  1.000 25.433 ? 80  VAL BBB CG1 1 
ATOM   686  C CG2 . VAL A 1 83  ? 6.249   -2.971  -7.053  1.000 24.902 ? 80  VAL BBB CG2 1 
ATOM   687  N N   . TYR A 1 84  ? 4.760   -6.887  -9.305  1.000 24.430 ? 81  TYR BBB N   1 
ATOM   688  C CA  . TYR A 1 84  ? 4.724   -7.980  -10.313 1.000 28.495 ? 81  TYR BBB CA  1 
ATOM   689  C C   . TYR A 1 84  ? 4.404   -7.424  -11.704 1.000 30.656 ? 81  TYR BBB C   1 
ATOM   690  O O   . TYR A 1 84  ? 3.535   -6.542  -11.849 1.000 31.358 ? 81  TYR BBB O   1 
ATOM   691  C CB  . TYR A 1 84  ? 3.678   -9.034  -9.941  1.000 28.915 ? 81  TYR BBB CB  1 
ATOM   692  C CG  . TYR A 1 84  ? 3.956   -9.771  -8.654  1.000 30.549 ? 81  TYR BBB CG  1 
ATOM   693  C CD1 . TYR A 1 84  ? 4.702   -10.937 -8.651  1.000 28.918 ? 81  TYR BBB CD1 1 
ATOM   694  C CD2 . TYR A 1 84  ? 3.435   -9.331  -7.449  1.000 28.039 ? 81  TYR BBB CD2 1 
ATOM   695  C CE1 . TYR A 1 84  ? 4.926   -11.628 -7.472  1.000 27.625 ? 81  TYR BBB CE1 1 
ATOM   696  C CE2 . TYR A 1 84  ? 3.659   -10.000 -6.257  1.000 26.651 ? 81  TYR BBB CE2 1 
ATOM   697  C CZ  . TYR A 1 84  ? 4.451   -11.134 -6.271  1.000 30.406 ? 81  TYR BBB CZ  1 
ATOM   698  O OH  . TYR A 1 84  ? 4.657   -11.839 -5.121  1.000 32.813 ? 81  TYR BBB OH  1 
ATOM   699  N N   . PHE A 1 85  ? 5.089   -7.965  -12.718 1.000 33.182 ? 82  PHE BBB N   1 
ATOM   700  C CA  . PHE A 1 85  ? 4.799   -7.734  -14.158 1.000 33.154 ? 82  PHE BBB CA  1 
ATOM   701  C C   . PHE A 1 85  ? 4.628   -9.127  -14.775 1.000 32.411 ? 82  PHE BBB C   1 
ATOM   702  O O   . PHE A 1 85  ? 5.664   -9.817  -14.836 1.000 34.906 ? 82  PHE BBB O   1 
ATOM   703  C CB  . PHE A 1 85  ? 5.895   -6.936  -14.869 1.000 34.260 ? 82  PHE BBB CB  1 
ATOM   704  C CG  . PHE A 1 85  ? 5.706   -6.784  -16.357 1.000 35.695 ? 82  PHE BBB CG  1 
ATOM   705  C CD1 . PHE A 1 85  ? 4.709   -5.982  -16.885 1.000 38.005 ? 82  PHE BBB CD1 1 
ATOM   706  C CD2 . PHE A 1 85  ? 6.488   -7.504  -17.246 1.000 40.932 ? 82  PHE BBB CD2 1 
ATOM   707  C CE1 . PHE A 1 85  ? 4.533   -5.861  -18.255 1.000 38.252 ? 82  PHE BBB CE1 1 
ATOM   708  C CE2 . PHE A 1 85  ? 6.325   -7.378  -18.616 1.000 39.109 ? 82  PHE BBB CE2 1 
ATOM   709  C CZ  . PHE A 1 85  ? 5.339   -6.562  -19.122 1.000 41.887 ? 82  PHE BBB CZ  1 
ATOM   710  N N   . LYS A 1 86  ? 3.372   -9.509  -15.026 1.000 36.760 ? 83  LYS BBB N   1 
ATOM   711  C CA  . LYS A 1 86  ? 2.966   -10.840 -15.554 1.000 42.497 ? 83  LYS BBB CA  1 
ATOM   712  C C   . LYS A 1 86  ? 3.584   -11.986 -14.744 1.000 45.490 ? 83  LYS BBB C   1 
ATOM   713  O O   . LYS A 1 86  ? 4.046   -12.969 -15.356 1.000 51.872 ? 83  LYS BBB O   1 
ATOM   714  C CB  . LYS A 1 86  ? 3.360   -10.927 -17.032 1.000 43.870 ? 83  LYS BBB CB  1 
ATOM   715  C CG  . LYS A 1 86  ? 2.814   -9.818  -17.922 1.000 43.264 ? 83  LYS BBB CG  1 
ATOM   716  C CD  . LYS A 1 86  ? 3.488   -9.799  -19.277 1.000 44.596 ? 83  LYS BBB CD  1 
ATOM   717  C CE  . LYS A 1 86  ? 2.643   -9.233  -20.399 1.000 41.848 ? 83  LYS BBB CE  1 
ATOM   718  N NZ  . LYS A 1 86  ? 3.288   -9.486  -21.709 1.000 38.511 ? 83  LYS BBB NZ  1 
ATOM   719  N N   . GLY A 1 87  ? 3.596   -11.863 -13.412 1.000 46.667 ? 84  GLY BBB N   1 
ATOM   720  C CA  . GLY A 1 87  ? 4.025   -12.954 -12.515 1.000 40.192 ? 84  GLY BBB CA  1 
ATOM   721  C C   . GLY A 1 87  ? 5.465   -12.838 -12.043 1.000 37.464 ? 84  GLY BBB C   1 
ATOM   722  O O   . GLY A 1 87  ? 5.812   -13.542 -11.074 1.000 40.977 ? 84  GLY BBB O   1 
ATOM   723  N N   . GLN A 1 88  ? 6.305   -12.024 -12.690 1.000 34.586 ? 85  GLN BBB N   1 
ATOM   724  C CA  . GLN A 1 88  ? 7.713   -11.879 -12.233 1.000 35.850 ? 85  GLN BBB CA  1 
ATOM   725  C C   . GLN A 1 88  ? 7.749   -10.834 -11.113 1.000 32.846 ? 85  GLN BBB C   1 
ATOM   726  O O   . GLN A 1 88  ? 7.246   -9.717  -11.349 1.000 38.430 ? 85  GLN BBB O   1 
ATOM   727  C CB  . GLN A 1 88  ? 8.630   -11.487 -13.394 1.000 41.170 ? 85  GLN BBB CB  1 
ATOM   728  C CG  . GLN A 1 88  ? 10.046  -11.132 -12.962 1.000 45.068 ? 85  GLN BBB CG  1 
ATOM   729  C CD  . GLN A 1 88  ? 10.922  -10.750 -14.130 1.000 51.707 ? 85  GLN BBB CD  1 
ATOM   730  O OE1 . GLN A 1 88  ? 12.061  -10.326 -13.949 1.000 55.489 ? 85  GLN BBB OE1 1 
ATOM   731  N NE2 . GLN A 1 88  ? 10.400  -10.895 -15.337 1.000 49.060 ? 85  GLN BBB NE2 1 
ATOM   732  N N   . CYS A 1 89  ? 8.386   -11.135 -9.977  1.000 36.697 ? 86  CYS BBB N   1 
ATOM   733  C CA  . CYS A 1 89  ? 8.554   -10.115 -8.906  1.000 35.450 ? 86  CYS BBB CA  1 
ATOM   734  C C   . CYS A 1 89  ? 9.719   -9.203  -9.305  1.000 36.838 ? 86  CYS BBB C   1 
ATOM   735  O O   . CYS A 1 89  ? 10.882  -9.648  -9.227  1.000 40.516 ? 86  CYS BBB O   1 
ATOM   736  C CB  . CYS A 1 89  ? 8.743   -10.782 -7.549  1.000 33.802 ? 86  CYS BBB CB  1 
ATOM   737  S SG  . CYS A 1 89  ? 9.064   -9.609  -6.206  1.000 32.540 ? 86  CYS BBB SG  1 
ATOM   738  N N   . LEU A 1 90  ? 9.417   -7.975  -9.736  1.000 37.260 ? 87  LEU BBB N   1 
ATOM   739  C CA  . LEU A 1 90  ? 10.444  -6.978  -10.146 1.000 36.912 ? 87  LEU BBB CA  1 
ATOM   740  C C   . LEU A 1 90  ? 10.983  -6.216  -8.930  1.000 37.463 ? 87  LEU BBB C   1 
ATOM   741  O O   . LEU A 1 90  ? 12.151  -5.778  -8.964  1.000 42.337 ? 87  LEU BBB O   1 
ATOM   742  C CB  . LEU A 1 90  ? 9.836   -5.966  -11.121 1.000 42.723 ? 87  LEU BBB CB  1 
ATOM   743  C CG  . LEU A 1 90  ? 9.263   -6.542  -12.414 1.000 45.441 ? 87  LEU BBB CG  1 
ATOM   744  C CD1 . LEU A 1 90  ? 8.522   -5.444  -13.162 1.000 50.327 ? 87  LEU BBB CD1 1 
ATOM   745  C CD2 . LEU A 1 90  ? 10.360  -7.157  -13.268 1.000 49.250 ? 87  LEU BBB CD2 1 
ATOM   746  N N   . GLU A 1 91  ? 10.149  -6.012  -7.905  1.000 32.463 ? 88  GLU BBB N   1 
ATOM   747  C CA  . GLU A 1 91  ? 10.605  -5.224  -6.729  1.000 32.011 ? 88  GLU BBB CA  1 
ATOM   748  C C   . GLU A 1 91  ? 10.016  -5.847  -5.458  1.000 23.510 ? 88  GLU BBB C   1 
ATOM   749  O O   . GLU A 1 91  ? 8.848   -6.280  -5.508  1.000 25.460 ? 88  GLU BBB O   1 
ATOM   750  C CB  . GLU A 1 91  ? 10.092  -3.783  -6.761  1.000 36.127 ? 88  GLU BBB CB  1 
ATOM   751  C CG  . GLU A 1 91  ? 10.239  -3.062  -8.089  1.000 41.898 ? 88  GLU BBB CG  1 
ATOM   752  C CD  . GLU A 1 91  ? 11.346  -2.025  -8.173  1.000 47.340 ? 88  GLU BBB CD  1 
ATOM   753  O OE1 . GLU A 1 91  ? 11.485  -1.446  -9.268  1.000 46.484 ? 88  GLU BBB OE1 1 
ATOM   754  O OE2 . GLU A 1 91  ? 12.060  -1.804  -7.174  1.000 41.524 ? 88  GLU BBB OE2 1 
ATOM   755  N N   . GLU A 1 92  ? 10.797  -5.712  -4.382  1.000 23.874 ? 89  GLU BBB N   1 
ATOM   756  C CA  . GLU A 1 92  ? 10.431  -6.031  -2.976  1.000 25.362 ? 89  GLU BBB CA  1 
ATOM   757  C C   . GLU A 1 92  ? 10.749  -4.815  -2.096  1.000 29.208 ? 89  GLU BBB C   1 
ATOM   758  O O   . GLU A 1 92  ? 11.925  -4.414  -1.997  1.000 27.713 ? 89  GLU BBB O   1 
ATOM   759  C CB  . GLU A 1 92  ? 11.329  -7.128  -2.404  1.000 32.004 ? 89  GLU BBB CB  1 
ATOM   760  C CG  . GLU A 1 92  ? 10.841  -8.543  -2.651  1.000 32.033 ? 89  GLU BBB CG  1 
ATOM   761  C CD  . GLU A 1 92  ? 11.857  -9.479  -2.018  1.000 28.843 ? 89  GLU BBB CD  1 
ATOM   762  O OE1 . GLU A 1 92  ? 12.949  -9.579  -2.613  1.000 35.808 ? 89  GLU BBB OE1 1 
ATOM   763  O OE2 . GLU A 1 92  ? 11.608  -10.008 -0.916  1.000 32.286 ? 89  GLU BBB OE2 1 
ATOM   764  N N   . TRP A 1 93  ? 9.680   -4.254  -1.522  1.000 23.984 ? 90  TRP BBB N   1 
ATOM   765  C CA  . TRP A 1 93  ? 9.786   -3.027  -0.687  1.000 25.622 ? 90  TRP BBB CA  1 
ATOM   766  C C   . TRP A 1 93  ? 9.281   -3.322  0.730   1.000 25.297 ? 90  TRP BBB C   1 
ATOM   767  O O   . TRP A 1 93  ? 8.354   -4.141  0.880   1.000 23.269 ? 90  TRP BBB O   1 
ATOM   768  C CB  . TRP A 1 93  ? 8.941   -1.883  -1.261  1.000 25.573 ? 90  TRP BBB CB  1 
ATOM   769  C CG  . TRP A 1 93  ? 9.355   -1.445  -2.633  1.000 23.247 ? 90  TRP BBB CG  1 
ATOM   770  C CD1 . TRP A 1 93  ? 10.595  -1.511  -3.199  1.000 26.783 ? 90  TRP BBB CD1 1 
ATOM   771  C CD2 . TRP A 1 93  ? 8.480   -0.861  -3.614  1.000 24.231 ? 90  TRP BBB CD2 1 
ATOM   772  N NE1 . TRP A 1 93  ? 10.543  -1.005  -4.469  1.000 27.919 ? 90  TRP BBB NE1 1 
ATOM   773  C CE2 . TRP A 1 93  ? 9.274   -0.566  -4.742  1.000 26.712 ? 90  TRP BBB CE2 1 
ATOM   774  C CE3 . TRP A 1 93  ? 7.121   -0.529  -3.609  1.000 26.140 ? 90  TRP BBB CE3 1 
ATOM   775  C CZ2 . TRP A 1 93  ? 8.726   0.019   -5.884  1.000 26.835 ? 90  TRP BBB CZ2 1 
ATOM   776  C CZ3 . TRP A 1 93  ? 6.588   0.056   -4.735  1.000 26.433 ? 90  TRP BBB CZ3 1 
ATOM   777  C CH2 . TRP A 1 93  ? 7.381   0.307   -5.855  1.000 27.880 ? 90  TRP BBB CH2 1 
ATOM   778  N N   . PHE A 1 94  ? 9.907   -2.649  1.701   1.000 21.519 ? 91  PHE BBB N   1 
ATOM   779  C CA  . PHE A 1 94  ? 9.538   -2.756  3.138   1.000 23.973 ? 91  PHE BBB CA  1 
ATOM   780  C C   . PHE A 1 94  ? 9.419   -1.300  3.603   1.000 22.840 ? 91  PHE BBB C   1 
ATOM   781  O O   . PHE A 1 94  ? 10.300  -0.472  3.303   1.000 26.844 ? 91  PHE BBB O   1 
ATOM   782  C CB  . PHE A 1 94  ? 10.594  -3.534  3.927   1.000 23.683 ? 91  PHE BBB CB  1 
ATOM   783  C CG  . PHE A 1 94  ? 10.785  -4.922  3.369   1.000 26.014 ? 91  PHE BBB CG  1 
ATOM   784  C CD1 . PHE A 1 94  ? 11.658  -5.143  2.316   1.000 24.707 ? 91  PHE BBB CD1 1 
ATOM   785  C CD2 . PHE A 1 94  ? 10.078  -5.996  3.882   1.000 26.882 ? 91  PHE BBB CD2 1 
ATOM   786  C CE1 . PHE A 1 94  ? 11.836  -6.418  1.801   1.000 27.360 ? 91  PHE BBB CE1 1 
ATOM   787  C CE2 . PHE A 1 94  ? 10.232  -7.267  3.350   1.000 27.613 ? 91  PHE BBB CE2 1 
ATOM   788  C CZ  . PHE A 1 94  ? 11.099  -7.467  2.301   1.000 26.986 ? 91  PHE BBB CZ  1 
ATOM   789  N N   . PHE A 1 95  ? 8.325   -1.026  4.322   1.000 22.405 ? 92  PHE BBB N   1 
ATOM   790  C CA  . PHE A 1 95  ? 8.113   0.303   4.955   1.000 21.488 ? 92  PHE BBB CA  1 
ATOM   791  C C   . PHE A 1 95  ? 7.580   0.077   6.375   1.000 20.410 ? 92  PHE BBB C   1 
ATOM   792  O O   . PHE A 1 95  ? 6.688   -0.768  6.588   1.000 23.095 ? 92  PHE BBB O   1 
ATOM   793  C CB  . PHE A 1 95  ? 7.113   1.130   4.143   1.000 22.031 ? 92  PHE BBB CB  1 
ATOM   794  C CG  . PHE A 1 95  ? 7.382   1.220   2.662   1.000 21.072 ? 92  PHE BBB CG  1 
ATOM   795  C CD1 . PHE A 1 95  ? 8.219   2.186   2.129   1.000 21.980 ? 92  PHE BBB CD1 1 
ATOM   796  C CD2 . PHE A 1 95  ? 6.808   0.315   1.786   1.000 20.692 ? 92  PHE BBB CD2 1 
ATOM   797  C CE1 . PHE A 1 95  ? 8.441   2.294   0.765   1.000 22.625 ? 92  PHE BBB CE1 1 
ATOM   798  C CE2 . PHE A 1 95  ? 7.053   0.396   0.425   1.000 20.220 ? 92  PHE BBB CE2 1 
ATOM   799  C CZ  . PHE A 1 95  ? 7.852   1.391   -0.091  1.000 21.072 ? 92  PHE BBB CZ  1 
ATOM   800  N N   . GLU A 1 96  ? 8.134   0.845   7.319   1.000 21.195 ? 93  GLU BBB N   1 
ATOM   801  C CA  . GLU A 1 96  ? 7.755   0.681   8.748   1.000 22.713 ? 93  GLU BBB CA  1 
ATOM   802  C C   . GLU A 1 96  ? 7.154   2.028   9.165   1.000 21.971 ? 93  GLU BBB C   1 
ATOM   803  O O   . GLU A 1 96  ? 7.824   3.064   8.983   1.000 26.694 ? 93  GLU BBB O   1 
ATOM   804  C CB  . GLU A 1 96  ? 8.959   0.324   9.621   1.000 25.097 ? 93  GLU BBB CB  1 
ATOM   805  C CG  . GLU A 1 96  ? 8.648   0.163   11.099  1.000 27.910 ? 93  GLU BBB CG  1 
ATOM   806  C CD  . GLU A 1 96  ? 9.823   -0.250  11.968  1.000 30.098 ? 93  GLU BBB CD  1 
ATOM   807  O OE1 . GLU A 1 96  ? 9.842   0.153   13.148  1.000 35.598 ? 93  GLU BBB OE1 1 
ATOM   808  O OE2 . GLU A 1 96  ? 10.709  -0.966  11.461  1.000 33.720 ? 93  GLU BBB OE2 1 
ATOM   809  N N   . PHE A 1 97  ? 5.964   1.964   9.770   1.000 23.234 ? 94  PHE BBB N   1 
ATOM   810  C CA  . PHE A 1 97  ? 5.394   3.148   10.465  1.000 21.589 ? 94  PHE BBB CA  1 
ATOM   811  C C   . PHE A 1 97  ? 5.813   3.092   11.938  1.000 24.856 ? 94  PHE BBB C   1 
ATOM   812  O O   . PHE A 1 97  ? 6.375   4.107   12.396  1.000 26.242 ? 94  PHE BBB O   1 
ATOM   813  C CB  . PHE A 1 97  ? 3.871   3.169   10.312  1.000 21.410 ? 94  PHE BBB CB  1 
ATOM   814  C CG  . PHE A 1 97  ? 3.271   4.389   10.963  1.000 22.443 ? 94  PHE BBB CG  1 
ATOM   815  C CD1 . PHE A 1 97  ? 3.328   5.613   10.316  1.000 22.181 ? 94  PHE BBB CD1 1 
ATOM   816  C CD2 . PHE A 1 97  ? 2.841   4.345   12.279  1.000 23.002 ? 94  PHE BBB CD2 1 
ATOM   817  C CE1 . PHE A 1 97  ? 2.825   6.752   10.924  1.000 25.934 ? 94  PHE BBB CE1 1 
ATOM   818  C CE2 . PHE A 1 97  ? 2.337   5.483   12.890  1.000 22.001 ? 94  PHE BBB CE2 1 
ATOM   819  C CZ  . PHE A 1 97  ? 2.346   6.680   12.213  1.000 26.597 ? 94  PHE BBB CZ  1 
ATOM   820  N N   . GLY A 1 98  ? 5.521   1.979   12.620  1.000 28.084 ? 95  GLY BBB N   1 
ATOM   821  C CA  . GLY A 1 98  ? 5.781   1.787   14.060  1.000 26.317 ? 95  GLY BBB CA  1 
ATOM   822  C C   . GLY A 1 98  ? 4.509   1.782   14.890  1.000 29.095 ? 95  GLY BBB C   1 
ATOM   823  O O   . GLY A 1 98  ? 3.448   1.361   14.389  1.000 27.476 ? 95  GLY BBB O   1 
ATOM   824  N N   . PHE A 1 99  ? 4.593   2.248   16.141  1.000 29.178 ? 96  PHE BBB N   1 
ATOM   825  C CA  . PHE A 1 99  ? 3.457   2.208   17.100  1.000 30.853 ? 96  PHE BBB CA  1 
ATOM   826  C C   . PHE A 1 99  ? 2.304   3.071   16.574  1.000 29.193 ? 96  PHE BBB C   1 
ATOM   827  O O   . PHE A 1 99  ? 2.509   4.245   16.206  1.000 28.299 ? 96  PHE BBB O   1 
ATOM   828  C CB  . PHE A 1 99  ? 3.919   2.730   18.463  1.000 33.528 ? 96  PHE BBB CB  1 
ATOM   829  C CG  . PHE A 1 99  ? 2.864   2.675   19.539  1.000 35.813 ? 96  PHE BBB CG  1 
ATOM   830  C CD1 . PHE A 1 99  ? 2.081   3.784   19.818  1.000 38.069 ? 96  PHE BBB CD1 1 
ATOM   831  C CD2 . PHE A 1 99  ? 2.675   1.523   20.283  1.000 40.162 ? 96  PHE BBB CD2 1 
ATOM   832  C CE1 . PHE A 1 99  ? 1.136   3.744   20.831  1.000 43.153 ? 96  PHE BBB CE1 1 
ATOM   833  C CE2 . PHE A 1 99  ? 1.738   1.489   21.303  1.000 39.888 ? 96  PHE BBB CE2 1 
ATOM   834  C CZ  . PHE A 1 99  ? 0.965   2.596   21.569  1.000 41.353 ? 96  PHE BBB CZ  1 
ATOM   835  N N   . VAL A 1 100 ? 1.103   2.484   16.573  1.000 28.519 ? 97  VAL BBB N   1 
ATOM   836  C CA  . VAL A 1 100 ? -0.169  3.196   16.247  1.000 27.459 ? 97  VAL BBB CA  1 
ATOM   837  C C   . VAL A 1 100 ? -0.997  3.271   17.534  1.000 30.724 ? 97  VAL BBB C   1 
ATOM   838  O O   . VAL A 1 100 ? -1.300  2.236   18.160  1.000 31.003 ? 97  VAL BBB O   1 
ATOM   839  C CB  . VAL A 1 100 ? -0.884  2.491   15.078  1.000 25.602 ? 97  VAL BBB CB  1 
ATOM   840  C CG1 . VAL A 1 100 ? -2.256  3.095   14.819  1.000 25.155 ? 97  VAL BBB CG1 1 
ATOM   841  C CG2 . VAL A 1 100 ? 0.013   2.478   13.849  1.000 27.523 ? 97  VAL BBB CG2 1 
ATOM   842  N N   . ILE A 1 101 ? -1.338  4.508   17.912  1.000 32.352 ? 98  ILE BBB N   1 
ATOM   843  C CA  . ILE A 1 101 ? -2.236  4.770   19.078  1.000 32.342 ? 98  ILE BBB CA  1 
ATOM   844  C C   . ILE A 1 101 ? -3.657  4.312   18.763  1.000 34.411 ? 98  ILE BBB C   1 
ATOM   845  O O   . ILE A 1 101 ? -4.195  4.522   17.678  1.000 27.939 ? 98  ILE BBB O   1 
ATOM   846  C CB  . ILE A 1 101 ? -2.148  6.278   19.388  1.000 33.623 ? 98  ILE BBB CB  1 
ATOM   847  C CG1 . ILE A 1 101 ? -0.752  6.642   19.901  1.000 31.155 ? 98  ILE BBB CG1 1 
ATOM   848  C CG2 . ILE A 1 101 ? -3.257  6.734   20.323  1.000 33.743 ? 98  ILE BBB CG2 1 
ATOM   849  C CD1 . ILE A 1 101 ? -0.341  8.053   19.551  1.000 32.891 ? 98  ILE BBB CD1 1 
ATOM   850  N N   . PRO A 1 102 ? -4.383  3.680   19.712  1.000 30.850 ? 99  PRO BBB N   1 
ATOM   851  C CA  . PRO A 1 102 ? -5.768  3.294   19.441  1.000 34.697 ? 99  PRO BBB CA  1 
ATOM   852  C C   . PRO A 1 102 ? -6.608  4.536   19.108  1.000 35.576 ? 99  PRO BBB C   1 
ATOM   853  O O   . PRO A 1 102 ? -6.406  5.562   19.733  1.000 38.537 ? 99  PRO BBB O   1 
ATOM   854  C CB  . PRO A 1 102 ? -6.221  2.571   20.716  1.000 33.933 ? 99  PRO BBB CB  1 
ATOM   855  C CG  . PRO A 1 102 ? -5.177  2.868   21.763  1.000 35.566 ? 99  PRO BBB CG  1 
ATOM   856  C CD  . PRO A 1 102 ? -3.909  3.293   21.052  1.000 36.234 ? 99  PRO BBB CD  1 
ATOM   857  N N   . ASN A 1 103 ? -7.506  4.392   18.129  1.000 32.930 ? 100 ASN BBB N   1 
ATOM   858  C CA  . ASN A 1 103 ? -8.483  5.428   17.694  1.000 35.700 ? 100 ASN BBB CA  1 
ATOM   859  C C   . ASN A 1 103 ? -7.713  6.675   17.243  1.000 38.339 ? 100 ASN BBB C   1 
ATOM   860  O O   . ASN A 1 103 ? -8.101  7.795   17.629  1.000 37.224 ? 100 ASN BBB O   1 
ATOM   861  C CB  . ASN A 1 103 ? -9.481  5.775   18.802  1.000 40.485 ? 100 ASN BBB CB  1 
ATOM   862  C CG  . ASN A 1 103 ? -10.202 4.545   19.310  1.000 43.907 ? 100 ASN BBB CG  1 
ATOM   863  O OD1 . ASN A 1 103 ? -11.090 4.026   18.636  1.000 45.618 ? 100 ASN BBB OD1 1 
ATOM   864  N ND2 . ASN A 1 103 ? -9.800  4.070   20.477  1.000 48.790 ? 100 ASN BBB ND2 1 
ATOM   865  N N   . SER A 1 104 ? -6.625  6.467   16.495  1.000 36.050 ? 101 SER BBB N   1 
ATOM   866  C CA  . SER A 1 104 ? -5.801  7.597   15.989  1.000 32.884 ? 101 SER BBB CA  1 
ATOM   867  C C   . SER A 1 104 ? -5.902  7.694   14.463  1.000 32.127 ? 101 SER BBB C   1 
ATOM   868  O O   . SER A 1 104 ? -6.272  6.719   13.779  1.000 32.961 ? 101 SER BBB O   1 
ATOM   869  C CB  . SER A 1 104 ? -4.364  7.445   16.415  1.000 29.544 ? 101 SER BBB CB  1 
ATOM   870  O OG  . SER A 1 104 ? -3.747  6.367   15.726  1.000 31.873 ? 101 SER BBB OG  1 
ATOM   871  N N   . THR A 1 105 ? -5.595  8.905   13.985  1.000 30.716 ? 102 THR BBB N   1 
ATOM   872  C CA  . THR A 1 105 ? -5.456  9.210   12.536  1.000 29.256 ? 102 THR BBB CA  1 
ATOM   873  C C   . THR A 1 105 ? -3.992  9.639   12.390  1.000 29.238 ? 102 THR BBB C   1 
ATOM   874  O O   . THR A 1 105 ? -3.423  10.269  13.304  1.000 29.245 ? 102 THR BBB O   1 
ATOM   875  C CB  . THR A 1 105 ? -6.562  10.161  12.061  1.000 31.845 ? 102 THR BBB CB  1 
ATOM   876  O OG1 . THR A 1 105 ? -7.767  9.433   12.301  1.000 31.416 ? 102 THR BBB OG1 1 
ATOM   877  C CG2 . THR A 1 105 ? -6.454  10.563  10.606  1.000 30.877 ? 102 THR BBB CG2 1 
ATOM   878  N N   . ASN A 1 106 ? -3.380  9.218   11.279  1.000 25.851 ? 103 ASN BBB N   1 
ATOM   879  C CA  . ASN A 1 106 ? -1.896  9.255   11.179  1.000 25.510 ? 103 ASN BBB CA  1 
ATOM   880  C C   . ASN A 1 106 ? -1.556  9.488   9.702   1.000 24.319 ? 103 ASN BBB C   1 
ATOM   881  O O   . ASN A 1 106 ? -2.249  8.918   8.837   1.000 23.259 ? 103 ASN BBB O   1 
ATOM   882  C CB  . ASN A 1 106 ? -1.241  7.955   11.654  1.000 25.796 ? 103 ASN BBB CB  1 
ATOM   883  C CG  . ASN A 1 106 ? -1.699  7.533   13.035  1.000 26.166 ? 103 ASN BBB CG  1 
ATOM   884  O OD1 . ASN A 1 106 ? -1.107  7.959   14.024  1.000 30.370 ? 103 ASN BBB OD1 1 
ATOM   885  N ND2 . ASN A 1 106 ? -2.805  6.812   13.112  1.000 28.246 ? 103 ASN BBB ND2 1 
ATOM   886  N N   . THR A 1 107 ? -0.466  10.229  9.484   1.000 23.614 ? 104 THR BBB N   1 
ATOM   887  C CA  . THR A 1 107 ? 0.037   10.483  8.106   1.000 25.469 ? 104 THR BBB CA  1 
ATOM   888  C C   . THR A 1 107 ? 1.389   9.769   8.000   1.000 22.598 ? 104 THR BBB C   1 
ATOM   889  O O   . THR A 1 107 ? 2.173   9.753   8.969   1.000 26.510 ? 104 THR BBB O   1 
ATOM   890  C CB  . THR A 1 107 ? 0.064   11.975  7.752   1.000 26.749 ? 104 THR BBB CB  1 
ATOM   891  O OG1 . THR A 1 107 ? -1.264  12.479  7.907   1.000 30.824 ? 104 THR BBB OG1 1 
ATOM   892  C CG2 . THR A 1 107 ? 0.536   12.243  6.339   1.000 27.774 ? 104 THR BBB CG2 1 
ATOM   893  N N   . TRP A 1 108 ? 1.642   9.163   6.835   1.000 19.168 ? 105 TRP BBB N   1 
ATOM   894  C CA  . TRP A 1 108 ? 2.896   8.381   6.665   1.000 20.676 ? 105 TRP BBB CA  1 
ATOM   895  C C   . TRP A 1 108 ? 3.446   8.676   5.265   1.000 20.321 ? 105 TRP BBB C   1 
ATOM   896  O O   . TRP A 1 108 ? 2.710   8.446   4.286   1.000 18.579 ? 105 TRP BBB O   1 
ATOM   897  C CB  . TRP A 1 108 ? 2.538   6.899   6.835   1.000 20.355 ? 105 TRP BBB CB  1 
ATOM   898  C CG  . TRP A 1 108 ? 3.686   5.947   6.704   1.000 20.799 ? 105 TRP BBB CG  1 
ATOM   899  C CD1 . TRP A 1 108 ? 5.026   6.209   6.698   1.000 21.729 ? 105 TRP BBB CD1 1 
ATOM   900  C CD2 . TRP A 1 108 ? 3.549   4.515   6.679   1.000 19.081 ? 105 TRP BBB CD2 1 
ATOM   901  N NE1 . TRP A 1 108 ? 5.729   5.035   6.670   1.000 22.801 ? 105 TRP BBB NE1 1 
ATOM   902  C CE2 . TRP A 1 108 ? 4.854   3.982   6.654   1.000 20.550 ? 105 TRP BBB CE2 1 
ATOM   903  C CE3 . TRP A 1 108 ? 2.439   3.664   6.694   1.000 20.858 ? 105 TRP BBB CE3 1 
ATOM   904  C CZ2 . TRP A 1 108 ? 5.076   2.606   6.595   1.000 19.818 ? 105 TRP BBB CZ2 1 
ATOM   905  C CZ3 . TRP A 1 108 ? 2.669   2.308   6.640   1.000 20.817 ? 105 TRP BBB CZ3 1 
ATOM   906  C CH2 . TRP A 1 108 ? 3.965   1.794   6.591   1.000 21.626 ? 105 TRP BBB CH2 1 
ATOM   907  N N   . GLN A 1 109 ? 4.698   9.139   5.182   1.000 20.138 ? 106 GLN BBB N   1 
ATOM   908  C CA  . GLN A 1 109 ? 5.314   9.421   3.857   1.000 19.661 ? 106 GLN BBB CA  1 
ATOM   909  C C   . GLN A 1 109 ? 6.494   8.460   3.683   1.000 19.636 ? 106 GLN BBB C   1 
ATOM   910  O O   . GLN A 1 109 ? 7.313   8.260   4.603   1.000 23.824 ? 106 GLN BBB O   1 
ATOM   911  C CB  . GLN A 1 109 ? 5.766   10.876  3.718   1.000 26.047 ? 106 GLN BBB CB  1 
ATOM   912  C CG  . GLN A 1 109 ? 6.126   11.296  2.300   1.000 27.991 ? 106 GLN BBB CG  1 
ATOM   913  C CD  . GLN A 1 109 ? 5.861   12.743  1.961   1.000 30.754 ? 106 GLN BBB CD  1 
ATOM   914  O OE1 . GLN A 1 109 ? 5.904   13.613  2.828   1.000 32.361 ? 106 GLN BBB OE1 1 
ATOM   915  N NE2 . GLN A 1 109 ? 5.554   13.030  0.707   1.000 34.354 ? 106 GLN BBB NE2 1 
ATOM   916  N N   . SER A 1 110 ? 6.603   7.894   2.477   1.000 18.277 ? 107 SER BBB N   1 
ATOM   917  C CA  . SER A 1 110 ? 7.761   7.069   2.044   1.000 19.887 ? 107 SER BBB CA  1 
ATOM   918  C C   . SER A 1 110 ? 8.302   7.580   0.705   1.000 18.175 ? 107 SER BBB C   1 
ATOM   919  O O   . SER A 1 110 ? 7.604   8.283   -0.052  1.000 20.638 ? 107 SER BBB O   1 
ATOM   920  C CB  . SER A 1 110 ? 7.428   5.602   1.953   1.000 19.786 ? 107 SER BBB CB  1 
ATOM   921  O OG  . SER A 1 110 ? 6.901   5.143   3.189   1.000 19.822 ? 107 SER BBB OG  1 
ATOM   922  N N   . LEU A 1 111 ? 9.538   7.169   0.407   1.000 22.607 ? 108 LEU BBB N   1 
ATOM   923  C CA  . LEU A 1 111 ? 10.172  7.534   -0.888  1.000 22.905 ? 108 LEU BBB CA  1 
ATOM   924  C C   . LEU A 1 111 ? 10.344  6.248   -1.703  1.000 23.141 ? 108 LEU BBB C   1 
ATOM   925  O O   . LEU A 1 111 ? 10.716  5.221   -1.099  1.000 29.372 ? 108 LEU BBB O   1 
ATOM   926  C CB  . LEU A 1 111 ? 11.527  8.185   -0.584  1.000 26.116 ? 108 LEU BBB CB  1 
ATOM   927  C CG  . LEU A 1 111 ? 12.233  8.775   -1.803  1.000 28.572 ? 108 LEU BBB CG  1 
ATOM   928  C CD1 . LEU A 1 111 ? 11.455  9.960   -2.354  1.000 28.976 ? 108 LEU BBB CD1 1 
ATOM   929  C CD2 . LEU A 1 111 ? 13.637  9.205   -1.407  1.000 30.540 ? 108 LEU BBB CD2 1 
ATOM   930  N N   A ILE A 1 112 ? 9.989   6.320   -2.989  0.500 21.796 ? 109 ILE BBB N   1 
ATOM   931  N N   B ILE A 1 112 ? 9.973   6.312   -2.986  0.500 23.370 ? 109 ILE BBB N   1 
ATOM   932  C CA  A ILE A 1 112 ? 10.115  5.127   -3.879  0.500 24.604 ? 109 ILE BBB CA  1 
ATOM   933  C CA  B ILE A 1 112 ? 10.092  5.142   -3.907  0.500 27.297 ? 109 ILE BBB CA  1 
ATOM   934  C C   A ILE A 1 112 ? 10.973  5.564   -5.071  0.500 26.589 ? 109 ILE BBB C   1 
ATOM   935  C C   B ILE A 1 112 ? 11.003  5.603   -5.051  0.500 28.270 ? 109 ILE BBB C   1 
ATOM   936  O O   A ILE A 1 112 ? 10.576  6.512   -5.778  0.500 26.888 ? 109 ILE BBB O   1 
ATOM   937  O O   B ILE A 1 112 ? 10.598  6.518   -5.795  0.500 28.426 ? 109 ILE BBB O   1 
ATOM   938  C CB  A ILE A 1 112 ? 8.728   4.619   -4.322  0.500 25.512 ? 109 ILE BBB CB  1 
ATOM   939  C CB  B ILE A 1 112 ? 8.748   4.689   -4.513  0.500 29.726 ? 109 ILE BBB CB  1 
ATOM   940  C CG1 A ILE A 1 112 ? 7.858   4.303   -3.103  0.500 24.576 ? 109 ILE BBB CG1 1 
ATOM   941  C CG1 B ILE A 1 112 ? 7.597   4.640   -3.505  0.500 32.104 ? 109 ILE BBB CG1 1 
ATOM   942  C CG2 A ILE A 1 112 ? 8.868   3.418   -5.248  0.500 27.302 ? 109 ILE BBB CG2 1 
ATOM   943  C CG2 B ILE A 1 112 ? 8.902   3.367   -5.251  0.500 31.463 ? 109 ILE BBB CG2 1 
ATOM   944  C CD1 A ILE A 1 112 ? 6.395   4.150   -3.448  0.500 23.971 ? 109 ILE BBB CD1 1 
ATOM   945  C CD1 B ILE A 1 112 ? 7.954   3.970   -2.200  0.500 31.709 ? 109 ILE BBB CD1 1 
ATOM   946  N N   . GLU A 1 113 ? 12.094  4.876   -5.307  1.000 32.741 ? 110 GLU BBB N   1 
ATOM   947  C CA  . GLU A 1 113 ? 12.983  5.281   -6.430  1.000 35.099 ? 110 GLU BBB CA  1 
ATOM   948  C C   . GLU A 1 113 ? 12.692  4.447   -7.682  1.000 38.682 ? 110 GLU BBB C   1 
ATOM   949  O O   . GLU A 1 113 ? 12.461  3.225   -7.583  1.000 37.013 ? 110 GLU BBB O   1 
ATOM   950  C CB  . GLU A 1 113 ? 14.453  5.218   -6.008  1.000 36.847 ? 110 GLU BBB CB  1 
ATOM   951  C CG  . GLU A 1 113 ? 14.770  6.132   -4.838  1.000 44.323 ? 110 GLU BBB CG  1 
ATOM   952  C CD  . GLU A 1 113 ? 16.070  6.910   -4.937  1.000 48.087 ? 110 GLU BBB CD  1 
ATOM   953  O OE1 . GLU A 1 113 ? 16.535  7.421   -3.899  1.000 53.359 ? 110 GLU BBB OE1 1 
ATOM   954  O OE2 . GLU A 1 113 ? 16.612  7.002   -6.058  1.000 57.065 ? 110 GLU BBB OE2 1 
ATOM   955  N N   . ALA A 1 114 ? 12.652  5.100   -8.848  1.000 40.313 ? 111 ALA BBB N   1 
ATOM   956  C CA  . ALA A 1 114 ? 12.400  4.307   -10.075 1.000 48.281 ? 111 ALA BBB CA  1 
ATOM   957  C C   . ALA A 1 114 ? 13.598  3.372   -10.273 1.000 46.906 ? 111 ALA BBB C   1 
ATOM   958  O O   . ALA A 1 114 ? 14.669  3.889   -10.650 1.000 53.387 ? 111 ALA BBB O   1 
ATOM   959  C CB  . ALA A 1 114 ? 12.221  5.205   -11.274 1.000 49.342 ? 111 ALA BBB CB  1 
ATOM   960  N N   . ALA A 1 115 ? 13.436  2.082   -9.960  1.000 54.767 ? 112 ALA BBB N   1 
ATOM   961  C CA  . ALA A 1 115 ? 14.465  1.062   -10.270 1.000 55.248 ? 112 ALA BBB CA  1 
ATOM   962  C C   . ALA A 1 115 ? 14.449  0.793   -11.779 1.000 53.584 ? 112 ALA BBB C   1 
ATOM   963  O O   . ALA A 1 115 ? 13.511  0.104   -12.225 1.000 50.119 ? 112 ALA BBB O   1 
ATOM   964  C CB  . ALA A 1 115 ? 14.169  -0.196  -9.490  1.000 56.586 ? 112 ALA BBB CB  1 
ATOM   965  N N   . MET A 1 121 ? 11.016  -0.252  -19.889 1.000 62.670 ? 118 MET BBB N   1 
ATOM   966  C CA  . MET A 1 121 ? 9.804   -0.903  -20.455 1.000 60.459 ? 118 MET BBB CA  1 
ATOM   967  C C   . MET A 1 121 ? 8.694   0.136   -20.573 1.000 59.074 ? 118 MET BBB C   1 
ATOM   968  O O   . MET A 1 121 ? 8.492   0.919   -19.646 1.000 49.375 ? 118 MET BBB O   1 
ATOM   969  C CB  . MET A 1 121 ? 9.329   -2.074  -19.589 1.000 64.688 ? 118 MET BBB CB  1 
ATOM   970  C CG  . MET A 1 121 ? 8.355   -3.020  -20.266 1.000 68.468 ? 118 MET BBB CG  1 
ATOM   971  S SD  . MET A 1 121 ? 9.101   -4.276  -21.336 1.000 74.738 ? 118 MET BBB SD  1 
ATOM   972  C CE  . MET A 1 121 ? 9.050   -3.545  -22.971 1.000 73.693 ? 118 MET BBB CE  1 
ATOM   973  N N   . PRO A 1 122 ? 7.939   0.173   -21.693 1.000 56.202 ? 119 PRO BBB N   1 
ATOM   974  C CA  . PRO A 1 122 ? 6.958   1.226   -21.961 1.000 52.989 ? 119 PRO BBB CA  1 
ATOM   975  C C   . PRO A 1 122 ? 5.564   1.054   -21.340 1.000 52.780 ? 119 PRO BBB C   1 
ATOM   976  O O   . PRO A 1 122 ? 5.138   -0.070  -21.145 1.000 48.450 ? 119 PRO BBB O   1 
ATOM   977  C CB  . PRO A 1 122 ? 6.785   1.138   -23.482 1.000 56.266 ? 119 PRO BBB CB  1 
ATOM   978  C CG  . PRO A 1 122 ? 6.938   -0.334  -23.773 1.000 56.987 ? 119 PRO BBB CG  1 
ATOM   979  C CD  . PRO A 1 122 ? 7.997   -0.802  -22.796 1.000 58.374 ? 119 PRO BBB CD  1 
ATOM   980  N N   . ALA A 1 123 ? 4.884   2.188   -21.136 1.000 50.080 ? 120 ALA BBB N   1 
ATOM   981  C CA  . ALA A 1 123 ? 3.504   2.313   -20.609 1.000 48.364 ? 120 ALA BBB CA  1 
ATOM   982  C C   . ALA A 1 123 ? 2.509   1.485   -21.430 1.000 47.584 ? 120 ALA BBB C   1 
ATOM   983  O O   . ALA A 1 123 ? 1.555   0.954   -20.828 1.000 41.164 ? 120 ALA BBB O   1 
ATOM   984  C CB  . ALA A 1 123 ? 3.090   3.763   -20.595 1.000 49.233 ? 120 ALA BBB CB  1 
ATOM   985  N N   . SER A 1 124 ? 2.696   1.414   -22.752 1.000 45.054 ? 121 SER BBB N   1 
ATOM   986  C CA  . SER A 1 124 ? 1.898   0.562   -23.672 1.000 44.376 ? 121 SER BBB CA  1 
ATOM   987  C C   . SER A 1 124 ? 1.807   -0.862  -23.111 1.000 41.204 ? 121 SER BBB C   1 
ATOM   988  O O   . SER A 1 124 ? 0.696   -1.428  -23.101 1.000 42.756 ? 121 SER BBB O   1 
ATOM   989  C CB  . SER A 1 124 ? 2.524   0.534   -25.043 1.000 47.116 ? 121 SER BBB CB  1 
ATOM   990  O OG  . SER A 1 124 ? 2.607   1.849   -25.575 1.000 53.696 ? 121 SER BBB OG  1 
ATOM   991  N N   . VAL A 1 125 ? 2.958   -1.374  -22.664 1.000 41.380 ? 122 VAL BBB N   1 
ATOM   992  C CA  . VAL A 1 125 ? 3.163   -2.793  -22.245 1.000 43.844 ? 122 VAL BBB CA  1 
ATOM   993  C C   . VAL A 1 125 ? 2.827   -2.932  -20.756 1.000 41.650 ? 122 VAL BBB C   1 
ATOM   994  O O   . VAL A 1 125 ? 2.107   -3.889  -20.406 1.000 42.684 ? 122 VAL BBB O   1 
ATOM   995  C CB  . VAL A 1 125 ? 4.603   -3.213  -22.597 1.000 45.067 ? 122 VAL BBB CB  1 
ATOM   996  C CG1 . VAL A 1 125 ? 5.000   -4.548  -21.986 1.000 48.655 ? 122 VAL BBB CG1 1 
ATOM   997  C CG2 . VAL A 1 125 ? 4.798   -3.249  -24.105 1.000 46.289 ? 122 VAL BBB CG2 1 
ATOM   998  N N   . LEU A 1 126 ? 3.302   -2.005  -19.918 1.000 39.702 ? 123 LEU BBB N   1 
ATOM   999  C CA  . LEU A 1 126 ? 3.143   -2.073  -18.440 1.000 35.921 ? 123 LEU BBB CA  1 
ATOM   1000 C C   . LEU A 1 126 ? 1.668   -1.994  -18.034 1.000 32.901 ? 123 LEU BBB C   1 
ATOM   1001 O O   . LEU A 1 126 ? 1.251   -2.730  -17.117 1.000 29.637 ? 123 LEU BBB O   1 
ATOM   1002 C CB  . LEU A 1 126 ? 3.918   -0.912  -17.807 1.000 36.052 ? 123 LEU BBB CB  1 
ATOM   1003 C CG  . LEU A 1 126 ? 5.440   -1.030  -17.858 1.000 37.032 ? 123 LEU BBB CG  1 
ATOM   1004 C CD1 . LEU A 1 126 ? 6.087   0.272   -17.411 1.000 39.569 ? 123 LEU BBB CD1 1 
ATOM   1005 C CD2 . LEU A 1 126 ? 5.937   -2.191  -17.009 1.000 37.717 ? 123 LEU BBB CD2 1 
ATOM   1006 N N   . THR A 1 127 ? 0.955   -1.077  -18.696 1.000 32.113 ? 124 THR BBB N   1 
ATOM   1007 C CA  . THR A 1 127 ? -0.455  -0.740  -18.362 1.000 33.118 ? 124 THR BBB CA  1 
ATOM   1008 C C   . THR A 1 127 ? -1.360  -1.973  -18.269 1.000 36.906 ? 124 THR BBB C   1 
ATOM   1009 O O   . THR A 1 127 ? -1.482  -2.729  -19.253 1.000 35.475 ? 124 THR BBB O   1 
ATOM   1010 C CB  . THR A 1 127 ? -0.969  0.386   -19.269 1.000 33.338 ? 124 THR BBB CB  1 
ATOM   1011 O OG1 . THR A 1 127 ? -2.136  0.898   -18.625 1.000 30.696 ? 124 THR BBB OG1 1 
ATOM   1012 C CG2 . THR A 1 127 ? -1.315  -0.087  -20.664 1.000 32.546 ? 124 THR BBB CG2 1 
ATOM   1013 N N   . GLY A 1 128 ? -1.949  -2.184  -17.087 1.000 33.998 ? 125 GLY BBB N   1 
ATOM   1014 C CA  . GLY A 1 128 ? -2.857  -3.322  -16.842 1.000 32.883 ? 125 GLY BBB CA  1 
ATOM   1015 C C   . GLY A 1 128 ? -2.149  -4.630  -16.530 1.000 32.738 ? 125 GLY BBB C   1 
ATOM   1016 O O   . GLY A 1 128 ? -2.850  -5.592  -16.162 1.000 33.032 ? 125 GLY BBB O   1 
ATOM   1017 N N   . ASN A 1 129 ? -0.815  -4.657  -16.613 1.000 31.554 ? 126 ASN BBB N   1 
ATOM   1018 C CA  . ASN A 1 129 ? -0.034  -5.904  -16.387 1.000 35.231 ? 126 ASN BBB CA  1 
ATOM   1019 C C   . ASN A 1 129 ? 0.834   -5.753  -15.133 1.000 33.090 ? 126 ASN BBB C   1 
ATOM   1020 O O   . ASN A 1 129 ? 1.704   -6.616  -14.904 1.000 32.369 ? 126 ASN BBB O   1 
ATOM   1021 C CB  . ASN A 1 129 ? 0.860   -6.187  -17.598 1.000 37.476 ? 126 ASN BBB CB  1 
ATOM   1022 C CG  . ASN A 1 129 ? 0.032   -6.492  -18.828 1.000 41.893 ? 126 ASN BBB CG  1 
ATOM   1023 O OD1 . ASN A 1 129 ? -1.005  -7.143  -18.722 1.000 37.581 ? 126 ASN BBB OD1 1 
ATOM   1024 N ND2 . ASN A 1 129 ? 0.462   -5.985  -19.972 1.000 36.289 ? 126 ASN BBB ND2 1 
ATOM   1025 N N   . VAL A 1 130 ? 0.691   -4.639  -14.409 1.000 30.206 ? 127 VAL BBB N   1 
ATOM   1026 C CA  . VAL A 1 130 ? 1.546   -4.509  -13.190 1.000 28.695 ? 127 VAL BBB CA  1 
ATOM   1027 C C   . VAL A 1 130 ? 0.612   -4.676  -11.987 1.000 22.806 ? 127 VAL BBB C   1 
ATOM   1028 O O   . VAL A 1 130 ? -0.467  -4.049  -11.980 1.000 24.846 ? 127 VAL BBB O   1 
ATOM   1029 C CB  . VAL A 1 130 ? 2.262   -3.146  -13.129 1.000 26.609 ? 127 VAL BBB CB  1 
ATOM   1030 C CG1 . VAL A 1 130 ? 2.741   -2.843  -11.719 1.000 27.282 ? 127 VAL BBB CG1 1 
ATOM   1031 C CG2 . VAL A 1 130 ? 3.417   -3.054  -14.115 1.000 29.658 ? 127 VAL BBB CG2 1 
ATOM   1032 N N   . ILE A 1 131 ? 0.963   -5.578  -11.067 1.000 25.494 ? 128 ILE BBB N   1 
ATOM   1033 C CA  . ILE A 1 131 ? 0.177   -5.713  -9.803  1.000 26.611 ? 128 ILE BBB CA  1 
ATOM   1034 C C   . ILE A 1 131 ? 1.146   -5.357  -8.670  1.000 25.484 ? 128 ILE BBB C   1 
ATOM   1035 O O   . ILE A 1 131 ? 2.236   -5.960  -8.601  1.000 23.290 ? 128 ILE BBB O   1 
ATOM   1036 C CB  . ILE A 1 131 ? -0.330  -7.156  -9.611  1.000 29.740 ? 128 ILE BBB CB  1 
ATOM   1037 C CG1 . ILE A 1 131 ? -1.303  -7.526  -10.735 1.000 35.391 ? 128 ILE BBB CG1 1 
ATOM   1038 C CG2 . ILE A 1 131 ? -0.887  -7.344  -8.209  1.000 30.090 ? 128 ILE BBB CG2 1 
ATOM   1039 C CD1 . ILE A 1 131 ? -2.761  -7.538  -10.340 1.000 39.556 ? 128 ILE BBB CD1 1 
ATOM   1040 N N   . ILE A 1 132 ? 0.640   -4.543  -7.738  1.000 23.914 ? 129 ILE BBB N   1 
ATOM   1041 C CA  . ILE A 1 132 ? 1.390   -4.387  -6.455  1.000 22.703 ? 129 ILE BBB CA  1 
ATOM   1042 C C   . ILE A 1 132 ? 0.614   -5.198  -5.411  1.000 21.061 ? 129 ILE BBB C   1 
ATOM   1043 O O   . ILE A 1 132 ? -0.570  -4.884  -5.180  1.000 20.003 ? 129 ILE BBB O   1 
ATOM   1044 C CB  . ILE A 1 132 ? 1.462   -2.900  -6.053  1.000 24.114 ? 129 ILE BBB CB  1 
ATOM   1045 C CG1 . ILE A 1 132 ? 2.061   -2.124  -7.229  1.000 27.599 ? 129 ILE BBB CG1 1 
ATOM   1046 C CG2 . ILE A 1 132 ? 2.287   -2.780  -4.782  1.000 21.996 ? 129 ILE BBB CG2 1 
ATOM   1047 C CD1 . ILE A 1 132 ? 2.048   -0.635  -6.977  1.000 32.344 ? 129 ILE BBB CD1 1 
ATOM   1048 N N   . GLU A 1 133 ? 1.327   -6.135  -4.778  1.000 20.788 ? 130 GLU BBB N   1 
ATOM   1049 C CA  . GLU A 1 133 ? 0.704   -6.912  -3.673  1.000 21.818 ? 130 GLU BBB CA  1 
ATOM   1050 C C   . GLU A 1 133 ? 1.277   -6.376  -2.356  1.000 23.256 ? 130 GLU BBB C   1 
ATOM   1051 O O   . GLU A 1 133 ? 2.507   -6.276  -2.174  1.000 21.512 ? 130 GLU BBB O   1 
ATOM   1052 C CB  . GLU A 1 133 ? 0.981   -8.410  -3.815  1.000 25.521 ? 130 GLU BBB CB  1 
ATOM   1053 C CG  . GLU A 1 133 ? 0.030   -9.244  -2.976  1.000 29.524 ? 130 GLU BBB CG  1 
ATOM   1054 C CD  . GLU A 1 133 ? -0.011  -10.738 -3.246  1.000 36.604 ? 130 GLU BBB CD  1 
ATOM   1055 O OE1 . GLU A 1 133 ? 1.041   -11.389 -3.086  1.000 41.217 ? 130 GLU BBB OE1 1 
ATOM   1056 O OE2 . GLU A 1 133 ? -1.091  -11.251 -3.602  1.000 41.431 ? 130 GLU BBB OE2 1 
ATOM   1057 N N   . THR A 1 134 ? 0.340   -5.992  -1.483  1.000 20.717 ? 131 THR BBB N   1 
ATOM   1058 C CA  . THR A 1 134 ? 0.738   -5.424  -0.168  1.000 20.091 ? 131 THR BBB CA  1 
ATOM   1059 C C   . THR A 1 134 ? 0.278   -6.308  0.997   1.000 21.991 ? 131 THR BBB C   1 
ATOM   1060 O O   . THR A 1 134 ? -0.918  -6.651  1.076   1.000 20.802 ? 131 THR BBB O   1 
ATOM   1061 C CB  . THR A 1 134 ? 0.121   -4.035  0.037   1.000 21.747 ? 131 THR BBB CB  1 
ATOM   1062 O OG1 . THR A 1 134 ? 0.551   -3.194  -1.034  1.000 20.530 ? 131 THR BBB OG1 1 
ATOM   1063 C CG2 . THR A 1 134 ? 0.509   -3.468  1.385   1.000 21.706 ? 131 THR BBB CG2 1 
ATOM   1064 N N   . LYS A 1 135 ? 1.254   -6.589  1.867   1.000 23.014 ? 132 LYS BBB N   1 
ATOM   1065 C CA  . LYS A 1 135 ? 0.955   -7.328  3.123   1.000 23.386 ? 132 LYS BBB CA  1 
ATOM   1066 C C   . LYS A 1 135 ? 1.097   -6.326  4.275   1.000 23.107 ? 132 LYS BBB C   1 
ATOM   1067 O O   . LYS A 1 135 ? 2.108   -5.603  4.387   1.000 22.492 ? 132 LYS BBB O   1 
ATOM   1068 C CB  . LYS A 1 135 ? 1.927   -8.494  3.329   1.000 26.858 ? 132 LYS BBB CB  1 
ATOM   1069 C CG  . LYS A 1 135 ? 1.758   -9.654  2.356   1.000 29.371 ? 132 LYS BBB CG  1 
ATOM   1070 C CD  . LYS A 1 135 ? 2.672   -10.820 2.664   1.000 35.863 ? 132 LYS BBB CD  1 
ATOM   1071 C CE  . LYS A 1 135 ? 3.076   -11.653 1.465   1.000 41.515 ? 132 LYS BBB CE  1 
ATOM   1072 N NZ  . LYS A 1 135 ? 1.907   -12.223 0.755   1.000 45.956 ? 132 LYS BBB NZ  1 
ATOM   1073 N N   . PHE A 1 136 ? 0.002   -6.205  5.032   1.000 22.583 ? 133 PHE BBB N   1 
ATOM   1074 C CA  . PHE A 1 136 ? -0.122  -5.293  6.199   1.000 22.072 ? 133 PHE BBB CA  1 
ATOM   1075 C C   . PHE A 1 136 ? 0.096   -6.154  7.449   1.000 24.126 ? 133 PHE BBB C   1 
ATOM   1076 O O   . PHE A 1 136 ? -0.627  -7.139  7.699   1.000 24.438 ? 133 PHE BBB O   1 
ATOM   1077 C CB  . PHE A 1 136 ? -1.517  -4.676  6.069   1.000 24.674 ? 133 PHE BBB CB  1 
ATOM   1078 C CG  . PHE A 1 136 ? -2.105  -3.977  7.270   1.000 25.593 ? 133 PHE BBB CG  1 
ATOM   1079 C CD1 . PHE A 1 136 ? -3.390  -3.471  7.163   1.000 28.667 ? 133 PHE BBB CD1 1 
ATOM   1080 C CD2 . PHE A 1 136 ? -1.480  -3.975  8.506   1.000 28.712 ? 133 PHE BBB CD2 1 
ATOM   1081 C CE1 . PHE A 1 136 ? -4.017  -2.894  8.256   1.000 28.571 ? 133 PHE BBB CE1 1 
ATOM   1082 C CE2 . PHE A 1 136 ? -2.088  -3.344  9.579   1.000 25.567 ? 133 PHE BBB CE2 1 
ATOM   1083 C CZ  . PHE A 1 136 ? -3.355  -2.821  9.460   1.000 26.536 ? 133 PHE BBB CZ  1 
ATOM   1084 N N   . PHE A 1 137 ? 1.131   -5.773  8.204   1.000 23.012 ? 134 PHE BBB N   1 
ATOM   1085 C CA  . PHE A 1 137 ? 1.493   -6.469  9.467   1.000 24.127 ? 134 PHE BBB CA  1 
ATOM   1086 C C   . PHE A 1 137 ? 1.397   -5.504  10.653  1.000 24.105 ? 134 PHE BBB C   1 
ATOM   1087 O O   . PHE A 1 137 ? 1.617   -4.280  10.561  1.000 23.467 ? 134 PHE BBB O   1 
ATOM   1088 C CB  . PHE A 1 137 ? 2.944   -6.952  9.397   1.000 24.581 ? 134 PHE BBB CB  1 
ATOM   1089 C CG  . PHE A 1 137 ? 3.206   -8.111  8.470   1.000 23.873 ? 134 PHE BBB CG  1 
ATOM   1090 C CD1 . PHE A 1 137 ? 3.517   -7.914  7.134   1.000 24.139 ? 134 PHE BBB CD1 1 
ATOM   1091 C CD2 . PHE A 1 137 ? 3.241   -9.400  8.976   1.000 25.526 ? 134 PHE BBB CD2 1 
ATOM   1092 C CE1 . PHE A 1 137 ? 3.811   -8.995  6.318   1.000 27.189 ? 134 PHE BBB CE1 1 
ATOM   1093 C CE2 . PHE A 1 137 ? 3.527   -10.479 8.155   1.000 28.328 ? 134 PHE BBB CE2 1 
ATOM   1094 C CZ  . PHE A 1 137 ? 3.822   -10.273 6.827   1.000 26.621 ? 134 PHE BBB CZ  1 
ATOM   1095 N N   . ASP A 1 138 ? 1.126   -6.155  11.788  1.000 25.860 ? 135 ASP BBB N   1 
ATOM   1096 C CA  . ASP A 1 138 ? 1.426   -5.490  13.084  1.000 25.135 ? 135 ASP BBB CA  1 
ATOM   1097 C C   . ASP A 1 138 ? 2.505   -6.438  13.619  1.000 27.194 ? 135 ASP BBB C   1 
ATOM   1098 O O   . ASP A 1 138 ? 2.150   -7.544  14.076  1.000 26.461 ? 135 ASP BBB O   1 
ATOM   1099 C CB  . ASP A 1 138 ? 0.275   -5.471  14.094  1.000 25.850 ? 135 ASP BBB CB  1 
ATOM   1100 C CG  . ASP A 1 138 ? 0.793   -4.918  15.410  1.000 28.364 ? 135 ASP BBB CG  1 
ATOM   1101 O OD1 . ASP A 1 138 ? 1.986   -4.554  15.450  1.000 28.529 ? 135 ASP BBB OD1 1 
ATOM   1102 O OD2 . ASP A 1 138 ? 0.001   -4.796  16.364  1.000 32.644 ? 135 ASP BBB OD2 1 
ATOM   1103 N N   . ASP A 1 139 ? 3.761   -6.045  13.386  1.000 26.868 ? 136 ASP BBB N   1 
ATOM   1104 C CA  . ASP A 1 139 ? 4.948   -6.842  13.801  1.000 28.297 ? 136 ASP BBB CA  1 
ATOM   1105 C C   . ASP A 1 139 ? 4.966   -8.112  12.943  1.000 26.752 ? 136 ASP BBB C   1 
ATOM   1106 O O   . ASP A 1 139 ? 5.270   -8.002  11.738  1.000 25.471 ? 136 ASP BBB O   1 
ATOM   1107 C CB  . ASP A 1 139 ? 4.926   -7.168  15.297  1.000 31.134 ? 136 ASP BBB CB  1 
ATOM   1108 C CG  . ASP A 1 139 ? 6.225   -6.882  16.030  1.000 37.946 ? 136 ASP BBB CG  1 
ATOM   1109 O OD1 . ASP A 1 139 ? 7.285   -7.090  15.407  1.000 41.472 ? 136 ASP BBB OD1 1 
ATOM   1110 O OD2 . ASP A 1 139 ? 6.132   -6.443  17.193  1.000 40.210 ? 136 ASP BBB OD2 1 
ATOM   1111 N N   . ASP A 1 140 ? 4.681   -9.269  13.549  1.000 27.474 ? 137 ASP BBB N   1 
ATOM   1112 C CA  . ASP A 1 140 ? 4.639   -10.538 12.772  1.000 28.736 ? 137 ASP BBB CA  1 
ATOM   1113 C C   . ASP A 1 140 ? 3.198   -11.006 12.533  1.000 27.655 ? 137 ASP BBB C   1 
ATOM   1114 O O   . ASP A 1 140 ? 3.015   -12.099 11.960  1.000 32.833 ? 137 ASP BBB O   1 
ATOM   1115 C CB  . ASP A 1 140 ? 5.470   -11.643 13.429  1.000 34.027 ? 137 ASP BBB CB  1 
ATOM   1116 C CG  . ASP A 1 140 ? 5.090   -11.974 14.861  1.000 38.747 ? 137 ASP BBB CG  1 
ATOM   1117 O OD1 . ASP A 1 140 ? 4.363   -11.195 15.509  1.000 39.668 ? 137 ASP BBB OD1 1 
ATOM   1118 O OD2 . ASP A 1 140 ? 5.574   -13.025 15.329  1.000 50.639 ? 137 ASP BBB OD2 1 
ATOM   1119 N N   . LEU A 1 141 ? 2.209   -10.248 13.016  1.000 24.721 ? 138 LEU BBB N   1 
ATOM   1120 C CA  . LEU A 1 141 ? 0.797   -10.644 12.769  1.000 23.168 ? 138 LEU BBB CA  1 
ATOM   1121 C C   . LEU A 1 141 ? 0.357   -10.113 11.400  1.000 24.103 ? 138 LEU BBB C   1 
ATOM   1122 O O   . LEU A 1 141 ? 0.312   -8.882  11.204  1.000 23.661 ? 138 LEU BBB O   1 
ATOM   1123 C CB  . LEU A 1 141 ? -0.071  -10.091 13.904  1.000 23.691 ? 138 LEU BBB CB  1 
ATOM   1124 C CG  . LEU A 1 141 ? -1.547  -10.478 13.838  1.000 25.937 ? 138 LEU BBB CG  1 
ATOM   1125 C CD1 . LEU A 1 141 ? -1.708  -11.976 14.050  1.000 26.685 ? 138 LEU BBB CD1 1 
ATOM   1126 C CD2 . LEU A 1 141 ? -2.357  -9.704  14.867  1.000 30.660 ? 138 LEU BBB CD2 1 
ATOM   1127 N N   . LEU A 1 142 ? -0.018  -11.030 10.502  1.000 26.253 ? 139 LEU BBB N   1 
ATOM   1128 C CA  . LEU A 1 142 ? -0.486  -10.628 9.149   1.000 24.753 ? 139 LEU BBB CA  1 
ATOM   1129 C C   . LEU A 1 142 ? -1.966  -10.251 9.287   1.000 24.870 ? 139 LEU BBB C   1 
ATOM   1130 O O   . LEU A 1 142 ? -2.811  -11.107 9.616   1.000 25.985 ? 139 LEU BBB O   1 
ATOM   1131 C CB  . LEU A 1 142 ? -0.345  -11.780 8.149   1.000 25.404 ? 139 LEU BBB CB  1 
ATOM   1132 C CG  . LEU A 1 142 ? -0.882  -11.490 6.748   1.000 26.022 ? 139 LEU BBB CG  1 
ATOM   1133 C CD1 . LEU A 1 142 ? -0.137  -10.335 6.096   1.000 26.150 ? 139 LEU BBB CD1 1 
ATOM   1134 C CD2 . LEU A 1 142 ? -0.802  -12.724 5.862   1.000 30.059 ? 139 LEU BBB CD2 1 
ATOM   1135 N N   . VAL A 1 143 ? -2.214  -8.970  9.000   1.000 23.379 ? 140 VAL BBB N   1 
ATOM   1136 C CA  . VAL A 1 143 ? -3.600  -8.433  9.158   1.000 25.120 ? 140 VAL BBB CA  1 
ATOM   1137 C C   . VAL A 1 143 ? -4.315  -8.615  7.814   1.000 25.957 ? 140 VAL BBB C   1 
ATOM   1138 O O   . VAL A 1 143 ? -5.508  -8.973  7.844   1.000 28.501 ? 140 VAL BBB O   1 
ATOM   1139 C CB  . VAL A 1 143 ? -3.551  -6.962  9.614   1.000 25.428 ? 140 VAL BBB CB  1 
ATOM   1140 C CG1 . VAL A 1 143 ? -4.932  -6.326  9.571   1.000 27.560 ? 140 VAL BBB CG1 1 
ATOM   1141 C CG2 . VAL A 1 143 ? -2.917  -6.897  10.995  1.000 27.121 ? 140 VAL BBB CG2 1 
ATOM   1142 N N   . SER A 1 144 ? -3.625  -8.332  6.704   1.000 26.942 ? 141 SER BBB N   1 
ATOM   1143 C CA  . SER A 1 144 ? -4.334  -8.422  5.401   1.000 26.020 ? 141 SER BBB CA  1 
ATOM   1144 C C   . SER A 1 144 ? -3.320  -8.455  4.252   1.000 26.941 ? 141 SER BBB C   1 
ATOM   1145 O O   . SER A 1 144 ? -2.148  -8.050  4.392   1.000 24.334 ? 141 SER BBB O   1 
ATOM   1146 C CB  . SER A 1 144 ? -5.288  -7.266  5.239   1.000 27.477 ? 141 SER BBB CB  1 
ATOM   1147 O OG  . SER A 1 144 ? -4.581  -6.079  4.912   1.000 30.040 ? 141 SER BBB OG  1 
ATOM   1148 N N   . THR A 1 145 ? -3.823  -9.029  3.155   1.000 24.544 ? 142 THR BBB N   1 
ATOM   1149 C CA  . THR A 1 145 ? -3.090  -9.016  1.861   1.000 25.037 ? 142 THR BBB CA  1 
ATOM   1150 C C   . THR A 1 145 ? -4.025  -8.339  0.853   1.000 27.208 ? 142 THR BBB C   1 
ATOM   1151 O O   . THR A 1 145 ? -5.227  -8.673  0.856   1.000 26.534 ? 142 THR BBB O   1 
ATOM   1152 C CB  . THR A 1 145 ? -2.657  -10.425 1.431   1.000 25.958 ? 142 THR BBB CB  1 
ATOM   1153 O OG1 . THR A 1 145 ? -1.960  -11.082 2.490   1.000 28.205 ? 142 THR BBB OG1 1 
ATOM   1154 C CG2 . THR A 1 145 ? -1.780  -10.394 0.199   1.000 24.989 ? 142 THR BBB CG2 1 
ATOM   1155 N N   . SER A 1 146 ? -3.506  -7.367  0.095   1.000 22.790 ? 143 SER BBB N   1 
ATOM   1156 C CA  . SER A 1 146 ? -4.326  -6.639  -0.910  1.000 25.115 ? 143 SER BBB CA  1 
ATOM   1157 C C   . SER A 1 146 ? -3.502  -6.417  -2.183  1.000 23.167 ? 143 SER BBB C   1 
ATOM   1158 O O   . SER A 1 146 ? -2.259  -6.505  -2.156  1.000 22.945 ? 143 SER BBB O   1 
ATOM   1159 C CB  . SER A 1 146 ? -4.841  -5.323  -0.388  1.000 23.888 ? 143 SER BBB CB  1 
ATOM   1160 O OG  . SER A 1 146 ? -3.796  -4.537  0.167   1.000 25.126 ? 143 SER BBB OG  1 
ATOM   1161 N N   . ARG A 1 147 ? -4.224  -6.178  -3.283  1.000 24.014 ? 144 ARG BBB N   1 
ATOM   1162 C CA  . ARG A 1 147 ? -3.592  -6.146  -4.629  1.000 25.204 ? 144 ARG BBB CA  1 
ATOM   1163 C C   . ARG A 1 147 ? -4.208  -4.989  -5.424  1.000 26.621 ? 144 ARG BBB C   1 
ATOM   1164 O O   . ARG A 1 147 ? -5.424  -4.737  -5.311  1.000 25.451 ? 144 ARG BBB O   1 
ATOM   1165 C CB  . ARG A 1 147 ? -3.874  -7.439  -5.399  1.000 27.568 ? 144 ARG BBB CB  1 
ATOM   1166 C CG  . ARG A 1 147 ? -3.161  -8.668  -4.851  1.000 31.315 ? 144 ARG BBB CG  1 
ATOM   1167 C CD  . ARG A 1 147 ? -3.732  -9.951  -5.426  1.000 38.692 ? 144 ARG BBB CD  1 
ATOM   1168 N NE  . ARG A 1 147 ? -3.406  -10.172 -6.828  1.000 43.190 ? 144 ARG BBB NE  1 
ATOM   1169 C CZ  . ARG A 1 147 ? -2.302  -10.752 -7.284  1.000 54.292 ? 144 ARG BBB CZ  1 
ATOM   1170 N NH1 . ARG A 1 147 ? -1.355  -11.151 -6.451  1.000 54.757 ? 144 ARG BBB NH1 1 
ATOM   1171 N NH2 . ARG A 1 147 ? -2.129  -10.920 -8.583  1.000 54.399 ? 144 ARG BBB NH2 1 
ATOM   1172 N N   . VAL A 1 148 ? -3.335  -4.285  -6.152  1.000 23.792 ? 145 VAL BBB N   1 
ATOM   1173 C CA  . VAL A 1 148 ? -3.764  -3.141  -7.013  1.000 24.162 ? 145 VAL BBB CA  1 
ATOM   1174 C C   . VAL A 1 148 ? -3.174  -3.388  -8.406  1.000 24.439 ? 145 VAL BBB C   1 
ATOM   1175 O O   . VAL A 1 148 ? -1.955  -3.621  -8.518  1.000 24.157 ? 145 VAL BBB O   1 
ATOM   1176 C CB  . VAL A 1 148 ? -3.353  -1.756  -6.478  1.000 24.071 ? 145 VAL BBB CB  1 
ATOM   1177 C CG1 . VAL A 1 148 ? -3.897  -0.643  -7.361  1.000 25.893 ? 145 VAL BBB CG1 1 
ATOM   1178 C CG2 . VAL A 1 148 ? -3.772  -1.543  -5.031  1.000 27.661 ? 145 VAL BBB CG2 1 
ATOM   1179 N N   . ARG A 1 149 ? -4.054  -3.359  -9.413  1.000 24.465 ? 146 ARG BBB N   1 
ATOM   1180 C CA  . ARG A 1 149 ? -3.576  -3.457  -10.819 1.000 25.342 ? 146 ARG BBB CA  1 
ATOM   1181 C C   . ARG A 1 149 ? -3.369  -2.021  -11.312 1.000 24.393 ? 146 ARG BBB C   1 
ATOM   1182 O O   . ARG A 1 149 ? -4.284  -1.193  -11.131 1.000 24.949 ? 146 ARG BBB O   1 
ATOM   1183 C CB  . ARG A 1 149 ? -4.601  -4.186  -11.694 1.000 27.668 ? 146 ARG BBB CB  1 
ATOM   1184 C CG  . ARG A 1 149 ? -4.167  -4.404  -13.136 1.000 28.449 ? 146 ARG BBB CG  1 
ATOM   1185 C CD  . ARG A 1 149 ? -5.299  -4.938  -13.995 1.000 32.031 ? 146 ARG BBB CD  1 
ATOM   1186 N NE  . ARG A 1 149 ? -4.884  -5.241  -15.358 1.000 32.505 ? 146 ARG BBB NE  1 
ATOM   1187 C CZ  . ARG A 1 149 ? -5.727  -5.485  -16.355 1.000 33.031 ? 146 ARG BBB CZ  1 
ATOM   1188 N NH1 . ARG A 1 149 ? -7.030  -5.431  -16.139 1.000 34.585 ? 146 ARG BBB NH1 1 
ATOM   1189 N NH2 . ARG A 1 149 ? -5.256  -5.764  -17.557 1.000 35.231 ? 146 ARG BBB NH2 1 
ATOM   1190 N N   . LEU A 1 150 ? -2.183  -1.758  -11.870 1.000 23.667 ? 147 LEU BBB N   1 
ATOM   1191 C CA  . LEU A 1 150 ? -1.820  -0.368  -12.250 1.000 23.258 ? 147 LEU BBB CA  1 
ATOM   1192 C C   . LEU A 1 150 ? -2.066  -0.220  -13.757 1.000 23.342 ? 147 LEU BBB C   1 
ATOM   1193 O O   . LEU A 1 150 ? -1.694  -1.128  -14.527 1.000 23.897 ? 147 LEU BBB O   1 
ATOM   1194 C CB  . LEU A 1 150 ? -0.346  -0.103  -11.928 1.000 26.439 ? 147 LEU BBB CB  1 
ATOM   1195 C CG  . LEU A 1 150 ? -0.039  0.441   -10.534 1.000 30.611 ? 147 LEU BBB CG  1 
ATOM   1196 C CD1 . LEU A 1 150 ? -0.850  -0.240  -9.442  1.000 40.541 ? 147 LEU BBB CD1 1 
ATOM   1197 C CD2 . LEU A 1 150 ? 1.456   0.368   -10.266 1.000 33.377 ? 147 LEU BBB CD2 1 
ATOM   1198 N N   . PHE A 1 151 ? -2.522  0.993   -14.083 1.000 23.302 ? 148 PHE BBB N   1 
ATOM   1199 C CA  . PHE A 1 151 ? -2.675  1.469   -15.483 1.000 24.226 ? 148 PHE BBB CA  1 
ATOM   1200 C C   . PHE A 1 151 ? -1.919  2.797   -15.606 1.000 28.602 ? 148 PHE BBB C   1 
ATOM   1201 O O   . PHE A 1 151 ? -1.907  3.577   -14.633 1.000 26.651 ? 148 PHE BBB O   1 
ATOM   1202 C CB  . PHE A 1 151 ? -4.167  1.636   -15.783 1.000 27.940 ? 148 PHE BBB CB  1 
ATOM   1203 C CG  . PHE A 1 151 ? -4.969  0.359   -15.742 1.000 29.574 ? 148 PHE BBB CG  1 
ATOM   1204 C CD1 . PHE A 1 151 ? -5.618  -0.035  -14.583 1.000 30.049 ? 148 PHE BBB CD1 1 
ATOM   1205 C CD2 . PHE A 1 151 ? -5.189  -0.379  -16.892 1.000 35.577 ? 148 PHE BBB CD2 1 
ATOM   1206 C CE1 . PHE A 1 151 ? -6.404  -1.178  -14.565 1.000 32.762 ? 148 PHE BBB CE1 1 
ATOM   1207 C CE2 . PHE A 1 151 ? -5.972  -1.522  -16.876 1.000 34.693 ? 148 PHE BBB CE2 1 
ATOM   1208 C CZ  . PHE A 1 151 ? -6.582  -1.922  -15.710 1.000 31.050 ? 148 PHE BBB CZ  1 
ATOM   1209 N N   . TYR A 1 152 ? -1.275  3.009   -16.758 1.000 27.970 ? 149 TYR BBB N   1 
ATOM   1210 C CA  . TYR A 1 152 ? -0.539  4.260   -17.081 1.000 28.760 ? 149 TYR BBB CA  1 
ATOM   1211 C C   . TYR A 1 152 ? -1.300  4.977   -18.202 1.000 31.177 ? 149 TYR BBB C   1 
ATOM   1212 O O   . TYR A 1 152 ? -1.347  4.416   -19.314 1.000 32.521 ? 149 TYR BBB O   1 
ATOM   1213 C CB  . TYR A 1 152 ? 0.921   3.935   -17.409 1.000 30.136 ? 149 TYR BBB CB  1 
ATOM   1214 C CG  . TYR A 1 152 ? 1.590   3.139   -16.316 1.000 30.579 ? 149 TYR BBB CG  1 
ATOM   1215 C CD1 . TYR A 1 152 ? 2.237   3.766   -15.264 1.000 32.861 ? 149 TYR BBB CD1 1 
ATOM   1216 C CD2 . TYR A 1 152 ? 1.491   1.758   -16.302 1.000 33.163 ? 149 TYR BBB CD2 1 
ATOM   1217 C CE1 . TYR A 1 152 ? 2.832   3.032   -14.253 1.000 31.060 ? 149 TYR BBB CE1 1 
ATOM   1218 C CE2 . TYR A 1 152 ? 2.085   1.013   -15.296 1.000 35.421 ? 149 TYR BBB CE2 1 
ATOM   1219 C CZ  . TYR A 1 152 ? 2.734   1.653   -14.256 1.000 34.623 ? 149 TYR BBB CZ  1 
ATOM   1220 O OH  . TYR A 1 152 ? 3.272   0.879   -13.269 1.000 37.414 ? 149 TYR BBB OH  1 
ATOM   1221 N N   . VAL A 1 153 ? -1.935  6.112   -17.887 1.000 29.722 ? 150 VAL BBB N   1 
ATOM   1222 C CA  . VAL A 1 153 ? -2.909  6.766   -18.811 1.000 30.859 ? 150 VAL BBB CA  1 
ATOM   1223 C C   . VAL A 1 153 ? -2.450  8.186   -19.165 1.000 36.796 ? 150 VAL BBB C   1 
ATOM   1224 O O   . VAL A 1 153 ? -1.464  8.659   -18.600 1.000 34.499 ? 150 VAL BBB O   1 
ATOM   1225 C CB  . VAL A 1 153 ? -4.321  6.709   -18.198 1.000 30.503 ? 150 VAL BBB CB  1 
ATOM   1226 C CG1 . VAL A 1 153 ? -4.703  5.261   -17.928 1.000 34.142 ? 150 VAL BBB CG1 1 
ATOM   1227 C CG2 . VAL A 1 153 ? -4.439  7.533   -16.925 1.000 31.175 ? 150 VAL BBB CG2 1 
HETATM 1228 N N   . CMT B 2 .   ? 7.158   4.110   -12.039 1.000 78.245 ? 201 CMT BBB N   1 
HETATM 1229 C CA  . CMT B 2 .   ? 7.781   2.887   -11.571 1.000 74.915 ? 201 CMT BBB CA  1 
HETATM 1230 C C   . CMT B 2 .   ? 6.707   1.930   -11.145 1.000 73.295 ? 201 CMT BBB C   1 
HETATM 1231 O O   . CMT B 2 .   ? 6.523   1.662   -9.969  1.000 73.542 ? 201 CMT BBB O   1 
HETATM 1232 C CB  . CMT B 2 .   ? 8.745   3.240   -10.445 1.000 76.208 ? 201 CMT BBB CB  1 
HETATM 1233 S SG  . CMT B 2 .   ? 7.936   3.890   -8.961  1.000 77.957 ? 201 CMT BBB SG  1 
HETATM 1234 O OXT . CMT B 2 .   ? 5.875   1.300   -12.157 1.000 67.484 ? 201 CMT BBB OXT 1 
HETATM 1235 C C1  . CMT B 2 .   ? 6.460   0.347   -13.043 1.000 66.147 ? 201 CMT BBB C1  1 
HETATM 1236 C C1  . EDO C 3 .   ? 3.637   5.351   3.090   1.000 20.015 ? 202 EDO BBB C1  1 
HETATM 1237 O O1  . EDO C 3 .   ? 3.591   5.760   1.737   1.000 18.392 ? 202 EDO BBB O1  1 
HETATM 1238 C C2  . EDO C 3 .   ? 3.742   3.880   3.246   1.000 18.883 ? 202 EDO BBB C2  1 
HETATM 1239 O O2  . EDO C 3 .   ? 4.815   3.337   2.502   1.000 20.122 ? 202 EDO BBB O2  1 
HETATM 1240 C C1  . GER D 4 .   ? 6.561   4.637   -8.584  1.000 56.355 ? 203 GER BBB C1  1 
HETATM 1241 C C2  . GER D 4 .   ? 5.430   4.337   -7.650  1.000 50.572 ? 203 GER BBB C2  1 
HETATM 1242 C C3  . GER D 4 .   ? 4.315   3.686   -7.964  1.000 44.888 ? 203 GER BBB C3  1 
HETATM 1243 C C4  . GER D 4 .   ? 3.589   3.820   -9.268  1.000 36.632 ? 203 GER BBB C4  1 
HETATM 1244 C C5  . GER D 4 .   ? 3.714   2.688   -7.013  1.000 42.357 ? 203 GER BBB C5  1 
HETATM 1245 C C6  . GER D 4 .   ? 2.696   3.358   -6.111  1.000 39.054 ? 203 GER BBB C6  1 
HETATM 1246 C C7  . GER D 4 .   ? 1.940   2.322   -5.338  1.000 35.201 ? 203 GER BBB C7  1 
HETATM 1247 C C8  . GER D 4 .   ? 0.636   2.061   -5.364  1.000 35.188 ? 203 GER BBB C8  1 
HETATM 1248 C C9  . GER D 4 .   ? -0.372  2.760   -6.226  1.000 37.963 ? 203 GER BBB C9  1 
HETATM 1249 C C10 . GER D 4 .   ? 0.086   1.006   -4.446  1.000 32.874 ? 203 GER BBB C10 1 
HETATM 1250 C C11 . GER D 4 .   ? -0.450  1.723   -3.223  1.000 30.729 ? 203 GER BBB C11 1 
HETATM 1251 C C12 . GER D 4 .   ? -0.836  0.749   -2.152  1.000 30.552 ? 203 GER BBB C12 1 
HETATM 1252 C C13 . GER D 4 .   ? -0.607  0.885   -0.850  1.000 29.840 ? 203 GER BBB C13 1 
HETATM 1253 C C14 . GER D 4 .   ? 0.128   2.028   -0.219  1.000 30.830 ? 203 GER BBB C14 1 
HETATM 1254 C C15 . GER D 4 .   ? -1.036  -0.218  0.077   1.000 28.221 ? 203 GER BBB C15 1 
HETATM 1255 C C16 . GER D 4 .   ? -2.317  0.122   0.814   1.000 28.885 ? 203 GER BBB C16 1 
HETATM 1256 C C17 . GER D 4 .   ? -2.471  -0.909  1.889   1.000 30.389 ? 203 GER BBB C17 1 
HETATM 1257 C C18 . GER D 4 .   ? -2.386  -0.746  3.200   1.000 32.214 ? 203 GER BBB C18 1 
HETATM 1258 C C19 . GER D 4 .   ? -2.568  -1.903  4.136   1.000 32.988 ? 203 GER BBB C19 1 
HETATM 1259 C C20 . GER D 4 .   ? -2.154  0.571   3.876   1.000 30.201 ? 203 GER BBB C20 1 
HETATM 1260 C C1  . EDO E 3 .   ? 3.241   -8.973  -1.381  1.000 41.567 ? 204 EDO BBB C1  1 
HETATM 1261 O O1  . EDO E 3 .   ? 3.852   -8.563  -0.174  1.000 39.016 ? 204 EDO BBB O1  1 
HETATM 1262 C C2  . EDO E 3 .   ? 3.362   -10.420 -1.684  1.000 42.123 ? 204 EDO BBB C2  1 
HETATM 1263 O O2  . EDO E 3 .   ? 3.251   -10.734 -3.057  1.000 42.777 ? 204 EDO BBB O2  1 
HETATM 1264 C C1  . EDO F 3 .   ? -8.007  -2.785  5.095   1.000 46.375 ? 205 EDO BBB C1  1 
HETATM 1265 O O1  . EDO F 3 .   ? -8.828  -2.597  6.231   1.000 55.144 ? 205 EDO BBB O1  1 
HETATM 1266 C C2  . EDO F 3 .   ? -7.033  -3.887  5.288   1.000 47.736 ? 205 EDO BBB C2  1 
HETATM 1267 O O2  . EDO F 3 .   ? -5.801  -3.798  4.600   1.000 41.111 ? 205 EDO BBB O2  1 
HETATM 1268 O O   . HOH G 5 .   ? 4.488   -6.854  18.603  1.000 42.862 ? 301 HOH BBB O   1 
HETATM 1269 O O   . HOH G 5 .   ? 13.202  -9.746  -4.935  1.000 39.509 ? 302 HOH BBB O   1 
HETATM 1270 O O   . HOH G 5 .   ? 17.100  9.072   -7.068  1.000 59.235 ? 303 HOH BBB O   1 
HETATM 1271 O O   . HOH G 5 .   ? 5.813   -9.511  0.776   1.000 40.664 ? 304 HOH BBB O   1 
HETATM 1272 O O   . HOH G 5 .   ? -9.275  1.464   -13.540 1.000 39.938 ? 305 HOH BBB O   1 
HETATM 1273 O O   . HOH G 5 .   ? -6.872  -9.792  -0.660  1.000 36.636 ? 306 HOH BBB O   1 
HETATM 1274 O O   . HOH G 5 .   ? 2.339   13.721  -0.353  1.000 26.178 ? 307 HOH BBB O   1 
HETATM 1275 O O   . HOH G 5 .   ? -1.071  -3.157  -2.973  1.000 23.070 ? 308 HOH BBB O   1 
HETATM 1276 O O   . HOH G 5 .   ? -5.502  -22.133 14.381  1.000 41.662 ? 309 HOH BBB O   1 
HETATM 1277 O O   . HOH G 5 .   ? -6.397  5.626   -2.262  1.000 43.592 ? 310 HOH BBB O   1 
HETATM 1278 O O   . HOH G 5 .   ? 10.014  -3.142  10.334  1.000 32.477 ? 311 HOH BBB O   1 
HETATM 1279 O O   . HOH G 5 .   ? 0.581   -11.137 -8.123  1.000 58.253 ? 312 HOH BBB O   1 
HETATM 1280 O O   . HOH G 5 .   ? 9.423   7.553   5.868   1.000 32.302 ? 313 HOH BBB O   1 
HETATM 1281 O O   . HOH G 5 .   ? 13.602  -3.118  -0.548  1.000 37.113 ? 314 HOH BBB O   1 
HETATM 1282 O O   . HOH G 5 .   ? 4.620   -13.245 10.311  1.000 34.733 ? 315 HOH BBB O   1 
HETATM 1283 O O   . HOH G 5 .   ? -11.025 5.586   1.979   1.000 39.575 ? 316 HOH BBB O   1 
HETATM 1284 O O   . HOH G 5 .   ? -3.292  -2.877  -1.750  1.000 29.377 ? 317 HOH BBB O   1 
HETATM 1285 O O   . HOH G 5 .   ? 4.571   -14.346 -17.486 1.000 38.463 ? 318 HOH BBB O   1 
HETATM 1286 O O   . HOH G 5 .   ? -3.893  14.354  -1.852  1.000 37.109 ? 319 HOH BBB O   1 
HETATM 1287 O O   . HOH G 5 .   ? 10.658  15.391  -2.559  1.000 30.425 ? 320 HOH BBB O   1 
HETATM 1288 O O   . HOH G 5 .   ? -7.392  -6.275  -2.400  1.000 29.980 ? 321 HOH BBB O   1 
HETATM 1289 O O   . HOH G 5 .   ? -0.551  6.688   16.278  1.000 31.788 ? 322 HOH BBB O   1 
HETATM 1290 O O   . HOH G 5 .   ? 8.219   -7.015  12.930  1.000 42.690 ? 323 HOH BBB O   1 
HETATM 1291 O O   . HOH G 5 .   ? -3.985  2.271   -19.957 1.000 48.766 ? 324 HOH BBB O   1 
HETATM 1292 O O   . HOH G 5 .   ? -3.801  -14.904 12.982  1.000 34.048 ? 325 HOH BBB O   1 
HETATM 1293 O O   . HOH G 5 .   ? -0.224  15.670  0.971   1.000 31.076 ? 326 HOH BBB O   1 
HETATM 1294 O O   . HOH G 5 .   ? 2.457   6.875   16.842  1.000 33.507 ? 327 HOH BBB O   1 
HETATM 1295 O O   . HOH G 5 .   ? 1.042   16.619  -11.795 1.000 55.948 ? 328 HOH BBB O   1 
HETATM 1296 O O   . HOH G 5 .   ? -10.360 7.974   -5.153  1.000 40.063 ? 329 HOH BBB O   1 
HETATM 1297 O O   . HOH G 5 .   ? 11.524  1.760   4.260   1.000 44.442 ? 330 HOH BBB O   1 
HETATM 1298 O O   . HOH G 5 .   ? -7.697  -1.050  13.628  1.000 26.754 ? 331 HOH BBB O   1 
HETATM 1299 O O   . HOH G 5 .   ? -5.626  11.094  15.620  1.000 30.721 ? 332 HOH BBB O   1 
HETATM 1300 O O   . HOH G 5 .   ? -2.933  -13.557 10.821  1.000 40.955 ? 333 HOH BBB O   1 
HETATM 1301 O O   . HOH G 5 .   ? -10.411 0.434   -7.993  1.000 39.418 ? 334 HOH BBB O   1 
HETATM 1302 O O   . HOH G 5 .   ? -2.860  12.947  13.609  1.000 47.316 ? 335 HOH BBB O   1 
HETATM 1303 O O   . HOH G 5 .   ? 5.185   16.490  -14.182 1.000 64.141 ? 336 HOH BBB O   1 
HETATM 1304 O O   . HOH G 5 .   ? -11.794 5.740   16.590  1.000 42.496 ? 337 HOH BBB O   1 
HETATM 1305 O O   . HOH G 5 .   ? -8.814  -30.964 13.247  1.000 28.429 ? 338 HOH BBB O   1 
HETATM 1306 O O   . HOH G 5 .   ? 8.599   4.850   5.351   1.000 27.436 ? 339 HOH BBB O   1 
HETATM 1307 O O   . HOH G 5 .   ? 0.964   -8.172  16.493  1.000 38.700 ? 340 HOH BBB O   1 
HETATM 1308 O O   . HOH G 5 .   ? -6.744  5.637   -9.973  1.000 30.837 ? 341 HOH BBB O   1 
HETATM 1309 O O   . HOH G 5 .   ? -13.335 -7.391  1.692   1.000 34.214 ? 342 HOH BBB O   1 
HETATM 1310 O O   . HOH G 5 .   ? -3.448  11.834  -11.874 1.000 36.735 ? 343 HOH BBB O   1 
HETATM 1311 O O   . HOH G 5 .   ? -0.409  -3.597  -21.661 1.000 40.495 ? 344 HOH BBB O   1 
HETATM 1312 O O   . HOH G 5 .   ? 6.219   9.777   7.427   1.000 30.318 ? 345 HOH BBB O   1 
HETATM 1313 O O   . HOH G 5 .   ? 4.063   10.711  10.782  1.000 36.432 ? 346 HOH BBB O   1 
HETATM 1314 O O   . HOH G 5 .   ? 11.976  -1.710  17.321  1.000 45.535 ? 347 HOH BBB O   1 
HETATM 1315 O O   . HOH G 5 .   ? 5.346   -0.007  19.999  1.000 54.639 ? 348 HOH BBB O   1 
HETATM 1316 O O   . HOH G 5 .   ? -8.259  -13.583 11.124  1.000 28.864 ? 349 HOH BBB O   1 
HETATM 1317 O O   . HOH G 5 .   ? -12.199 8.039   5.495   1.000 43.592 ? 350 HOH BBB O   1 
HETATM 1318 O O   . HOH G 5 .   ? -2.951  -5.398  2.709   1.000 25.904 ? 351 HOH BBB O   1 
HETATM 1319 O O   . HOH G 5 .   ? -12.653 -17.892 18.452  1.000 42.157 ? 352 HOH BBB O   1 
HETATM 1320 O O   . HOH G 5 .   ? 3.225   4.240   -24.218 1.000 50.404 ? 353 HOH BBB O   1 
HETATM 1321 O O   . HOH G 5 .   ? -1.324  -3.859  20.731  1.000 55.045 ? 354 HOH BBB O   1 
HETATM 1322 O O   . HOH G 5 .   ? -10.771 3.689   11.883  1.000 36.091 ? 355 HOH BBB O   1 
HETATM 1323 O O   . HOH G 5 .   ? 12.381  0.342   14.367  1.000 43.731 ? 356 HOH BBB O   1 
HETATM 1324 O O   . HOH G 5 .   ? -12.325 -3.491  15.366  1.000 38.228 ? 357 HOH BBB O   1 
HETATM 1325 O O   . HOH G 5 .   ? -3.639  -16.813 19.471  1.000 33.237 ? 358 HOH BBB O   1 
HETATM 1326 O O   . HOH G 5 .   ? -7.368  -10.443 9.426   1.000 36.701 ? 359 HOH BBB O   1 
HETATM 1327 O O   . HOH G 5 .   ? 9.752   -13.641 -9.679  1.000 33.684 ? 360 HOH BBB O   1 
HETATM 1328 O O   . HOH G 5 .   ? 7.875   -4.280  6.500   1.000 26.894 ? 361 HOH BBB O   1 
HETATM 1329 O O   . HOH G 5 .   ? -3.955  -12.004 4.343   1.000 35.794 ? 362 HOH BBB O   1 
HETATM 1330 O O   . HOH G 5 .   ? -7.314  -24.538 10.487  1.000 41.063 ? 363 HOH BBB O   1 
HETATM 1331 O O   . HOH G 5 .   ? -12.375 -10.191 15.409  1.000 36.590 ? 364 HOH BBB O   1 
HETATM 1332 O O   . HOH G 5 .   ? -14.810 -8.092  8.194   1.000 45.374 ? 365 HOH BBB O   1 
HETATM 1333 O O   . HOH G 5 .   ? 0.500   -9.372  -14.662 1.000 45.113 ? 366 HOH BBB O   1 
HETATM 1334 O O   . HOH G 5 .   ? 1.790   -12.529 15.588  1.000 37.498 ? 367 HOH BBB O   1 
HETATM 1335 O O   . HOH G 5 .   ? -6.206  -10.641 3.535   1.000 34.955 ? 368 HOH BBB O   1 
HETATM 1336 O O   . HOH G 5 .   ? 7.591   13.015  -15.113 1.000 42.268 ? 369 HOH BBB O   1 
HETATM 1337 O O   . HOH G 5 .   ? 0.766   11.510  11.807  1.000 31.899 ? 370 HOH BBB O   1 
HETATM 1338 O O   . HOH G 5 .   ? -17.630 -11.423 13.129  1.000 30.451 ? 371 HOH BBB O   1 
HETATM 1339 O O   . HOH G 5 .   ? 1.452   11.685  -17.983 1.000 37.949 ? 372 HOH BBB O   1 
HETATM 1340 O O   . HOH G 5 .   ? 0.090   -13.924 11.043  1.000 29.638 ? 373 HOH BBB O   1 
HETATM 1341 O O   . HOH G 5 .   ? -11.869 8.761   2.828   1.000 46.996 ? 374 HOH BBB O   1 
HETATM 1342 O O   . HOH G 5 .   ? -8.330  11.886  7.185   1.000 36.735 ? 375 HOH BBB O   1 
HETATM 1343 O O   . HOH G 5 .   ? -0.150  -13.906 -0.558  1.000 42.615 ? 376 HOH BBB O   1 
HETATM 1344 O O   . HOH G 5 .   ? -7.779  7.989   -7.999  1.000 40.095 ? 377 HOH BBB O   1 
HETATM 1345 O O   . HOH G 5 .   ? 10.163  2.704   6.190   1.000 30.583 ? 378 HOH BBB O   1 
HETATM 1346 O O   . HOH G 5 .   ? 8.586   22.549  -7.952  1.000 36.162 ? 379 HOH BBB O   1 
HETATM 1347 O O   . HOH G 5 .   ? 8.270   -7.051  0.196   1.000 30.096 ? 380 HOH BBB O   1 
HETATM 1348 O O   . HOH G 5 .   ? 15.124  -7.770  -3.591  1.000 43.573 ? 381 HOH BBB O   1 
HETATM 1349 O O   . HOH G 5 .   ? -5.246  11.903  -9.458  1.000 28.277 ? 382 HOH BBB O   1 
HETATM 1350 O O   . HOH G 5 .   ? -4.451  15.045  -8.815  1.000 39.764 ? 383 HOH BBB O   1 
HETATM 1351 O O   . HOH G 5 .   ? -7.229  16.679  -2.115  1.000 37.953 ? 384 HOH BBB O   1 
HETATM 1352 O O   . HOH G 5 .   ? -13.068 2.425   -1.548  1.000 36.738 ? 385 HOH BBB O   1 
HETATM 1353 O O   . HOH G 5 .   ? -12.769 0.541   8.919   1.000 47.097 ? 386 HOH BBB O   1 
HETATM 1354 O O   . HOH G 5 .   ? 4.653   3.615   -27.009 1.000 52.468 ? 387 HOH BBB O   1 
HETATM 1355 O O   . HOH G 5 .   ? 13.640  -9.663  1.347   1.000 38.265 ? 388 HOH BBB O   1 
HETATM 1356 O O   . HOH G 5 .   ? 1.745   -6.675  18.061  1.000 39.815 ? 389 HOH BBB O   1 
HETATM 1357 O O   . HOH G 5 .   ? 1.373   -10.050 -12.232 1.000 40.022 ? 390 HOH BBB O   1 
HETATM 1358 O O   . HOH G 5 .   ? -6.632  14.299  6.685   1.000 37.651 ? 391 HOH BBB O   1 
HETATM 1359 O O   . HOH G 5 .   ? -4.581  -12.052 7.203   1.000 44.564 ? 392 HOH BBB O   1 
HETATM 1360 O O   . HOH G 5 .   ? -3.961  9.897   -13.905 1.000 38.008 ? 393 HOH BBB O   1 
HETATM 1361 O O   . HOH G 5 .   ? -4.178  -10.888 -2.712  1.000 42.384 ? 394 HOH BBB O   1 
HETATM 1362 O O   . HOH G 5 .   ? -5.724  12.290  -1.831  1.000 35.569 ? 395 HOH BBB O   1 
HETATM 1363 O O   . HOH G 5 .   ? 6.368   -15.294 -14.456 1.000 44.127 ? 396 HOH BBB O   1 
HETATM 1364 O O   . HOH G 5 .   ? 0.365   14.599  -13.459 1.000 47.903 ? 397 HOH BBB O   1 
HETATM 1365 O O   . HOH G 5 .   ? -9.748  5.359   14.506  1.000 47.445 ? 398 HOH BBB O   1 
HETATM 1366 O O   . HOH G 5 .   ? 11.465  -0.988  6.548   1.000 40.108 ? 399 HOH BBB O   1 
HETATM 1367 O O   . HOH G 5 .   ? 0.989   -14.607 13.649  1.000 37.655 ? 400 HOH BBB O   1 
HETATM 1368 O O   . HOH G 5 .   ? -9.005  3.291   -11.438 1.000 42.912 ? 401 HOH BBB O   1 
HETATM 1369 O O   . HOH G 5 .   ? -7.896  5.072   -5.514  1.000 48.562 ? 402 HOH BBB O   1 
HETATM 1370 O O   . HOH G 5 .   ? 9.682   -2.908  7.694   1.000 39.045 ? 403 HOH BBB O   1 
HETATM 1371 O O   . HOH G 5 .   ? 16.544  16.627  -13.149 1.000 40.338 ? 404 HOH BBB O   1 
HETATM 1372 O O   . HOH G 5 .   ? 5.558   -12.940 2.004   1.000 42.571 ? 405 HOH BBB O   1 
HETATM 1373 O O   . HOH G 5 .   ? 14.467  -1.768  -18.667 1.000 57.909 ? 406 HOH BBB O   1 
HETATM 1374 O O   . HOH G 5 .   ? 9.013   10.191  -21.998 1.000 46.710 ? 407 HOH BBB O   1 
HETATM 1375 O O   . HOH G 5 .   ? 1.100   -14.387 -11.122 1.000 63.293 ? 408 HOH BBB O   1 
HETATM 1376 O O   . HOH G 5 .   ? 1.361   -15.161 9.453   1.000 45.209 ? 409 HOH BBB O   1 
HETATM 1377 O O   . HOH G 5 .   ? 10.373  -5.238  12.112  1.000 37.352 ? 410 HOH BBB O   1 
HETATM 1378 O O   . HOH G 5 .   ? 14.141  -2.631  3.521   1.000 46.309 ? 411 HOH BBB O   1 
HETATM 1379 O O   . HOH G 5 .   ? -1.413  6.950   -23.229 1.000 53.800 ? 412 HOH BBB O   1 
HETATM 1380 O O   . HOH G 5 .   ? -12.713 -4.700  5.488   1.000 47.094 ? 413 HOH BBB O   1 
HETATM 1381 O O   . HOH G 5 .   ? 14.816  11.980  -4.210  1.000 41.092 ? 414 HOH BBB O   1 
HETATM 1382 O O   . HOH G 5 .   ? -14.986 -3.090  -9.201  1.000 48.770 ? 415 HOH BBB O   1 
# 
